data_3K2R
# 
_entry.id   3K2R 
# 
_audit_conform.dict_name       mmcif_pdbx.dic 
_audit_conform.dict_version    5.398 
_audit_conform.dict_location   http://mmcif.pdb.org/dictionaries/ascii/mmcif_pdbx.dic 
# 
loop_
_database_2.database_id 
_database_2.database_code 
_database_2.pdbx_database_accession 
_database_2.pdbx_DOI 
PDB   3K2R         pdb_00003k2r 10.2210/pdb3k2r/pdb 
RCSB  RCSB055472   ?            ?                   
WWPDB D_1000055472 ?            ?                   
# 
loop_
_pdbx_audit_revision_history.ordinal 
_pdbx_audit_revision_history.data_content_type 
_pdbx_audit_revision_history.major_revision 
_pdbx_audit_revision_history.minor_revision 
_pdbx_audit_revision_history.revision_date 
1 'Structure model' 1 0 2010-10-13 
2 'Structure model' 1 1 2011-07-13 
3 'Structure model' 1 2 2012-02-29 
4 'Structure model' 1 3 2017-11-01 
5 'Structure model' 1 4 2023-09-06 
6 'Structure model' 1 5 2024-11-06 
# 
_pdbx_audit_revision_details.ordinal             1 
_pdbx_audit_revision_details.revision_ordinal    1 
_pdbx_audit_revision_details.data_content_type   'Structure model' 
_pdbx_audit_revision_details.provider            repository 
_pdbx_audit_revision_details.type                'Initial release' 
_pdbx_audit_revision_details.description         ? 
_pdbx_audit_revision_details.details             ? 
# 
loop_
_pdbx_audit_revision_group.ordinal 
_pdbx_audit_revision_group.revision_ordinal 
_pdbx_audit_revision_group.data_content_type 
_pdbx_audit_revision_group.group 
1  2 'Structure model' 'Version format compliance' 
2  3 'Structure model' Other                       
3  4 'Structure model' Advisory                    
4  4 'Structure model' 'Refinement description'    
5  5 'Structure model' Advisory                    
6  5 'Structure model' 'Data collection'           
7  5 'Structure model' 'Database references'       
8  5 'Structure model' 'Derived calculations'      
9  5 'Structure model' 'Refinement description'    
10 6 'Structure model' 'Structure summary'         
# 
loop_
_pdbx_audit_revision_category.ordinal 
_pdbx_audit_revision_category.revision_ordinal 
_pdbx_audit_revision_category.data_content_type 
_pdbx_audit_revision_category.category 
1  4 'Structure model' pdbx_unobs_or_zero_occ_atoms  
2  4 'Structure model' software                      
3  5 'Structure model' chem_comp_atom                
4  5 'Structure model' chem_comp_bond                
5  5 'Structure model' database_2                    
6  5 'Structure model' pdbx_initial_refinement_model 
7  5 'Structure model' pdbx_unobs_or_zero_occ_atoms  
8  5 'Structure model' struct_conn                   
9  5 'Structure model' struct_ref_seq_dif            
10 5 'Structure model' struct_site                   
11 6 'Structure model' pdbx_entry_details            
12 6 'Structure model' pdbx_modification_feature     
# 
loop_
_pdbx_audit_revision_item.ordinal 
_pdbx_audit_revision_item.revision_ordinal 
_pdbx_audit_revision_item.data_content_type 
_pdbx_audit_revision_item.item 
1 5 'Structure model' '_database_2.pdbx_DOI'                
2 5 'Structure model' '_database_2.pdbx_database_accession' 
3 5 'Structure model' '_struct_conn.pdbx_leaving_atom_flag' 
4 5 'Structure model' '_struct_ref_seq_dif.details'         
5 5 'Structure model' '_struct_site.pdbx_auth_asym_id'      
6 5 'Structure model' '_struct_site.pdbx_auth_comp_id'      
7 5 'Structure model' '_struct_site.pdbx_auth_seq_id'       
# 
_pdbx_database_status.entry_id                        3K2R 
_pdbx_database_status.status_code                     REL 
_pdbx_database_status.deposit_site                    RCSB 
_pdbx_database_status.process_site                    RCSB 
_pdbx_database_status.recvd_initial_deposition_date   2009-09-30 
_pdbx_database_status.status_code_sf                  REL 
_pdbx_database_status.status_code_mr                  ? 
_pdbx_database_status.SG_entry                        ? 
_pdbx_database_status.status_code_cs                  ? 
_pdbx_database_status.methods_development_category    ? 
_pdbx_database_status.pdb_format_compatible           Y 
_pdbx_database_status.status_code_nmr_data            ? 
# 
loop_
_audit_author.name 
_audit_author.pdbx_ordinal 
'Toledo Warshaviak, D.' 1 
'Cascio, D.'            2 
'Khramtsov, V.V.'       3 
'Hubbell, W.L.'         4 
# 
_citation.id                        primary 
_citation.title                     'Crystal Structure of Spin Labeled T4 Lysozyme Mutant K65V1/R76V1' 
_citation.journal_abbrev            'To be Published' 
_citation.journal_volume            ? 
_citation.page_first                ? 
_citation.page_last                 ? 
_citation.year                      ? 
_citation.journal_id_ASTM           ? 
_citation.country                   ? 
_citation.journal_id_ISSN           ? 
_citation.journal_id_CSD            0353 
_citation.book_publisher            ? 
_citation.pdbx_database_id_PubMed   ? 
_citation.pdbx_database_id_DOI      ? 
# 
loop_
_citation_author.citation_id 
_citation_author.name 
_citation_author.ordinal 
_citation_author.identifier_ORCID 
primary 'Toledo Warshaviak, D.' 1 ? 
primary 'Cascio, D.'            2 ? 
primary 'Khramtsov, V.V.'       3 ? 
primary 'Hubbell, W.L.'         4 ? 
# 
loop_
_entity.id 
_entity.type 
_entity.src_method 
_entity.pdbx_description 
_entity.formula_weight 
_entity.pdbx_number_of_molecules 
_entity.pdbx_ec 
_entity.pdbx_mutation 
_entity.pdbx_fragment 
_entity.details 
1 polymer     man Lysozyme                                                                            18548.273 1   3.2.1.17 
C54T,K65C,R76C,C97A ? ? 
2 non-polymer syn 'S-(1-oxyl-2,2,5,5-tetramethyl-2,5-dihydro-1H-imidazol-4-yl) methanesulfonothioate' 251.346   2   ?        ? ? ? 
3 non-polymer syn HEXANE-1,6-DIOL                                                                     118.174   2   ?        ? ? ? 
4 non-polymer syn 'CHLORIDE ION'                                                                      35.453    2   ?        ? ? ? 
5 non-polymer syn 'POTASSIUM ION'                                                                     39.098    1   ?        ? ? ? 
6 water       nat water                                                                               18.015    149 ?        ? ? ? 
# 
_entity_name_com.entity_id   1 
_entity_name_com.name        'Lysis protein, Muramidase, Endolysin' 
# 
_entity_poly.entity_id                      1 
_entity_poly.type                           'polypeptide(L)' 
_entity_poly.nstd_linkage                   no 
_entity_poly.nstd_monomer                   no 
_entity_poly.pdbx_seq_one_letter_code       
;MNIFEMLRIDEGLRLKIYKDTEGYYTIGIGHLLTKSPSLNAAKSELDKAIGRNTNGVITKDEAECLFNQDVDAAVCGILR
NAKLKPVYDSLDAVRRAALINMVFQMGETGVAGFTNSLRMLQQKRWDEAAVNLAKSRWYNQTPNRAKRVITTFRTGTWDA
YKNL
;
_entity_poly.pdbx_seq_one_letter_code_can   
;MNIFEMLRIDEGLRLKIYKDTEGYYTIGIGHLLTKSPSLNAAKSELDKAIGRNTNGVITKDEAECLFNQDVDAAVCGILR
NAKLKPVYDSLDAVRRAALINMVFQMGETGVAGFTNSLRMLQQKRWDEAAVNLAKSRWYNQTPNRAKRVITTFRTGTWDA
YKNL
;
_entity_poly.pdbx_strand_id                 A 
_entity_poly.pdbx_target_identifier         ? 
# 
loop_
_pdbx_entity_nonpoly.entity_id 
_pdbx_entity_nonpoly.name 
_pdbx_entity_nonpoly.comp_id 
2 'S-(1-oxyl-2,2,5,5-tetramethyl-2,5-dihydro-1H-imidazol-4-yl) methanesulfonothioate' V1A 
3 HEXANE-1,6-DIOL                                                                     HEZ 
4 'CHLORIDE ION'                                                                      CL  
5 'POTASSIUM ION'                                                                     K   
6 water                                                                               HOH 
# 
loop_
_entity_poly_seq.entity_id 
_entity_poly_seq.num 
_entity_poly_seq.mon_id 
_entity_poly_seq.hetero 
1 1   MET n 
1 2   ASN n 
1 3   ILE n 
1 4   PHE n 
1 5   GLU n 
1 6   MET n 
1 7   LEU n 
1 8   ARG n 
1 9   ILE n 
1 10  ASP n 
1 11  GLU n 
1 12  GLY n 
1 13  LEU n 
1 14  ARG n 
1 15  LEU n 
1 16  LYS n 
1 17  ILE n 
1 18  TYR n 
1 19  LYS n 
1 20  ASP n 
1 21  THR n 
1 22  GLU n 
1 23  GLY n 
1 24  TYR n 
1 25  TYR n 
1 26  THR n 
1 27  ILE n 
1 28  GLY n 
1 29  ILE n 
1 30  GLY n 
1 31  HIS n 
1 32  LEU n 
1 33  LEU n 
1 34  THR n 
1 35  LYS n 
1 36  SER n 
1 37  PRO n 
1 38  SER n 
1 39  LEU n 
1 40  ASN n 
1 41  ALA n 
1 42  ALA n 
1 43  LYS n 
1 44  SER n 
1 45  GLU n 
1 46  LEU n 
1 47  ASP n 
1 48  LYS n 
1 49  ALA n 
1 50  ILE n 
1 51  GLY n 
1 52  ARG n 
1 53  ASN n 
1 54  THR n 
1 55  ASN n 
1 56  GLY n 
1 57  VAL n 
1 58  ILE n 
1 59  THR n 
1 60  LYS n 
1 61  ASP n 
1 62  GLU n 
1 63  ALA n 
1 64  GLU n 
1 65  CYS n 
1 66  LEU n 
1 67  PHE n 
1 68  ASN n 
1 69  GLN n 
1 70  ASP n 
1 71  VAL n 
1 72  ASP n 
1 73  ALA n 
1 74  ALA n 
1 75  VAL n 
1 76  CYS n 
1 77  GLY n 
1 78  ILE n 
1 79  LEU n 
1 80  ARG n 
1 81  ASN n 
1 82  ALA n 
1 83  LYS n 
1 84  LEU n 
1 85  LYS n 
1 86  PRO n 
1 87  VAL n 
1 88  TYR n 
1 89  ASP n 
1 90  SER n 
1 91  LEU n 
1 92  ASP n 
1 93  ALA n 
1 94  VAL n 
1 95  ARG n 
1 96  ARG n 
1 97  ALA n 
1 98  ALA n 
1 99  LEU n 
1 100 ILE n 
1 101 ASN n 
1 102 MET n 
1 103 VAL n 
1 104 PHE n 
1 105 GLN n 
1 106 MET n 
1 107 GLY n 
1 108 GLU n 
1 109 THR n 
1 110 GLY n 
1 111 VAL n 
1 112 ALA n 
1 113 GLY n 
1 114 PHE n 
1 115 THR n 
1 116 ASN n 
1 117 SER n 
1 118 LEU n 
1 119 ARG n 
1 120 MET n 
1 121 LEU n 
1 122 GLN n 
1 123 GLN n 
1 124 LYS n 
1 125 ARG n 
1 126 TRP n 
1 127 ASP n 
1 128 GLU n 
1 129 ALA n 
1 130 ALA n 
1 131 VAL n 
1 132 ASN n 
1 133 LEU n 
1 134 ALA n 
1 135 LYS n 
1 136 SER n 
1 137 ARG n 
1 138 TRP n 
1 139 TYR n 
1 140 ASN n 
1 141 GLN n 
1 142 THR n 
1 143 PRO n 
1 144 ASN n 
1 145 ARG n 
1 146 ALA n 
1 147 LYS n 
1 148 ARG n 
1 149 VAL n 
1 150 ILE n 
1 151 THR n 
1 152 THR n 
1 153 PHE n 
1 154 ARG n 
1 155 THR n 
1 156 GLY n 
1 157 THR n 
1 158 TRP n 
1 159 ASP n 
1 160 ALA n 
1 161 TYR n 
1 162 LYS n 
1 163 ASN n 
1 164 LEU n 
# 
_entity_src_gen.entity_id                          1 
_entity_src_gen.pdbx_src_id                        1 
_entity_src_gen.pdbx_alt_source_flag               sample 
_entity_src_gen.pdbx_seq_type                      ? 
_entity_src_gen.pdbx_beg_seq_num                   ? 
_entity_src_gen.pdbx_end_seq_num                   ? 
_entity_src_gen.gene_src_common_name               'Bacteriophage T4' 
_entity_src_gen.gene_src_genus                     ? 
_entity_src_gen.pdbx_gene_src_gene                 'E, Lysozyme' 
_entity_src_gen.gene_src_species                   ? 
_entity_src_gen.gene_src_strain                    ? 
_entity_src_gen.gene_src_tissue                    ? 
_entity_src_gen.gene_src_tissue_fraction           ? 
_entity_src_gen.gene_src_details                   ? 
_entity_src_gen.pdbx_gene_src_fragment             ? 
_entity_src_gen.pdbx_gene_src_scientific_name      'Enterobacteria phage T4' 
_entity_src_gen.pdbx_gene_src_ncbi_taxonomy_id     10665 
_entity_src_gen.pdbx_gene_src_variant              ? 
_entity_src_gen.pdbx_gene_src_cell_line            ? 
_entity_src_gen.pdbx_gene_src_atcc                 ? 
_entity_src_gen.pdbx_gene_src_organ                ? 
_entity_src_gen.pdbx_gene_src_organelle            ? 
_entity_src_gen.pdbx_gene_src_cell                 ? 
_entity_src_gen.pdbx_gene_src_cellular_location    ? 
_entity_src_gen.host_org_common_name               ? 
_entity_src_gen.pdbx_host_org_scientific_name      'Escherichia coli' 
_entity_src_gen.pdbx_host_org_ncbi_taxonomy_id     562 
_entity_src_gen.host_org_genus                     ? 
_entity_src_gen.pdbx_host_org_gene                 ? 
_entity_src_gen.pdbx_host_org_organ                ? 
_entity_src_gen.host_org_species                   ? 
_entity_src_gen.pdbx_host_org_tissue               ? 
_entity_src_gen.pdbx_host_org_tissue_fraction      ? 
_entity_src_gen.pdbx_host_org_strain               BL21 
_entity_src_gen.pdbx_host_org_variant              ? 
_entity_src_gen.pdbx_host_org_cell_line            ? 
_entity_src_gen.pdbx_host_org_atcc                 ? 
_entity_src_gen.pdbx_host_org_culture_collection   ? 
_entity_src_gen.pdbx_host_org_cell                 ? 
_entity_src_gen.pdbx_host_org_organelle            ? 
_entity_src_gen.pdbx_host_org_cellular_location    ? 
_entity_src_gen.pdbx_host_org_vector_type          plasmid 
_entity_src_gen.pdbx_host_org_vector               ? 
_entity_src_gen.host_org_details                   ? 
_entity_src_gen.expression_system_id               ? 
_entity_src_gen.plasmid_name                       pHSe5 
_entity_src_gen.plasmid_details                    ? 
_entity_src_gen.pdbx_description                   ? 
# 
loop_
_chem_comp.id 
_chem_comp.type 
_chem_comp.mon_nstd_flag 
_chem_comp.name 
_chem_comp.pdbx_synonyms 
_chem_comp.formula 
_chem_comp.formula_weight 
ALA 'L-peptide linking' y ALANINE                                                                             ? 'C3 H7 N O2'      
89.093  
ARG 'L-peptide linking' y ARGININE                                                                            ? 'C6 H15 N4 O2 1'  
175.209 
ASN 'L-peptide linking' y ASPARAGINE                                                                          ? 'C4 H8 N2 O3'     
132.118 
ASP 'L-peptide linking' y 'ASPARTIC ACID'                                                                     ? 'C4 H7 N O4'      
133.103 
CL  non-polymer         . 'CHLORIDE ION'                                                                      ? 'Cl -1'           
35.453  
CYS 'L-peptide linking' y CYSTEINE                                                                            ? 'C3 H7 N O2 S'    
121.158 
GLN 'L-peptide linking' y GLUTAMINE                                                                           ? 'C5 H10 N2 O3'    
146.144 
GLU 'L-peptide linking' y 'GLUTAMIC ACID'                                                                     ? 'C5 H9 N O4'      
147.129 
GLY 'peptide linking'   y GLYCINE                                                                             ? 'C2 H5 N O2'      
75.067  
HEZ non-polymer         . HEXANE-1,6-DIOL                                                                     ? 'C6 H14 O2'       
118.174 
HIS 'L-peptide linking' y HISTIDINE                                                                           ? 'C6 H10 N3 O2 1'  
156.162 
HOH non-polymer         . WATER                                                                               ? 'H2 O'            
18.015  
ILE 'L-peptide linking' y ISOLEUCINE                                                                          ? 'C6 H13 N O2'     
131.173 
K   non-polymer         . 'POTASSIUM ION'                                                                     ? 'K 1'             
39.098  
LEU 'L-peptide linking' y LEUCINE                                                                             ? 'C6 H13 N O2'     
131.173 
LYS 'L-peptide linking' y LYSINE                                                                              ? 'C6 H15 N2 O2 1'  
147.195 
MET 'L-peptide linking' y METHIONINE                                                                          ? 'C5 H11 N O2 S'   
149.211 
PHE 'L-peptide linking' y PHENYLALANINE                                                                       ? 'C9 H11 N O2'     
165.189 
PRO 'L-peptide linking' y PROLINE                                                                             ? 'C5 H9 N O2'      
115.130 
SER 'L-peptide linking' y SERINE                                                                              ? 'C3 H7 N O3'      
105.093 
THR 'L-peptide linking' y THREONINE                                                                           ? 'C4 H9 N O3'      
119.119 
TRP 'L-peptide linking' y TRYPTOPHAN                                                                          ? 'C11 H12 N2 O2'   
204.225 
TYR 'L-peptide linking' y TYROSINE                                                                            ? 'C9 H11 N O3'     
181.189 
V1A non-polymer         . 'S-(1-oxyl-2,2,5,5-tetramethyl-2,5-dihydro-1H-imidazol-4-yl) methanesulfonothioate' ? 'C8 H15 N2 O3 S2' 
251.346 
VAL 'L-peptide linking' y VALINE                                                                              ? 'C5 H11 N O2'     
117.146 
# 
loop_
_pdbx_poly_seq_scheme.asym_id 
_pdbx_poly_seq_scheme.entity_id 
_pdbx_poly_seq_scheme.seq_id 
_pdbx_poly_seq_scheme.mon_id 
_pdbx_poly_seq_scheme.ndb_seq_num 
_pdbx_poly_seq_scheme.pdb_seq_num 
_pdbx_poly_seq_scheme.auth_seq_num 
_pdbx_poly_seq_scheme.pdb_mon_id 
_pdbx_poly_seq_scheme.auth_mon_id 
_pdbx_poly_seq_scheme.pdb_strand_id 
_pdbx_poly_seq_scheme.pdb_ins_code 
_pdbx_poly_seq_scheme.hetero 
A 1 1   MET 1   1   1   MET MET A . n 
A 1 2   ASN 2   2   2   ASN ASN A . n 
A 1 3   ILE 3   3   3   ILE ILE A . n 
A 1 4   PHE 4   4   4   PHE PHE A . n 
A 1 5   GLU 5   5   5   GLU GLU A . n 
A 1 6   MET 6   6   6   MET MET A . n 
A 1 7   LEU 7   7   7   LEU LEU A . n 
A 1 8   ARG 8   8   8   ARG ARG A . n 
A 1 9   ILE 9   9   9   ILE ILE A . n 
A 1 10  ASP 10  10  10  ASP ASP A . n 
A 1 11  GLU 11  11  11  GLU GLU A . n 
A 1 12  GLY 12  12  12  GLY GLY A . n 
A 1 13  LEU 13  13  13  LEU LEU A . n 
A 1 14  ARG 14  14  14  ARG ARG A . n 
A 1 15  LEU 15  15  15  LEU LEU A . n 
A 1 16  LYS 16  16  16  LYS LYS A . n 
A 1 17  ILE 17  17  17  ILE ILE A . n 
A 1 18  TYR 18  18  18  TYR TYR A . n 
A 1 19  LYS 19  19  19  LYS LYS A . n 
A 1 20  ASP 20  20  20  ASP ASP A . n 
A 1 21  THR 21  21  21  THR THR A . n 
A 1 22  GLU 22  22  22  GLU GLU A . n 
A 1 23  GLY 23  23  23  GLY GLY A . n 
A 1 24  TYR 24  24  24  TYR TYR A . n 
A 1 25  TYR 25  25  25  TYR TYR A . n 
A 1 26  THR 26  26  26  THR THR A . n 
A 1 27  ILE 27  27  27  ILE ILE A . n 
A 1 28  GLY 28  28  28  GLY GLY A . n 
A 1 29  ILE 29  29  29  ILE ILE A . n 
A 1 30  GLY 30  30  30  GLY GLY A . n 
A 1 31  HIS 31  31  31  HIS HIS A . n 
A 1 32  LEU 32  32  32  LEU LEU A . n 
A 1 33  LEU 33  33  33  LEU LEU A . n 
A 1 34  THR 34  34  34  THR THR A . n 
A 1 35  LYS 35  35  35  LYS LYS A . n 
A 1 36  SER 36  36  36  SER SER A . n 
A 1 37  PRO 37  37  37  PRO PRO A . n 
A 1 38  SER 38  38  38  SER SER A . n 
A 1 39  LEU 39  39  39  LEU LEU A . n 
A 1 40  ASN 40  40  40  ASN ASN A . n 
A 1 41  ALA 41  41  41  ALA ALA A . n 
A 1 42  ALA 42  42  42  ALA ALA A . n 
A 1 43  LYS 43  43  43  LYS LYS A . n 
A 1 44  SER 44  44  44  SER SER A . n 
A 1 45  GLU 45  45  45  GLU GLU A . n 
A 1 46  LEU 46  46  46  LEU LEU A . n 
A 1 47  ASP 47  47  47  ASP ASP A . n 
A 1 48  LYS 48  48  48  LYS LYS A . n 
A 1 49  ALA 49  49  49  ALA ALA A . n 
A 1 50  ILE 50  50  50  ILE ILE A . n 
A 1 51  GLY 51  51  51  GLY GLY A . n 
A 1 52  ARG 52  52  52  ARG ARG A . n 
A 1 53  ASN 53  53  53  ASN ASN A . n 
A 1 54  THR 54  54  54  THR THR A . n 
A 1 55  ASN 55  55  55  ASN ASN A . n 
A 1 56  GLY 56  56  56  GLY GLY A . n 
A 1 57  VAL 57  57  57  VAL VAL A . n 
A 1 58  ILE 58  58  58  ILE ILE A . n 
A 1 59  THR 59  59  59  THR THR A . n 
A 1 60  LYS 60  60  60  LYS LYS A . n 
A 1 61  ASP 61  61  61  ASP ASP A . n 
A 1 62  GLU 62  62  62  GLU GLU A . n 
A 1 63  ALA 63  63  63  ALA ALA A . n 
A 1 64  GLU 64  64  64  GLU GLU A . n 
A 1 65  CYS 65  65  65  CYS V1A A . n 
A 1 66  LEU 66  66  66  LEU LEU A . n 
A 1 67  PHE 67  67  67  PHE PHE A . n 
A 1 68  ASN 68  68  68  ASN ASN A . n 
A 1 69  GLN 69  69  69  GLN GLN A . n 
A 1 70  ASP 70  70  70  ASP ASP A . n 
A 1 71  VAL 71  71  71  VAL VAL A . n 
A 1 72  ASP 72  72  72  ASP ASP A . n 
A 1 73  ALA 73  73  73  ALA ALA A . n 
A 1 74  ALA 74  74  74  ALA ALA A . n 
A 1 75  VAL 75  75  75  VAL VAL A . n 
A 1 76  CYS 76  76  76  CYS V1A A . n 
A 1 77  GLY 77  77  77  GLY GLY A . n 
A 1 78  ILE 78  78  78  ILE ILE A . n 
A 1 79  LEU 79  79  79  LEU LEU A . n 
A 1 80  ARG 80  80  80  ARG ARG A . n 
A 1 81  ASN 81  81  81  ASN ASN A . n 
A 1 82  ALA 82  82  82  ALA ALA A . n 
A 1 83  LYS 83  83  83  LYS LYS A . n 
A 1 84  LEU 84  84  84  LEU LEU A . n 
A 1 85  LYS 85  85  85  LYS LYS A . n 
A 1 86  PRO 86  86  86  PRO PRO A . n 
A 1 87  VAL 87  87  87  VAL VAL A . n 
A 1 88  TYR 88  88  88  TYR TYR A . n 
A 1 89  ASP 89  89  89  ASP ASP A . n 
A 1 90  SER 90  90  90  SER SER A . n 
A 1 91  LEU 91  91  91  LEU LEU A . n 
A 1 92  ASP 92  92  92  ASP ASP A . n 
A 1 93  ALA 93  93  93  ALA ALA A . n 
A 1 94  VAL 94  94  94  VAL VAL A . n 
A 1 95  ARG 95  95  95  ARG ARG A . n 
A 1 96  ARG 96  96  96  ARG ARG A . n 
A 1 97  ALA 97  97  97  ALA ALA A . n 
A 1 98  ALA 98  98  98  ALA ALA A . n 
A 1 99  LEU 99  99  99  LEU LEU A . n 
A 1 100 ILE 100 100 100 ILE ILE A . n 
A 1 101 ASN 101 101 101 ASN ASN A . n 
A 1 102 MET 102 102 102 MET MET A . n 
A 1 103 VAL 103 103 103 VAL VAL A . n 
A 1 104 PHE 104 104 104 PHE PHE A . n 
A 1 105 GLN 105 105 105 GLN GLN A . n 
A 1 106 MET 106 106 106 MET MET A . n 
A 1 107 GLY 107 107 107 GLY GLY A . n 
A 1 108 GLU 108 108 108 GLU GLU A . n 
A 1 109 THR 109 109 109 THR THR A . n 
A 1 110 GLY 110 110 110 GLY GLY A . n 
A 1 111 VAL 111 111 111 VAL VAL A . n 
A 1 112 ALA 112 112 112 ALA ALA A . n 
A 1 113 GLY 113 113 113 GLY GLY A . n 
A 1 114 PHE 114 114 114 PHE PHE A . n 
A 1 115 THR 115 115 115 THR THR A . n 
A 1 116 ASN 116 116 116 ASN ASN A . n 
A 1 117 SER 117 117 117 SER SER A . n 
A 1 118 LEU 118 118 118 LEU LEU A . n 
A 1 119 ARG 119 119 119 ARG ARG A . n 
A 1 120 MET 120 120 120 MET MET A . n 
A 1 121 LEU 121 121 121 LEU LEU A . n 
A 1 122 GLN 122 122 122 GLN GLN A . n 
A 1 123 GLN 123 123 123 GLN GLN A . n 
A 1 124 LYS 124 124 124 LYS LYS A . n 
A 1 125 ARG 125 125 125 ARG ARG A . n 
A 1 126 TRP 126 126 126 TRP TRP A . n 
A 1 127 ASP 127 127 127 ASP ASP A . n 
A 1 128 GLU 128 128 128 GLU GLU A . n 
A 1 129 ALA 129 129 129 ALA ALA A . n 
A 1 130 ALA 130 130 130 ALA ALA A . n 
A 1 131 VAL 131 131 131 VAL VAL A . n 
A 1 132 ASN 132 132 132 ASN ASN A . n 
A 1 133 LEU 133 133 133 LEU LEU A . n 
A 1 134 ALA 134 134 134 ALA ALA A . n 
A 1 135 LYS 135 135 135 LYS LYS A . n 
A 1 136 SER 136 136 136 SER SER A . n 
A 1 137 ARG 137 137 137 ARG ARG A . n 
A 1 138 TRP 138 138 138 TRP TRP A . n 
A 1 139 TYR 139 139 139 TYR TYR A . n 
A 1 140 ASN 140 140 140 ASN ASN A . n 
A 1 141 GLN 141 141 141 GLN GLN A . n 
A 1 142 THR 142 142 142 THR THR A . n 
A 1 143 PRO 143 143 143 PRO PRO A . n 
A 1 144 ASN 144 144 144 ASN ASN A . n 
A 1 145 ARG 145 145 145 ARG ARG A . n 
A 1 146 ALA 146 146 146 ALA ALA A . n 
A 1 147 LYS 147 147 147 LYS LYS A . n 
A 1 148 ARG 148 148 148 ARG ARG A . n 
A 1 149 VAL 149 149 149 VAL VAL A . n 
A 1 150 ILE 150 150 150 ILE ILE A . n 
A 1 151 THR 151 151 151 THR THR A . n 
A 1 152 THR 152 152 152 THR THR A . n 
A 1 153 PHE 153 153 153 PHE PHE A . n 
A 1 154 ARG 154 154 154 ARG ARG A . n 
A 1 155 THR 155 155 155 THR THR A . n 
A 1 156 GLY 156 156 156 GLY GLY A . n 
A 1 157 THR 157 157 157 THR THR A . n 
A 1 158 TRP 158 158 158 TRP TRP A . n 
A 1 159 ASP 159 159 159 ASP ASP A . n 
A 1 160 ALA 160 160 160 ALA ALA A . n 
A 1 161 TYR 161 161 161 TYR TYR A . n 
A 1 162 LYS 162 162 162 LYS LYS A . n 
A 1 163 ASN 163 163 ?   ?   ?   A . n 
A 1 164 LEU 164 164 ?   ?   ?   A . n 
# 
loop_
_pdbx_nonpoly_scheme.asym_id 
_pdbx_nonpoly_scheme.entity_id 
_pdbx_nonpoly_scheme.mon_id 
_pdbx_nonpoly_scheme.ndb_seq_num 
_pdbx_nonpoly_scheme.pdb_seq_num 
_pdbx_nonpoly_scheme.auth_seq_num 
_pdbx_nonpoly_scheme.pdb_mon_id 
_pdbx_nonpoly_scheme.auth_mon_id 
_pdbx_nonpoly_scheme.pdb_strand_id 
_pdbx_nonpoly_scheme.pdb_ins_code 
B 2 V1A 1   1065 65  V1A V1A A . 
C 3 HEZ 1   165  165 HEZ HEZ A . 
D 2 V1A 1   1076 76  V1A V1A A . 
E 3 HEZ 1   166  166 HEZ HEZ A . 
F 4 CL  1   167  167 CL  CL  A . 
G 4 CL  1   168  168 CL  CL  A . 
H 5 K   1   169  169 K   K   A . 
I 6 HOH 1   172  172 HOH HOH A . 
I 6 HOH 2   173  173 HOH HOH A . 
I 6 HOH 3   174  174 HOH HOH A . 
I 6 HOH 4   175  175 HOH HOH A . 
I 6 HOH 5   176  176 HOH HOH A . 
I 6 HOH 6   177  177 HOH HOH A . 
I 6 HOH 7   178  178 HOH HOH A . 
I 6 HOH 8   179  179 HOH HOH A . 
I 6 HOH 9   180  180 HOH HOH A . 
I 6 HOH 10  181  181 HOH HOH A . 
I 6 HOH 11  182  182 HOH HOH A . 
I 6 HOH 12  183  183 HOH HOH A . 
I 6 HOH 13  184  184 HOH HOH A . 
I 6 HOH 14  185  185 HOH HOH A . 
I 6 HOH 15  186  186 HOH HOH A . 
I 6 HOH 16  187  187 HOH HOH A . 
I 6 HOH 17  188  188 HOH HOH A . 
I 6 HOH 18  189  189 HOH HOH A . 
I 6 HOH 19  190  190 HOH HOH A . 
I 6 HOH 20  191  191 HOH HOH A . 
I 6 HOH 21  192  192 HOH HOH A . 
I 6 HOH 22  193  193 HOH HOH A . 
I 6 HOH 23  194  194 HOH HOH A . 
I 6 HOH 24  195  195 HOH HOH A . 
I 6 HOH 25  196  196 HOH HOH A . 
I 6 HOH 26  197  197 HOH HOH A . 
I 6 HOH 27  198  198 HOH HOH A . 
I 6 HOH 28  199  199 HOH HOH A . 
I 6 HOH 29  200  200 HOH HOH A . 
I 6 HOH 30  201  201 HOH HOH A . 
I 6 HOH 31  202  202 HOH HOH A . 
I 6 HOH 32  203  203 HOH HOH A . 
I 6 HOH 33  204  204 HOH HOH A . 
I 6 HOH 34  205  205 HOH HOH A . 
I 6 HOH 35  206  206 HOH HOH A . 
I 6 HOH 36  207  207 HOH HOH A . 
I 6 HOH 37  208  208 HOH HOH A . 
I 6 HOH 38  209  209 HOH HOH A . 
I 6 HOH 39  210  210 HOH HOH A . 
I 6 HOH 40  211  211 HOH HOH A . 
I 6 HOH 41  212  212 HOH HOH A . 
I 6 HOH 42  213  213 HOH HOH A . 
I 6 HOH 43  214  214 HOH HOH A . 
I 6 HOH 44  215  215 HOH HOH A . 
I 6 HOH 45  216  216 HOH HOH A . 
I 6 HOH 46  217  217 HOH HOH A . 
I 6 HOH 47  218  218 HOH HOH A . 
I 6 HOH 48  219  219 HOH HOH A . 
I 6 HOH 49  220  220 HOH HOH A . 
I 6 HOH 50  221  221 HOH HOH A . 
I 6 HOH 51  222  222 HOH HOH A . 
I 6 HOH 52  223  223 HOH HOH A . 
I 6 HOH 53  224  224 HOH HOH A . 
I 6 HOH 54  225  225 HOH HOH A . 
I 6 HOH 55  226  226 HOH HOH A . 
I 6 HOH 56  227  227 HOH HOH A . 
I 6 HOH 57  228  228 HOH HOH A . 
I 6 HOH 58  229  229 HOH HOH A . 
I 6 HOH 59  230  230 HOH HOH A . 
I 6 HOH 60  231  231 HOH HOH A . 
I 6 HOH 61  232  232 HOH HOH A . 
I 6 HOH 62  233  233 HOH HOH A . 
I 6 HOH 63  234  234 HOH HOH A . 
I 6 HOH 64  235  235 HOH HOH A . 
I 6 HOH 65  236  236 HOH HOH A . 
I 6 HOH 66  237  237 HOH HOH A . 
I 6 HOH 67  238  238 HOH HOH A . 
I 6 HOH 68  239  239 HOH HOH A . 
I 6 HOH 69  240  240 HOH HOH A . 
I 6 HOH 70  241  241 HOH HOH A . 
I 6 HOH 71  242  242 HOH HOH A . 
I 6 HOH 72  243  243 HOH HOH A . 
I 6 HOH 73  244  244 HOH HOH A . 
I 6 HOH 74  245  245 HOH HOH A . 
I 6 HOH 75  246  246 HOH HOH A . 
I 6 HOH 76  247  247 HOH HOH A . 
I 6 HOH 77  248  248 HOH HOH A . 
I 6 HOH 78  249  249 HOH HOH A . 
I 6 HOH 79  250  250 HOH HOH A . 
I 6 HOH 80  251  251 HOH HOH A . 
I 6 HOH 81  252  252 HOH HOH A . 
I 6 HOH 82  253  253 HOH HOH A . 
I 6 HOH 83  254  254 HOH HOH A . 
I 6 HOH 84  255  255 HOH HOH A . 
I 6 HOH 85  256  256 HOH HOH A . 
I 6 HOH 86  257  257 HOH HOH A . 
I 6 HOH 87  258  258 HOH HOH A . 
I 6 HOH 88  259  259 HOH HOH A . 
I 6 HOH 89  260  260 HOH HOH A . 
I 6 HOH 90  261  261 HOH HOH A . 
I 6 HOH 91  262  262 HOH HOH A . 
I 6 HOH 92  263  263 HOH HOH A . 
I 6 HOH 93  264  264 HOH HOH A . 
I 6 HOH 94  265  265 HOH HOH A . 
I 6 HOH 95  266  266 HOH HOH A . 
I 6 HOH 96  267  267 HOH HOH A . 
I 6 HOH 97  268  268 HOH HOH A . 
I 6 HOH 98  269  269 HOH HOH A . 
I 6 HOH 99  270  270 HOH HOH A . 
I 6 HOH 100 271  271 HOH HOH A . 
I 6 HOH 101 272  272 HOH HOH A . 
I 6 HOH 102 273  273 HOH HOH A . 
I 6 HOH 103 274  274 HOH HOH A . 
I 6 HOH 104 275  275 HOH HOH A . 
I 6 HOH 105 276  276 HOH HOH A . 
I 6 HOH 106 277  277 HOH HOH A . 
I 6 HOH 107 278  278 HOH HOH A . 
I 6 HOH 108 279  279 HOH HOH A . 
I 6 HOH 109 280  280 HOH HOH A . 
I 6 HOH 110 281  281 HOH HOH A . 
I 6 HOH 111 282  282 HOH HOH A . 
I 6 HOH 112 283  283 HOH HOH A . 
I 6 HOH 113 284  284 HOH HOH A . 
I 6 HOH 114 285  285 HOH HOH A . 
I 6 HOH 115 286  286 HOH HOH A . 
I 6 HOH 116 287  287 HOH HOH A . 
I 6 HOH 117 288  288 HOH HOH A . 
I 6 HOH 118 289  289 HOH HOH A . 
I 6 HOH 119 290  290 HOH HOH A . 
I 6 HOH 120 291  291 HOH HOH A . 
I 6 HOH 121 292  292 HOH HOH A . 
I 6 HOH 122 293  293 HOH HOH A . 
I 6 HOH 123 294  294 HOH HOH A . 
I 6 HOH 124 295  295 HOH HOH A . 
I 6 HOH 125 296  296 HOH HOH A . 
I 6 HOH 126 297  297 HOH HOH A . 
I 6 HOH 127 298  298 HOH HOH A . 
I 6 HOH 128 299  299 HOH HOH A . 
I 6 HOH 129 300  300 HOH HOH A . 
I 6 HOH 130 301  301 HOH HOH A . 
I 6 HOH 131 302  302 HOH HOH A . 
I 6 HOH 132 303  303 HOH HOH A . 
I 6 HOH 133 304  304 HOH HOH A . 
I 6 HOH 134 305  305 HOH HOH A . 
I 6 HOH 135 306  306 HOH HOH A . 
I 6 HOH 136 307  307 HOH HOH A . 
I 6 HOH 137 308  308 HOH HOH A . 
I 6 HOH 138 309  309 HOH HOH A . 
I 6 HOH 139 310  310 HOH HOH A . 
I 6 HOH 140 311  311 HOH HOH A . 
I 6 HOH 141 312  312 HOH HOH A . 
I 6 HOH 142 313  313 HOH HOH A . 
I 6 HOH 143 314  314 HOH HOH A . 
I 6 HOH 144 315  315 HOH HOH A . 
I 6 HOH 145 316  316 HOH HOH A . 
I 6 HOH 146 317  317 HOH HOH A . 
I 6 HOH 147 318  318 HOH HOH A . 
I 6 HOH 148 319  319 HOH HOH A . 
I 6 HOH 149 320  320 HOH HOH A . 
# 
_pdbx_unobs_or_zero_occ_atoms.id               1 
_pdbx_unobs_or_zero_occ_atoms.PDB_model_num    1 
_pdbx_unobs_or_zero_occ_atoms.polymer_flag     N 
_pdbx_unobs_or_zero_occ_atoms.occupancy_flag   0 
_pdbx_unobs_or_zero_occ_atoms.auth_asym_id     A 
_pdbx_unobs_or_zero_occ_atoms.auth_comp_id     HEZ 
_pdbx_unobs_or_zero_occ_atoms.auth_seq_id      165 
_pdbx_unobs_or_zero_occ_atoms.PDB_ins_code     ? 
_pdbx_unobs_or_zero_occ_atoms.auth_atom_id     O1 
_pdbx_unobs_or_zero_occ_atoms.label_alt_id     ? 
_pdbx_unobs_or_zero_occ_atoms.label_asym_id    C 
_pdbx_unobs_or_zero_occ_atoms.label_comp_id    HEZ 
_pdbx_unobs_or_zero_occ_atoms.label_seq_id     ? 
_pdbx_unobs_or_zero_occ_atoms.label_atom_id    O1 
# 
loop_
_software.pdbx_ordinal 
_software.name 
_software.version 
_software.date 
_software.type 
_software.contact_author 
_software.contact_author_email 
_software.classification 
_software.location 
_software.language 
_software.citation_id 
1 DENZO       .     ?               package 'Zbyszek Otwinowski' hkl@hkl-xray.com            'data reduction'  
http://www.hkl-xray.com/                    ?   ? 
2 SCALEPACK   .     ?               package 'Zbyszek Otwinowski' hkl@hkl-xray.com            'data scaling'    
http://www.hkl-xray.com/                    ?   ? 
3 PHASER      .     ?               program 'Randy J. Read'      cimr-phaser@lists.cam.ac.uk phasing           
http://www-structmed.cimr.cam.ac.uk/phaser/ ?   ? 
4 PHENIX      .     ?               package 'Paul D. Adams'      PDAdams@lbl.gov             refinement        
http://www.phenix-online.org/               C++ ? 
5 PDB_EXTRACT 3.005 'June 11, 2008' package PDB                  help@deposit.rcsb.org       'data extraction' 
http://sw-tools.pdb.org/apps/PDB_EXTRACT/   C++ ? 
# 
_cell.entry_id           3K2R 
_cell.length_a           59.547 
_cell.length_b           59.547 
_cell.length_c           95.280 
_cell.angle_alpha        90.00 
_cell.angle_beta         90.00 
_cell.angle_gamma        120.00 
_cell.Z_PDB              6 
_cell.pdbx_unique_axis   ? 
_cell.length_a_esd       ? 
_cell.length_b_esd       ? 
_cell.length_c_esd       ? 
_cell.angle_alpha_esd    ? 
_cell.angle_beta_esd     ? 
_cell.angle_gamma_esd    ? 
# 
_symmetry.entry_id                         3K2R 
_symmetry.space_group_name_H-M             'P 32 2 1' 
_symmetry.pdbx_full_space_group_name_H-M   ? 
_symmetry.cell_setting                     ? 
_symmetry.Int_Tables_number                154 
_symmetry.space_group_name_Hall            ? 
# 
_exptl.crystals_number   1 
_exptl.entry_id          3K2R 
_exptl.method            'X-RAY DIFFRACTION' 
# 
_exptl_crystal.id                    1 
_exptl_crystal.density_Matthews      2.63 
_exptl_crystal.density_meas          ? 
_exptl_crystal.density_percent_sol   53.21 
_exptl_crystal.description           ? 
_exptl_crystal.F_000                 ? 
_exptl_crystal.preparation           ? 
# 
_exptl_crystal_grow.crystal_id      1 
_exptl_crystal_grow.method          'VAPOR DIFFUSION, HANGING DROP' 
_exptl_crystal_grow.pH              7.0 
_exptl_crystal_grow.temp            293 
_exptl_crystal_grow.pdbx_details    
;2.2M dibasic potassium phosphate and monobasic sodium phosphate, 0.15M sodium chloride, 100mM 1,6 hexanediol, pH 7.0, vapor diffusion, hanging drop, temperature 293K
;
_exptl_crystal_grow.temp_details    ? 
_exptl_crystal_grow.pdbx_pH_range   ? 
# 
_diffrn.id                     1 
_diffrn.ambient_temp           100 
_diffrn.ambient_temp_details   ? 
_diffrn.crystal_id             1 
# 
_diffrn_detector.diffrn_id              1 
_diffrn_detector.detector               'IMAGE PLATE' 
_diffrn_detector.type                   'RIGAKU RAXIS IV++' 
_diffrn_detector.pdbx_collection_date   2008-02-04 
_diffrn_detector.details                'CONFOCAL MIRRORS (BLUE OPTICS)' 
# 
_diffrn_radiation.diffrn_id                        1 
_diffrn_radiation.pdbx_diffrn_protocol             'SINGLE WAVELENGTH' 
_diffrn_radiation.monochromator                    'CONFOCAL MIRRORS (BLUE OPTICS)' 
_diffrn_radiation.wavelength_id                    1 
_diffrn_radiation.pdbx_monochromatic_or_laue_m_l   M 
_diffrn_radiation.pdbx_scattering_type             x-ray 
# 
_diffrn_radiation_wavelength.id           1 
_diffrn_radiation_wavelength.wavelength   1.5418 
_diffrn_radiation_wavelength.wt           1.0 
# 
_diffrn_source.diffrn_id                   1 
_diffrn_source.source                      'ROTATING ANODE' 
_diffrn_source.type                        'RIGAKU FR-D' 
_diffrn_source.pdbx_wavelength_list        1.5418 
_diffrn_source.pdbx_wavelength             ? 
_diffrn_source.pdbx_synchrotron_site       ? 
_diffrn_source.pdbx_synchrotron_beamline   ? 
# 
_reflns.entry_id                     3K2R 
_reflns.d_resolution_high            1.500 
_reflns.d_resolution_low             80.000 
_reflns.number_obs                   30957 
_reflns.pdbx_Rmerge_I_obs            0.058 
_reflns.pdbx_netI_over_sigmaI        20.400 
_reflns.pdbx_chi_squared             1.074 
_reflns.pdbx_redundancy              5.700 
_reflns.percent_possible_obs         96.800 
_reflns.observed_criterion_sigma_F   ? 
_reflns.observed_criterion_sigma_I   ? 
_reflns.number_all                   ? 
_reflns.pdbx_Rsym_value              ? 
_reflns.B_iso_Wilson_estimate        20.8 
_reflns.R_free_details               ? 
_reflns.limit_h_max                  ? 
_reflns.limit_h_min                  ? 
_reflns.limit_k_max                  ? 
_reflns.limit_k_min                  ? 
_reflns.limit_l_max                  ? 
_reflns.limit_l_min                  ? 
_reflns.observed_criterion_F_max     ? 
_reflns.observed_criterion_F_min     ? 
_reflns.pdbx_scaling_rejects         ? 
_reflns.pdbx_ordinal                 1 
_reflns.pdbx_diffrn_id               1 
# 
_reflns_shell.d_res_high             1.50 
_reflns_shell.d_res_low              1.55 
_reflns_shell.number_measured_obs    ? 
_reflns_shell.number_measured_all    ? 
_reflns_shell.number_unique_obs      ? 
_reflns_shell.Rmerge_I_obs           0.368 
_reflns_shell.meanI_over_sigI_obs    2.16 
_reflns_shell.pdbx_Rsym_value        ? 
_reflns_shell.pdbx_chi_squared       0.897 
_reflns_shell.pdbx_redundancy        2.40 
_reflns_shell.percent_possible_obs   ? 
_reflns_shell.number_unique_all      2395 
_reflns_shell.percent_possible_all   76.20 
_reflns_shell.pdbx_ordinal           1 
_reflns_shell.pdbx_diffrn_id         1 
# 
_refine.entry_id                                 3K2R 
_refine.ls_d_res_high                            1.500 
_refine.ls_d_res_low                             25.248 
_refine.pdbx_ls_sigma_F                          1.36 
_refine.pdbx_data_cutoff_high_absF               ? 
_refine.pdbx_data_cutoff_low_absF                ? 
_refine.ls_percent_reflns_obs                    96.790 
_refine.ls_number_reflns_obs                     30920 
_refine.ls_number_reflns_all                     ? 
_refine.pdbx_ls_cross_valid_method               THROUGHOUT 
_refine.pdbx_R_Free_selection_details            RANDOM 
_refine.details                                  ? 
_refine.ls_R_factor_all                          ? 
_refine.ls_R_factor_obs                          0.198 
_refine.ls_R_factor_R_work                       0.197 
_refine.ls_wR_factor_R_work                      ? 
_refine.ls_R_factor_R_free                       0.212 
_refine.ls_wR_factor_R_free                      ? 
_refine.ls_percent_reflns_R_free                 5.050 
_refine.ls_number_reflns_R_free                  1562 
_refine.ls_R_factor_R_free_error                 ? 
_refine.B_iso_mean                               19.139 
_refine.solvent_model_param_bsol                 42.933 
_refine.solvent_model_param_ksol                 0.392 
_refine.pdbx_isotropic_thermal_model             ? 
_refine.aniso_B[1][1]                            1.349 
_refine.aniso_B[2][2]                            1.349 
_refine.aniso_B[3][3]                            -3.717 
_refine.aniso_B[1][2]                            0.000 
_refine.aniso_B[1][3]                            -0.000 
_refine.aniso_B[2][3]                            -0.000 
_refine.correlation_coeff_Fo_to_Fc               ? 
_refine.correlation_coeff_Fo_to_Fc_free          ? 
_refine.overall_SU_R_Cruickshank_DPI             ? 
_refine.overall_SU_R_free                        ? 
_refine.pdbx_overall_ESU_R_Free                  ? 
_refine.overall_SU_ML                            0.160 
_refine.overall_SU_B                             ? 
_refine.solvent_model_details                    'FLAT BULK SOLVENT MODEL' 
_refine.pdbx_solvent_vdw_probe_radii             1.110 
_refine.pdbx_solvent_ion_probe_radii             ? 
_refine.pdbx_solvent_shrinkage_radii             0.900 
_refine.ls_number_parameters                     ? 
_refine.ls_number_restraints                     ? 
_refine.pdbx_starting_model                      'PDB ENTRY 3LZM' 
_refine.pdbx_method_to_determine_struct          'MOLECULAR REPLACEMENT' 
_refine.pdbx_stereochemistry_target_values       ML 
_refine.pdbx_stereochem_target_val_spec_case     ? 
_refine.overall_FOM_work_R_set                   0.885 
_refine.B_iso_max                                62.13 
_refine.B_iso_min                                11.71 
_refine.occupancy_max                            1.00 
_refine.occupancy_min                            0.00 
_refine.pdbx_ls_sigma_I                          ? 
_refine.ls_redundancy_reflns_obs                 ? 
_refine.ls_R_factor_R_free_error_details         ? 
_refine.pdbx_data_cutoff_high_rms_absF           ? 
_refine.overall_FOM_free_R_set                   ? 
_refine.pdbx_overall_phase_error                 ? 
_refine.pdbx_refine_id                           'X-RAY DIFFRACTION' 
_refine.pdbx_overall_ESU_R                       ? 
_refine.pdbx_diffrn_id                           1 
_refine.pdbx_TLS_residual_ADP_flag               ? 
_refine.pdbx_overall_SU_R_free_Cruickshank_DPI   ? 
_refine.pdbx_overall_SU_R_Blow_DPI               ? 
_refine.pdbx_overall_SU_R_free_Blow_DPI          ? 
# 
_refine_hist.pdbx_refine_id                   'X-RAY DIFFRACTION' 
_refine_hist.cycle_id                         LAST 
_refine_hist.pdbx_number_atoms_protein        1284 
_refine_hist.pdbx_number_atoms_nucleic_acid   0 
_refine_hist.pdbx_number_atoms_ligand         41 
_refine_hist.number_atoms_solvent             149 
_refine_hist.number_atoms_total               1474 
_refine_hist.d_res_high                       1.500 
_refine_hist.d_res_low                        25.248 
# 
loop_
_refine_ls_restr.type 
_refine_ls_restr.number 
_refine_ls_restr.dev_ideal 
_refine_ls_restr.dev_ideal_target 
_refine_ls_restr.weight 
_refine_ls_restr.pdbx_refine_id 
_refine_ls_restr.pdbx_restraint_function 
f_bond_d           1364 0.007  ? ? 'X-RAY DIFFRACTION' ? 
f_angle_d          1847 1.160  ? ? 'X-RAY DIFFRACTION' ? 
f_chiral_restr     200  0.066  ? ? 'X-RAY DIFFRACTION' ? 
f_plane_restr      231  0.042  ? ? 'X-RAY DIFFRACTION' ? 
f_dihedral_angle_d 561  18.148 ? ? 'X-RAY DIFFRACTION' ? 
# 
loop_
_refine_ls_shell.d_res_high 
_refine_ls_shell.d_res_low 
_refine_ls_shell.pdbx_total_number_of_bins_used 
_refine_ls_shell.percent_reflns_obs 
_refine_ls_shell.number_reflns_R_work 
_refine_ls_shell.R_factor_all 
_refine_ls_shell.R_factor_R_work 
_refine_ls_shell.R_factor_R_free 
_refine_ls_shell.percent_reflns_R_free 
_refine_ls_shell.number_reflns_R_free 
_refine_ls_shell.R_factor_R_free_error 
_refine_ls_shell.number_reflns_all 
_refine_ls_shell.number_reflns_obs 
_refine_ls_shell.redundancy_reflns_obs 
_refine_ls_shell.pdbx_refine_id 
1.500 1.549  11 75.000  2012 . 0.240 0.255 . 119 . 2131 . . 'X-RAY DIFFRACTION' 
1.549 1.604  11 92.000  2499 . 0.195 0.252 . 142 . 2641 . . 'X-RAY DIFFRACTION' 
1.604 1.668  11 100.000 2688 . 0.172 0.192 . 150 . 2838 . . 'X-RAY DIFFRACTION' 
1.668 1.744  11 100.000 2735 . 0.153 0.193 . 125 . 2860 . . 'X-RAY DIFFRACTION' 
1.744 1.836  11 100.000 2732 . 0.161 0.198 . 141 . 2873 . . 'X-RAY DIFFRACTION' 
1.836 1.951  11 100.000 2750 . 0.169 0.190 . 137 . 2887 . . 'X-RAY DIFFRACTION' 
1.951 2.102  11 100.000 2739 . 0.164 0.201 . 146 . 2885 . . 'X-RAY DIFFRACTION' 
2.102 2.313  11 100.000 2752 . 0.159 0.200 . 154 . 2906 . . 'X-RAY DIFFRACTION' 
2.313 2.647  11 100.000 2752 . 0.181 0.180 . 148 . 2900 . . 'X-RAY DIFFRACTION' 
2.647 3.334  11 100.000 2798 . 0.199 0.206 . 148 . 2946 . . 'X-RAY DIFFRACTION' 
3.334 25.252 11 99.000  2901 . 0.192 0.203 . 152 . 3053 . . 'X-RAY DIFFRACTION' 
# 
_struct.entry_id                  3K2R 
_struct.title                     'Crystal Structure of Spin Labeled T4 Lysozyme Mutant K65V1/R76V1' 
_struct.pdbx_model_details        ? 
_struct.pdbx_CASP_flag            ? 
_struct.pdbx_model_type_details   ? 
# 
_struct_keywords.entry_id        3K2R 
_struct_keywords.text            
'NITROXIDE SPIN LABEL, EPR, MODIFIED CYSTEINE, Antimicrobial, Bacteriolytic enzyme, Glycosidase, Hydrolase' 
_struct_keywords.pdbx_keywords   HYDROLASE 
# 
loop_
_struct_asym.id 
_struct_asym.pdbx_blank_PDB_chainid_flag 
_struct_asym.pdbx_modified 
_struct_asym.entity_id 
_struct_asym.details 
A N N 1 ? 
B N N 2 ? 
C N N 3 ? 
D N N 2 ? 
E N N 3 ? 
F N N 4 ? 
G N N 4 ? 
H N N 5 ? 
I N N 6 ? 
# 
_struct_ref.id                         1 
_struct_ref.db_name                    UNP 
_struct_ref.db_code                    LYS_BPT4 
_struct_ref.pdbx_db_accession          P00720 
_struct_ref.entity_id                  1 
_struct_ref.pdbx_seq_one_letter_code   
;MNIFEMLRIDEGLRLKIYKDTEGYYTIGIGHLLTKSPSLNAAKSELDKAIGRNCNGVITKDEAEKLFNQDVDAAVRGILR
NAKLKPVYDSLDAVRRCALINMVFQMGETGVAGFTNSLRMLQQKRWDEAAVNLAKSRWYNQTPNRAKRVITTFRTGTWDA
YKNL
;
_struct_ref.pdbx_align_begin           1 
_struct_ref.pdbx_db_isoform            ? 
# 
_struct_ref_seq.align_id                      1 
_struct_ref_seq.ref_id                        1 
_struct_ref_seq.pdbx_PDB_id_code              3K2R 
_struct_ref_seq.pdbx_strand_id                A 
_struct_ref_seq.seq_align_beg                 1 
_struct_ref_seq.pdbx_seq_align_beg_ins_code   ? 
_struct_ref_seq.seq_align_end                 164 
_struct_ref_seq.pdbx_seq_align_end_ins_code   ? 
_struct_ref_seq.pdbx_db_accession             P00720 
_struct_ref_seq.db_align_beg                  1 
_struct_ref_seq.pdbx_db_align_beg_ins_code    ? 
_struct_ref_seq.db_align_end                  164 
_struct_ref_seq.pdbx_db_align_end_ins_code    ? 
_struct_ref_seq.pdbx_auth_seq_align_beg       1 
_struct_ref_seq.pdbx_auth_seq_align_end       164 
# 
loop_
_struct_ref_seq_dif.align_id 
_struct_ref_seq_dif.pdbx_pdb_id_code 
_struct_ref_seq_dif.mon_id 
_struct_ref_seq_dif.pdbx_pdb_strand_id 
_struct_ref_seq_dif.seq_num 
_struct_ref_seq_dif.pdbx_pdb_ins_code 
_struct_ref_seq_dif.pdbx_seq_db_name 
_struct_ref_seq_dif.pdbx_seq_db_accession_code 
_struct_ref_seq_dif.db_mon_id 
_struct_ref_seq_dif.pdbx_seq_db_seq_num 
_struct_ref_seq_dif.details 
_struct_ref_seq_dif.pdbx_auth_seq_num 
_struct_ref_seq_dif.pdbx_ordinal 
1 3K2R THR A 54 ? UNP P00720 CYS 54 'engineered mutation' 54 1 
1 3K2R CYS A 65 ? UNP P00720 LYS 65 'engineered mutation' 65 2 
1 3K2R CYS A 76 ? UNP P00720 ARG 76 'engineered mutation' 76 3 
1 3K2R ALA A 97 ? UNP P00720 CYS 97 'engineered mutation' 97 4 
# 
_pdbx_struct_assembly.id                   1 
_pdbx_struct_assembly.details              author_and_software_defined_assembly 
_pdbx_struct_assembly.method_details       PISA 
_pdbx_struct_assembly.oligomeric_details   monomeric 
_pdbx_struct_assembly.oligomeric_count     1 
# 
_pdbx_struct_assembly_gen.assembly_id       1 
_pdbx_struct_assembly_gen.oper_expression   1 
_pdbx_struct_assembly_gen.asym_id_list      A,B,C,D,E,F,G,H,I 
# 
_pdbx_struct_oper_list.id                   1 
_pdbx_struct_oper_list.type                 'identity operation' 
_pdbx_struct_oper_list.name                 1_555 
_pdbx_struct_oper_list.symmetry_operation   x,y,z 
_pdbx_struct_oper_list.matrix[1][1]         1.0000000000 
_pdbx_struct_oper_list.matrix[1][2]         0.0000000000 
_pdbx_struct_oper_list.matrix[1][3]         0.0000000000 
_pdbx_struct_oper_list.vector[1]            0.0000000000 
_pdbx_struct_oper_list.matrix[2][1]         0.0000000000 
_pdbx_struct_oper_list.matrix[2][2]         1.0000000000 
_pdbx_struct_oper_list.matrix[2][3]         0.0000000000 
_pdbx_struct_oper_list.vector[2]            0.0000000000 
_pdbx_struct_oper_list.matrix[3][1]         0.0000000000 
_pdbx_struct_oper_list.matrix[3][2]         0.0000000000 
_pdbx_struct_oper_list.matrix[3][3]         1.0000000000 
_pdbx_struct_oper_list.vector[3]            0.0000000000 
# 
_struct_biol.id        1 
_struct_biol.details   ? 
# 
loop_
_struct_conf.conf_type_id 
_struct_conf.id 
_struct_conf.pdbx_PDB_helix_id 
_struct_conf.beg_label_comp_id 
_struct_conf.beg_label_asym_id 
_struct_conf.beg_label_seq_id 
_struct_conf.pdbx_beg_PDB_ins_code 
_struct_conf.end_label_comp_id 
_struct_conf.end_label_asym_id 
_struct_conf.end_label_seq_id 
_struct_conf.pdbx_end_PDB_ins_code 
_struct_conf.beg_auth_comp_id 
_struct_conf.beg_auth_asym_id 
_struct_conf.beg_auth_seq_id 
_struct_conf.end_auth_comp_id 
_struct_conf.end_auth_asym_id 
_struct_conf.end_auth_seq_id 
_struct_conf.pdbx_PDB_helix_class 
_struct_conf.details 
_struct_conf.pdbx_PDB_helix_length 
HELX_P HELX_P1  1  ASN A 2   ? GLY A 12  ? ASN A 2   GLY A 12  1 ? 11 
HELX_P HELX_P2  2  SER A 38  ? GLY A 51  ? SER A 38  GLY A 51  1 ? 14 
HELX_P HELX_P3  3  THR A 59  ? ARG A 80  ? THR A 59  ARG A 80  1 ? 22 
HELX_P HELX_P4  4  LYS A 83  ? LEU A 91  ? LYS A 83  LEU A 91  1 ? 9  
HELX_P HELX_P5  5  ASP A 92  ? GLY A 107 ? ASP A 92  GLY A 107 1 ? 16 
HELX_P HELX_P6  6  GLY A 107 ? GLY A 113 ? GLY A 107 GLY A 113 1 ? 7  
HELX_P HELX_P7  7  PHE A 114 ? GLN A 123 ? PHE A 114 GLN A 123 1 ? 10 
HELX_P HELX_P8  8  ARG A 125 ? LYS A 135 ? ARG A 125 LYS A 135 1 ? 11 
HELX_P HELX_P9  9  SER A 136 ? THR A 142 ? SER A 136 THR A 142 1 ? 7  
HELX_P HELX_P10 10 THR A 142 ? GLY A 156 ? THR A 142 GLY A 156 1 ? 15 
HELX_P HELX_P11 11 TRP A 158 ? LYS A 162 ? TRP A 158 LYS A 162 5 ? 5  
# 
_struct_conf_type.id          HELX_P 
_struct_conf_type.criteria    ? 
_struct_conf_type.reference   ? 
# 
loop_
_struct_conn.id 
_struct_conn.conn_type_id 
_struct_conn.pdbx_leaving_atom_flag 
_struct_conn.pdbx_PDB_id 
_struct_conn.ptnr1_label_asym_id 
_struct_conn.ptnr1_label_comp_id 
_struct_conn.ptnr1_label_seq_id 
_struct_conn.ptnr1_label_atom_id 
_struct_conn.pdbx_ptnr1_label_alt_id 
_struct_conn.pdbx_ptnr1_PDB_ins_code 
_struct_conn.pdbx_ptnr1_standard_comp_id 
_struct_conn.ptnr1_symmetry 
_struct_conn.ptnr2_label_asym_id 
_struct_conn.ptnr2_label_comp_id 
_struct_conn.ptnr2_label_seq_id 
_struct_conn.ptnr2_label_atom_id 
_struct_conn.pdbx_ptnr2_label_alt_id 
_struct_conn.pdbx_ptnr2_PDB_ins_code 
_struct_conn.ptnr1_auth_asym_id 
_struct_conn.ptnr1_auth_comp_id 
_struct_conn.ptnr1_auth_seq_id 
_struct_conn.ptnr2_auth_asym_id 
_struct_conn.ptnr2_auth_comp_id 
_struct_conn.ptnr2_auth_seq_id 
_struct_conn.ptnr2_symmetry 
_struct_conn.pdbx_ptnr3_label_atom_id 
_struct_conn.pdbx_ptnr3_label_seq_id 
_struct_conn.pdbx_ptnr3_label_comp_id 
_struct_conn.pdbx_ptnr3_label_asym_id 
_struct_conn.pdbx_ptnr3_label_alt_id 
_struct_conn.pdbx_ptnr3_PDB_ins_code 
_struct_conn.details 
_struct_conn.pdbx_dist_value 
_struct_conn.pdbx_value_order 
_struct_conn.pdbx_role 
covale1 covale one ? A CYS 65 SG ? ? ? 1_555 B V1A . S3 ? ? A CYS 65 A V1A 1065 1_555 ? ? ? ? ? ? ? 2.086 ? ? 
covale2 covale one ? A CYS 76 SG ? ? ? 1_555 D V1A . S3 ? ? A CYS 76 A V1A 1076 1_555 ? ? ? ? ? ? ? 2.110 ? ? 
# 
_struct_conn_type.id          covale 
_struct_conn_type.criteria    ? 
_struct_conn_type.reference   ? 
# 
loop_
_pdbx_modification_feature.ordinal 
_pdbx_modification_feature.label_comp_id 
_pdbx_modification_feature.label_asym_id 
_pdbx_modification_feature.label_seq_id 
_pdbx_modification_feature.label_alt_id 
_pdbx_modification_feature.modified_residue_label_comp_id 
_pdbx_modification_feature.modified_residue_label_asym_id 
_pdbx_modification_feature.modified_residue_label_seq_id 
_pdbx_modification_feature.modified_residue_label_alt_id 
_pdbx_modification_feature.auth_comp_id 
_pdbx_modification_feature.auth_asym_id 
_pdbx_modification_feature.auth_seq_id 
_pdbx_modification_feature.PDB_ins_code 
_pdbx_modification_feature.symmetry 
_pdbx_modification_feature.modified_residue_auth_comp_id 
_pdbx_modification_feature.modified_residue_auth_asym_id 
_pdbx_modification_feature.modified_residue_auth_seq_id 
_pdbx_modification_feature.modified_residue_PDB_ins_code 
_pdbx_modification_feature.modified_residue_symmetry 
_pdbx_modification_feature.comp_id_linking_atom 
_pdbx_modification_feature.modified_residue_id_linking_atom 
_pdbx_modification_feature.modified_residue_id 
_pdbx_modification_feature.ref_pcm_id 
_pdbx_modification_feature.ref_comp_id 
_pdbx_modification_feature.type 
_pdbx_modification_feature.category 
1 V1A B . ? CYS A 65 ? V1A A 1065 ? 1_555 CYS A 65 ? 1_555 S3 SG CYS 1 V1A None 'Covalent chemical modification' 
2 V1A D . ? CYS A 76 ? V1A A 1076 ? 1_555 CYS A 76 ? 1_555 S3 SG CYS 1 V1A None 'Covalent chemical modification' 
# 
_struct_sheet.id               A 
_struct_sheet.type             ? 
_struct_sheet.number_strands   3 
_struct_sheet.details          ? 
# 
loop_
_struct_sheet_order.sheet_id 
_struct_sheet_order.range_id_1 
_struct_sheet_order.range_id_2 
_struct_sheet_order.offset 
_struct_sheet_order.sense 
A 1 2 ? anti-parallel 
A 2 3 ? anti-parallel 
# 
loop_
_struct_sheet_range.sheet_id 
_struct_sheet_range.id 
_struct_sheet_range.beg_label_comp_id 
_struct_sheet_range.beg_label_asym_id 
_struct_sheet_range.beg_label_seq_id 
_struct_sheet_range.pdbx_beg_PDB_ins_code 
_struct_sheet_range.end_label_comp_id 
_struct_sheet_range.end_label_asym_id 
_struct_sheet_range.end_label_seq_id 
_struct_sheet_range.pdbx_end_PDB_ins_code 
_struct_sheet_range.beg_auth_comp_id 
_struct_sheet_range.beg_auth_asym_id 
_struct_sheet_range.beg_auth_seq_id 
_struct_sheet_range.end_auth_comp_id 
_struct_sheet_range.end_auth_asym_id 
_struct_sheet_range.end_auth_seq_id 
A 1 ARG A 14 ? LYS A 19 ? ARG A 14 LYS A 19 
A 2 TYR A 25 ? GLY A 28 ? TYR A 25 GLY A 28 
A 3 HIS A 31 ? LEU A 32 ? HIS A 31 LEU A 32 
# 
loop_
_pdbx_struct_sheet_hbond.sheet_id 
_pdbx_struct_sheet_hbond.range_id_1 
_pdbx_struct_sheet_hbond.range_id_2 
_pdbx_struct_sheet_hbond.range_1_label_atom_id 
_pdbx_struct_sheet_hbond.range_1_label_comp_id 
_pdbx_struct_sheet_hbond.range_1_label_asym_id 
_pdbx_struct_sheet_hbond.range_1_label_seq_id 
_pdbx_struct_sheet_hbond.range_1_PDB_ins_code 
_pdbx_struct_sheet_hbond.range_1_auth_atom_id 
_pdbx_struct_sheet_hbond.range_1_auth_comp_id 
_pdbx_struct_sheet_hbond.range_1_auth_asym_id 
_pdbx_struct_sheet_hbond.range_1_auth_seq_id 
_pdbx_struct_sheet_hbond.range_2_label_atom_id 
_pdbx_struct_sheet_hbond.range_2_label_comp_id 
_pdbx_struct_sheet_hbond.range_2_label_asym_id 
_pdbx_struct_sheet_hbond.range_2_label_seq_id 
_pdbx_struct_sheet_hbond.range_2_PDB_ins_code 
_pdbx_struct_sheet_hbond.range_2_auth_atom_id 
_pdbx_struct_sheet_hbond.range_2_auth_comp_id 
_pdbx_struct_sheet_hbond.range_2_auth_asym_id 
_pdbx_struct_sheet_hbond.range_2_auth_seq_id 
A 1 2 N TYR A 18 ? N TYR A 18 O THR A 26 ? O THR A 26 
A 2 3 N ILE A 27 ? N ILE A 27 O HIS A 31 ? O HIS A 31 
# 
loop_
_struct_site.id 
_struct_site.pdbx_evidence_code 
_struct_site.pdbx_auth_asym_id 
_struct_site.pdbx_auth_comp_id 
_struct_site.pdbx_auth_seq_id 
_struct_site.pdbx_auth_ins_code 
_struct_site.pdbx_num_residues 
_struct_site.details 
AC1 Software A V1A 1065 ? 4 'BINDING SITE FOR RESIDUE V1A A 1065' 
AC2 Software A V1A 1076 ? 6 'BINDING SITE FOR RESIDUE V1A A 1076' 
AC3 Software A HEZ 165  ? 4 'BINDING SITE FOR RESIDUE HEZ A 165'  
AC4 Software A HEZ 166  ? 7 'BINDING SITE FOR RESIDUE HEZ A 166'  
AC5 Software A CL  167  ? 3 'BINDING SITE FOR RESIDUE CL A 167'   
AC6 Software A CL  168  ? 6 'BINDING SITE FOR RESIDUE CL A 168'   
AC7 Software A K   169  ? 3 'BINDING SITE FOR RESIDUE K A 169'    
# 
loop_
_struct_site_gen.id 
_struct_site_gen.site_id 
_struct_site_gen.pdbx_num_res 
_struct_site_gen.label_comp_id 
_struct_site_gen.label_asym_id 
_struct_site_gen.label_seq_id 
_struct_site_gen.pdbx_auth_ins_code 
_struct_site_gen.auth_comp_id 
_struct_site_gen.auth_asym_id 
_struct_site_gen.auth_seq_id 
_struct_site_gen.label_atom_id 
_struct_site_gen.label_alt_id 
_struct_site_gen.symmetry 
_struct_site_gen.details 
1  AC1 4 ASP A 61  ? ASP A 61  . ? 1_555 ? 
2  AC1 4 CYS A 65  ? CYS A 65  . ? 1_555 ? 
3  AC1 4 GLY A 156 ? GLY A 156 . ? 5_555 ? 
4  AC1 4 HOH I .   ? HOH A 304 . ? 1_555 ? 
5  AC2 6 ALA A 73  ? ALA A 73  . ? 1_555 ? 
6  AC2 6 CYS A 76  ? CYS A 76  . ? 1_555 ? 
7  AC2 6 GLY A 77  ? GLY A 77  . ? 1_555 ? 
8  AC2 6 TYR A 139 ? TYR A 139 . ? 3_455 ? 
9  AC2 6 HOH I .   ? HOH A 296 . ? 1_555 ? 
10 AC2 6 HOH I .   ? HOH A 317 . ? 3_455 ? 
11 AC3 4 THR A 34  ? THR A 34  . ? 1_555 ? 
12 AC3 4 ARG A 119 ? ARG A 119 . ? 3_455 ? 
13 AC3 4 MET A 120 ? MET A 120 . ? 3_455 ? 
14 AC3 4 HOH I .   ? HOH A 269 . ? 1_555 ? 
15 AC4 7 GLY A 30  ? GLY A 30  . ? 1_555 ? 
16 AC4 7 LEU A 32  ? LEU A 32  . ? 1_555 ? 
17 AC4 7 ASP A 70  ? ASP A 70  . ? 1_555 ? 
18 AC4 7 PHE A 104 ? PHE A 104 . ? 1_555 ? 
19 AC4 7 HOH I .   ? HOH A 255 . ? 1_555 ? 
20 AC4 7 HOH I .   ? HOH A 268 . ? 1_555 ? 
21 AC4 7 HOH I .   ? HOH A 291 . ? 1_555 ? 
22 AC5 3 ASN A 132 ? ASN A 132 . ? 1_555 ? 
23 AC5 3 LYS A 135 ? LYS A 135 . ? 1_555 ? 
24 AC5 3 HOH I .   ? HOH A 193 . ? 1_555 ? 
25 AC6 6 LYS A 124 ? LYS A 124 . ? 1_555 ? 
26 AC6 6 THR A 142 ? THR A 142 . ? 4_455 ? 
27 AC6 6 ASN A 144 ? ASN A 144 . ? 4_455 ? 
28 AC6 6 ARG A 145 ? ARG A 145 . ? 4_455 ? 
29 AC6 6 HOH I .   ? HOH A 222 . ? 4_455 ? 
30 AC6 6 HOH I .   ? HOH A 225 . ? 4_455 ? 
31 AC7 3 GLU A 11  ? GLU A 11  . ? 1_555 ? 
32 AC7 3 TYR A 18  ? TYR A 18  . ? 1_555 ? 
33 AC7 3 HOH I .   ? HOH A 190 . ? 1_555 ? 
# 
_pdbx_entry_details.entry_id                   3K2R 
_pdbx_entry_details.compound_details           ? 
_pdbx_entry_details.source_details             ? 
_pdbx_entry_details.nonpolymer_details         ? 
_pdbx_entry_details.sequence_details           ? 
_pdbx_entry_details.has_ligand_of_interest     ? 
_pdbx_entry_details.has_protein_modification   Y 
# 
_pdbx_validate_torsion.id              1 
_pdbx_validate_torsion.PDB_model_num   1 
_pdbx_validate_torsion.auth_comp_id    ILE 
_pdbx_validate_torsion.auth_asym_id    A 
_pdbx_validate_torsion.auth_seq_id     29 
_pdbx_validate_torsion.PDB_ins_code    ? 
_pdbx_validate_torsion.label_alt_id    ? 
_pdbx_validate_torsion.phi             -103.53 
_pdbx_validate_torsion.psi             75.82 
# 
_phasing.method   MR 
# 
loop_
_pdbx_unobs_or_zero_occ_residues.id 
_pdbx_unobs_or_zero_occ_residues.PDB_model_num 
_pdbx_unobs_or_zero_occ_residues.polymer_flag 
_pdbx_unobs_or_zero_occ_residues.occupancy_flag 
_pdbx_unobs_or_zero_occ_residues.auth_asym_id 
_pdbx_unobs_or_zero_occ_residues.auth_comp_id 
_pdbx_unobs_or_zero_occ_residues.auth_seq_id 
_pdbx_unobs_or_zero_occ_residues.PDB_ins_code 
_pdbx_unobs_or_zero_occ_residues.label_asym_id 
_pdbx_unobs_or_zero_occ_residues.label_comp_id 
_pdbx_unobs_or_zero_occ_residues.label_seq_id 
1 1 Y 1 A ASN 163 ? A ASN 163 
2 1 Y 1 A LEU 164 ? A LEU 164 
# 
loop_
_chem_comp_atom.comp_id 
_chem_comp_atom.atom_id 
_chem_comp_atom.type_symbol 
_chem_comp_atom.pdbx_aromatic_flag 
_chem_comp_atom.pdbx_stereo_config 
_chem_comp_atom.pdbx_ordinal 
ALA N    N  N N 1   
ALA CA   C  N S 2   
ALA C    C  N N 3   
ALA O    O  N N 4   
ALA CB   C  N N 5   
ALA OXT  O  N N 6   
ALA H    H  N N 7   
ALA H2   H  N N 8   
ALA HA   H  N N 9   
ALA HB1  H  N N 10  
ALA HB2  H  N N 11  
ALA HB3  H  N N 12  
ALA HXT  H  N N 13  
ARG N    N  N N 14  
ARG CA   C  N S 15  
ARG C    C  N N 16  
ARG O    O  N N 17  
ARG CB   C  N N 18  
ARG CG   C  N N 19  
ARG CD   C  N N 20  
ARG NE   N  N N 21  
ARG CZ   C  N N 22  
ARG NH1  N  N N 23  
ARG NH2  N  N N 24  
ARG OXT  O  N N 25  
ARG H    H  N N 26  
ARG H2   H  N N 27  
ARG HA   H  N N 28  
ARG HB2  H  N N 29  
ARG HB3  H  N N 30  
ARG HG2  H  N N 31  
ARG HG3  H  N N 32  
ARG HD2  H  N N 33  
ARG HD3  H  N N 34  
ARG HE   H  N N 35  
ARG HH11 H  N N 36  
ARG HH12 H  N N 37  
ARG HH21 H  N N 38  
ARG HH22 H  N N 39  
ARG HXT  H  N N 40  
ASN N    N  N N 41  
ASN CA   C  N S 42  
ASN C    C  N N 43  
ASN O    O  N N 44  
ASN CB   C  N N 45  
ASN CG   C  N N 46  
ASN OD1  O  N N 47  
ASN ND2  N  N N 48  
ASN OXT  O  N N 49  
ASN H    H  N N 50  
ASN H2   H  N N 51  
ASN HA   H  N N 52  
ASN HB2  H  N N 53  
ASN HB3  H  N N 54  
ASN HD21 H  N N 55  
ASN HD22 H  N N 56  
ASN HXT  H  N N 57  
ASP N    N  N N 58  
ASP CA   C  N S 59  
ASP C    C  N N 60  
ASP O    O  N N 61  
ASP CB   C  N N 62  
ASP CG   C  N N 63  
ASP OD1  O  N N 64  
ASP OD2  O  N N 65  
ASP OXT  O  N N 66  
ASP H    H  N N 67  
ASP H2   H  N N 68  
ASP HA   H  N N 69  
ASP HB2  H  N N 70  
ASP HB3  H  N N 71  
ASP HD2  H  N N 72  
ASP HXT  H  N N 73  
CL  CL   CL N N 74  
CYS N    N  N N 75  
CYS CA   C  N R 76  
CYS C    C  N N 77  
CYS O    O  N N 78  
CYS CB   C  N N 79  
CYS SG   S  N N 80  
CYS OXT  O  N N 81  
CYS H    H  N N 82  
CYS H2   H  N N 83  
CYS HA   H  N N 84  
CYS HB2  H  N N 85  
CYS HB3  H  N N 86  
CYS HG   H  N N 87  
CYS HXT  H  N N 88  
GLN N    N  N N 89  
GLN CA   C  N S 90  
GLN C    C  N N 91  
GLN O    O  N N 92  
GLN CB   C  N N 93  
GLN CG   C  N N 94  
GLN CD   C  N N 95  
GLN OE1  O  N N 96  
GLN NE2  N  N N 97  
GLN OXT  O  N N 98  
GLN H    H  N N 99  
GLN H2   H  N N 100 
GLN HA   H  N N 101 
GLN HB2  H  N N 102 
GLN HB3  H  N N 103 
GLN HG2  H  N N 104 
GLN HG3  H  N N 105 
GLN HE21 H  N N 106 
GLN HE22 H  N N 107 
GLN HXT  H  N N 108 
GLU N    N  N N 109 
GLU CA   C  N S 110 
GLU C    C  N N 111 
GLU O    O  N N 112 
GLU CB   C  N N 113 
GLU CG   C  N N 114 
GLU CD   C  N N 115 
GLU OE1  O  N N 116 
GLU OE2  O  N N 117 
GLU OXT  O  N N 118 
GLU H    H  N N 119 
GLU H2   H  N N 120 
GLU HA   H  N N 121 
GLU HB2  H  N N 122 
GLU HB3  H  N N 123 
GLU HG2  H  N N 124 
GLU HG3  H  N N 125 
GLU HE2  H  N N 126 
GLU HXT  H  N N 127 
GLY N    N  N N 128 
GLY CA   C  N N 129 
GLY C    C  N N 130 
GLY O    O  N N 131 
GLY OXT  O  N N 132 
GLY H    H  N N 133 
GLY H2   H  N N 134 
GLY HA2  H  N N 135 
GLY HA3  H  N N 136 
GLY HXT  H  N N 137 
HEZ O1   O  N N 138 
HEZ C1   C  N N 139 
HEZ C2   C  N N 140 
HEZ C3   C  N N 141 
HEZ C4   C  N N 142 
HEZ C5   C  N N 143 
HEZ C6   C  N N 144 
HEZ O6   O  N N 145 
HEZ HO1  H  N N 146 
HEZ H11  H  N N 147 
HEZ H12  H  N N 148 
HEZ H21  H  N N 149 
HEZ H22  H  N N 150 
HEZ H31  H  N N 151 
HEZ H32  H  N N 152 
HEZ H41  H  N N 153 
HEZ H42  H  N N 154 
HEZ H51  H  N N 155 
HEZ H52  H  N N 156 
HEZ H61  H  N N 157 
HEZ H62  H  N N 158 
HEZ HO6  H  N N 159 
HIS N    N  N N 160 
HIS CA   C  N S 161 
HIS C    C  N N 162 
HIS O    O  N N 163 
HIS CB   C  N N 164 
HIS CG   C  Y N 165 
HIS ND1  N  Y N 166 
HIS CD2  C  Y N 167 
HIS CE1  C  Y N 168 
HIS NE2  N  Y N 169 
HIS OXT  O  N N 170 
HIS H    H  N N 171 
HIS H2   H  N N 172 
HIS HA   H  N N 173 
HIS HB2  H  N N 174 
HIS HB3  H  N N 175 
HIS HD1  H  N N 176 
HIS HD2  H  N N 177 
HIS HE1  H  N N 178 
HIS HE2  H  N N 179 
HIS HXT  H  N N 180 
HOH O    O  N N 181 
HOH H1   H  N N 182 
HOH H2   H  N N 183 
ILE N    N  N N 184 
ILE CA   C  N S 185 
ILE C    C  N N 186 
ILE O    O  N N 187 
ILE CB   C  N S 188 
ILE CG1  C  N N 189 
ILE CG2  C  N N 190 
ILE CD1  C  N N 191 
ILE OXT  O  N N 192 
ILE H    H  N N 193 
ILE H2   H  N N 194 
ILE HA   H  N N 195 
ILE HB   H  N N 196 
ILE HG12 H  N N 197 
ILE HG13 H  N N 198 
ILE HG21 H  N N 199 
ILE HG22 H  N N 200 
ILE HG23 H  N N 201 
ILE HD11 H  N N 202 
ILE HD12 H  N N 203 
ILE HD13 H  N N 204 
ILE HXT  H  N N 205 
K   K    K  N N 206 
LEU N    N  N N 207 
LEU CA   C  N S 208 
LEU C    C  N N 209 
LEU O    O  N N 210 
LEU CB   C  N N 211 
LEU CG   C  N N 212 
LEU CD1  C  N N 213 
LEU CD2  C  N N 214 
LEU OXT  O  N N 215 
LEU H    H  N N 216 
LEU H2   H  N N 217 
LEU HA   H  N N 218 
LEU HB2  H  N N 219 
LEU HB3  H  N N 220 
LEU HG   H  N N 221 
LEU HD11 H  N N 222 
LEU HD12 H  N N 223 
LEU HD13 H  N N 224 
LEU HD21 H  N N 225 
LEU HD22 H  N N 226 
LEU HD23 H  N N 227 
LEU HXT  H  N N 228 
LYS N    N  N N 229 
LYS CA   C  N S 230 
LYS C    C  N N 231 
LYS O    O  N N 232 
LYS CB   C  N N 233 
LYS CG   C  N N 234 
LYS CD   C  N N 235 
LYS CE   C  N N 236 
LYS NZ   N  N N 237 
LYS OXT  O  N N 238 
LYS H    H  N N 239 
LYS H2   H  N N 240 
LYS HA   H  N N 241 
LYS HB2  H  N N 242 
LYS HB3  H  N N 243 
LYS HG2  H  N N 244 
LYS HG3  H  N N 245 
LYS HD2  H  N N 246 
LYS HD3  H  N N 247 
LYS HE2  H  N N 248 
LYS HE3  H  N N 249 
LYS HZ1  H  N N 250 
LYS HZ2  H  N N 251 
LYS HZ3  H  N N 252 
LYS HXT  H  N N 253 
MET N    N  N N 254 
MET CA   C  N S 255 
MET C    C  N N 256 
MET O    O  N N 257 
MET CB   C  N N 258 
MET CG   C  N N 259 
MET SD   S  N N 260 
MET CE   C  N N 261 
MET OXT  O  N N 262 
MET H    H  N N 263 
MET H2   H  N N 264 
MET HA   H  N N 265 
MET HB2  H  N N 266 
MET HB3  H  N N 267 
MET HG2  H  N N 268 
MET HG3  H  N N 269 
MET HE1  H  N N 270 
MET HE2  H  N N 271 
MET HE3  H  N N 272 
MET HXT  H  N N 273 
PHE N    N  N N 274 
PHE CA   C  N S 275 
PHE C    C  N N 276 
PHE O    O  N N 277 
PHE CB   C  N N 278 
PHE CG   C  Y N 279 
PHE CD1  C  Y N 280 
PHE CD2  C  Y N 281 
PHE CE1  C  Y N 282 
PHE CE2  C  Y N 283 
PHE CZ   C  Y N 284 
PHE OXT  O  N N 285 
PHE H    H  N N 286 
PHE H2   H  N N 287 
PHE HA   H  N N 288 
PHE HB2  H  N N 289 
PHE HB3  H  N N 290 
PHE HD1  H  N N 291 
PHE HD2  H  N N 292 
PHE HE1  H  N N 293 
PHE HE2  H  N N 294 
PHE HZ   H  N N 295 
PHE HXT  H  N N 296 
PRO N    N  N N 297 
PRO CA   C  N S 298 
PRO C    C  N N 299 
PRO O    O  N N 300 
PRO CB   C  N N 301 
PRO CG   C  N N 302 
PRO CD   C  N N 303 
PRO OXT  O  N N 304 
PRO H    H  N N 305 
PRO HA   H  N N 306 
PRO HB2  H  N N 307 
PRO HB3  H  N N 308 
PRO HG2  H  N N 309 
PRO HG3  H  N N 310 
PRO HD2  H  N N 311 
PRO HD3  H  N N 312 
PRO HXT  H  N N 313 
SER N    N  N N 314 
SER CA   C  N S 315 
SER C    C  N N 316 
SER O    O  N N 317 
SER CB   C  N N 318 
SER OG   O  N N 319 
SER OXT  O  N N 320 
SER H    H  N N 321 
SER H2   H  N N 322 
SER HA   H  N N 323 
SER HB2  H  N N 324 
SER HB3  H  N N 325 
SER HG   H  N N 326 
SER HXT  H  N N 327 
THR N    N  N N 328 
THR CA   C  N S 329 
THR C    C  N N 330 
THR O    O  N N 331 
THR CB   C  N R 332 
THR OG1  O  N N 333 
THR CG2  C  N N 334 
THR OXT  O  N N 335 
THR H    H  N N 336 
THR H2   H  N N 337 
THR HA   H  N N 338 
THR HB   H  N N 339 
THR HG1  H  N N 340 
THR HG21 H  N N 341 
THR HG22 H  N N 342 
THR HG23 H  N N 343 
THR HXT  H  N N 344 
TRP N    N  N N 345 
TRP CA   C  N S 346 
TRP C    C  N N 347 
TRP O    O  N N 348 
TRP CB   C  N N 349 
TRP CG   C  Y N 350 
TRP CD1  C  Y N 351 
TRP CD2  C  Y N 352 
TRP NE1  N  Y N 353 
TRP CE2  C  Y N 354 
TRP CE3  C  Y N 355 
TRP CZ2  C  Y N 356 
TRP CZ3  C  Y N 357 
TRP CH2  C  Y N 358 
TRP OXT  O  N N 359 
TRP H    H  N N 360 
TRP H2   H  N N 361 
TRP HA   H  N N 362 
TRP HB2  H  N N 363 
TRP HB3  H  N N 364 
TRP HD1  H  N N 365 
TRP HE1  H  N N 366 
TRP HE3  H  N N 367 
TRP HZ2  H  N N 368 
TRP HZ3  H  N N 369 
TRP HH2  H  N N 370 
TRP HXT  H  N N 371 
TYR N    N  N N 372 
TYR CA   C  N S 373 
TYR C    C  N N 374 
TYR O    O  N N 375 
TYR CB   C  N N 376 
TYR CG   C  Y N 377 
TYR CD1  C  Y N 378 
TYR CD2  C  Y N 379 
TYR CE1  C  Y N 380 
TYR CE2  C  Y N 381 
TYR CZ   C  Y N 382 
TYR OH   O  N N 383 
TYR OXT  O  N N 384 
TYR H    H  N N 385 
TYR H2   H  N N 386 
TYR HA   H  N N 387 
TYR HB2  H  N N 388 
TYR HB3  H  N N 389 
TYR HD1  H  N N 390 
TYR HD2  H  N N 391 
TYR HE1  H  N N 392 
TYR HE2  H  N N 393 
TYR HH   H  N N 394 
TYR HXT  H  N N 395 
V1A N1   N  N N 396 
V1A O1   O  N N 397 
V1A C2   C  N N 398 
V1A C3   C  N N 399 
V1A S3   S  N N 400 
V1A N4   N  N N 401 
V1A C5   C  N N 402 
V1A C6   C  N N 403 
V1A C7   C  N N 404 
V1A C8   C  N N 405 
V1A C9   C  N N 406 
V1A H6   H  N N 407 
V1A H7   H  N N 408 
V1A H8   H  N N 409 
V1A H9   H  N N 410 
V1A H10  H  N N 411 
V1A H11  H  N N 412 
V1A H12  H  N N 413 
V1A H13  H  N N 414 
V1A H14  H  N N 415 
V1A H15  H  N N 416 
V1A H16  H  N N 417 
V1A H17  H  N N 418 
V1A S1   S  N N 419 
V1A O3   O  N N 420 
V1A C10  C  N N 421 
V1A O2   O  N N 422 
V1A H1   H  N N 423 
V1A H2   H  N N 424 
V1A H3   H  N N 425 
VAL N    N  N N 426 
VAL CA   C  N S 427 
VAL C    C  N N 428 
VAL O    O  N N 429 
VAL CB   C  N N 430 
VAL CG1  C  N N 431 
VAL CG2  C  N N 432 
VAL OXT  O  N N 433 
VAL H    H  N N 434 
VAL H2   H  N N 435 
VAL HA   H  N N 436 
VAL HB   H  N N 437 
VAL HG11 H  N N 438 
VAL HG12 H  N N 439 
VAL HG13 H  N N 440 
VAL HG21 H  N N 441 
VAL HG22 H  N N 442 
VAL HG23 H  N N 443 
VAL HXT  H  N N 444 
# 
loop_
_chem_comp_bond.comp_id 
_chem_comp_bond.atom_id_1 
_chem_comp_bond.atom_id_2 
_chem_comp_bond.value_order 
_chem_comp_bond.pdbx_aromatic_flag 
_chem_comp_bond.pdbx_stereo_config 
_chem_comp_bond.pdbx_ordinal 
ALA N   CA   sing N N 1   
ALA N   H    sing N N 2   
ALA N   H2   sing N N 3   
ALA CA  C    sing N N 4   
ALA CA  CB   sing N N 5   
ALA CA  HA   sing N N 6   
ALA C   O    doub N N 7   
ALA C   OXT  sing N N 8   
ALA CB  HB1  sing N N 9   
ALA CB  HB2  sing N N 10  
ALA CB  HB3  sing N N 11  
ALA OXT HXT  sing N N 12  
ARG N   CA   sing N N 13  
ARG N   H    sing N N 14  
ARG N   H2   sing N N 15  
ARG CA  C    sing N N 16  
ARG CA  CB   sing N N 17  
ARG CA  HA   sing N N 18  
ARG C   O    doub N N 19  
ARG C   OXT  sing N N 20  
ARG CB  CG   sing N N 21  
ARG CB  HB2  sing N N 22  
ARG CB  HB3  sing N N 23  
ARG CG  CD   sing N N 24  
ARG CG  HG2  sing N N 25  
ARG CG  HG3  sing N N 26  
ARG CD  NE   sing N N 27  
ARG CD  HD2  sing N N 28  
ARG CD  HD3  sing N N 29  
ARG NE  CZ   sing N N 30  
ARG NE  HE   sing N N 31  
ARG CZ  NH1  sing N N 32  
ARG CZ  NH2  doub N N 33  
ARG NH1 HH11 sing N N 34  
ARG NH1 HH12 sing N N 35  
ARG NH2 HH21 sing N N 36  
ARG NH2 HH22 sing N N 37  
ARG OXT HXT  sing N N 38  
ASN N   CA   sing N N 39  
ASN N   H    sing N N 40  
ASN N   H2   sing N N 41  
ASN CA  C    sing N N 42  
ASN CA  CB   sing N N 43  
ASN CA  HA   sing N N 44  
ASN C   O    doub N N 45  
ASN C   OXT  sing N N 46  
ASN CB  CG   sing N N 47  
ASN CB  HB2  sing N N 48  
ASN CB  HB3  sing N N 49  
ASN CG  OD1  doub N N 50  
ASN CG  ND2  sing N N 51  
ASN ND2 HD21 sing N N 52  
ASN ND2 HD22 sing N N 53  
ASN OXT HXT  sing N N 54  
ASP N   CA   sing N N 55  
ASP N   H    sing N N 56  
ASP N   H2   sing N N 57  
ASP CA  C    sing N N 58  
ASP CA  CB   sing N N 59  
ASP CA  HA   sing N N 60  
ASP C   O    doub N N 61  
ASP C   OXT  sing N N 62  
ASP CB  CG   sing N N 63  
ASP CB  HB2  sing N N 64  
ASP CB  HB3  sing N N 65  
ASP CG  OD1  doub N N 66  
ASP CG  OD2  sing N N 67  
ASP OD2 HD2  sing N N 68  
ASP OXT HXT  sing N N 69  
CYS N   CA   sing N N 70  
CYS N   H    sing N N 71  
CYS N   H2   sing N N 72  
CYS CA  C    sing N N 73  
CYS CA  CB   sing N N 74  
CYS CA  HA   sing N N 75  
CYS C   O    doub N N 76  
CYS C   OXT  sing N N 77  
CYS CB  SG   sing N N 78  
CYS CB  HB2  sing N N 79  
CYS CB  HB3  sing N N 80  
CYS SG  HG   sing N N 81  
CYS OXT HXT  sing N N 82  
GLN N   CA   sing N N 83  
GLN N   H    sing N N 84  
GLN N   H2   sing N N 85  
GLN CA  C    sing N N 86  
GLN CA  CB   sing N N 87  
GLN CA  HA   sing N N 88  
GLN C   O    doub N N 89  
GLN C   OXT  sing N N 90  
GLN CB  CG   sing N N 91  
GLN CB  HB2  sing N N 92  
GLN CB  HB3  sing N N 93  
GLN CG  CD   sing N N 94  
GLN CG  HG2  sing N N 95  
GLN CG  HG3  sing N N 96  
GLN CD  OE1  doub N N 97  
GLN CD  NE2  sing N N 98  
GLN NE2 HE21 sing N N 99  
GLN NE2 HE22 sing N N 100 
GLN OXT HXT  sing N N 101 
GLU N   CA   sing N N 102 
GLU N   H    sing N N 103 
GLU N   H2   sing N N 104 
GLU CA  C    sing N N 105 
GLU CA  CB   sing N N 106 
GLU CA  HA   sing N N 107 
GLU C   O    doub N N 108 
GLU C   OXT  sing N N 109 
GLU CB  CG   sing N N 110 
GLU CB  HB2  sing N N 111 
GLU CB  HB3  sing N N 112 
GLU CG  CD   sing N N 113 
GLU CG  HG2  sing N N 114 
GLU CG  HG3  sing N N 115 
GLU CD  OE1  doub N N 116 
GLU CD  OE2  sing N N 117 
GLU OE2 HE2  sing N N 118 
GLU OXT HXT  sing N N 119 
GLY N   CA   sing N N 120 
GLY N   H    sing N N 121 
GLY N   H2   sing N N 122 
GLY CA  C    sing N N 123 
GLY CA  HA2  sing N N 124 
GLY CA  HA3  sing N N 125 
GLY C   O    doub N N 126 
GLY C   OXT  sing N N 127 
GLY OXT HXT  sing N N 128 
HEZ O1  C1   sing N N 129 
HEZ O1  HO1  sing N N 130 
HEZ C1  C2   sing N N 131 
HEZ C1  H11  sing N N 132 
HEZ C1  H12  sing N N 133 
HEZ C2  C3   sing N N 134 
HEZ C2  H21  sing N N 135 
HEZ C2  H22  sing N N 136 
HEZ C3  C4   sing N N 137 
HEZ C3  H31  sing N N 138 
HEZ C3  H32  sing N N 139 
HEZ C4  C5   sing N N 140 
HEZ C4  H41  sing N N 141 
HEZ C4  H42  sing N N 142 
HEZ C5  C6   sing N N 143 
HEZ C5  H51  sing N N 144 
HEZ C5  H52  sing N N 145 
HEZ C6  O6   sing N N 146 
HEZ C6  H61  sing N N 147 
HEZ C6  H62  sing N N 148 
HEZ O6  HO6  sing N N 149 
HIS N   CA   sing N N 150 
HIS N   H    sing N N 151 
HIS N   H2   sing N N 152 
HIS CA  C    sing N N 153 
HIS CA  CB   sing N N 154 
HIS CA  HA   sing N N 155 
HIS C   O    doub N N 156 
HIS C   OXT  sing N N 157 
HIS CB  CG   sing N N 158 
HIS CB  HB2  sing N N 159 
HIS CB  HB3  sing N N 160 
HIS CG  ND1  sing Y N 161 
HIS CG  CD2  doub Y N 162 
HIS ND1 CE1  doub Y N 163 
HIS ND1 HD1  sing N N 164 
HIS CD2 NE2  sing Y N 165 
HIS CD2 HD2  sing N N 166 
HIS CE1 NE2  sing Y N 167 
HIS CE1 HE1  sing N N 168 
HIS NE2 HE2  sing N N 169 
HIS OXT HXT  sing N N 170 
HOH O   H1   sing N N 171 
HOH O   H2   sing N N 172 
ILE N   CA   sing N N 173 
ILE N   H    sing N N 174 
ILE N   H2   sing N N 175 
ILE CA  C    sing N N 176 
ILE CA  CB   sing N N 177 
ILE CA  HA   sing N N 178 
ILE C   O    doub N N 179 
ILE C   OXT  sing N N 180 
ILE CB  CG1  sing N N 181 
ILE CB  CG2  sing N N 182 
ILE CB  HB   sing N N 183 
ILE CG1 CD1  sing N N 184 
ILE CG1 HG12 sing N N 185 
ILE CG1 HG13 sing N N 186 
ILE CG2 HG21 sing N N 187 
ILE CG2 HG22 sing N N 188 
ILE CG2 HG23 sing N N 189 
ILE CD1 HD11 sing N N 190 
ILE CD1 HD12 sing N N 191 
ILE CD1 HD13 sing N N 192 
ILE OXT HXT  sing N N 193 
LEU N   CA   sing N N 194 
LEU N   H    sing N N 195 
LEU N   H2   sing N N 196 
LEU CA  C    sing N N 197 
LEU CA  CB   sing N N 198 
LEU CA  HA   sing N N 199 
LEU C   O    doub N N 200 
LEU C   OXT  sing N N 201 
LEU CB  CG   sing N N 202 
LEU CB  HB2  sing N N 203 
LEU CB  HB3  sing N N 204 
LEU CG  CD1  sing N N 205 
LEU CG  CD2  sing N N 206 
LEU CG  HG   sing N N 207 
LEU CD1 HD11 sing N N 208 
LEU CD1 HD12 sing N N 209 
LEU CD1 HD13 sing N N 210 
LEU CD2 HD21 sing N N 211 
LEU CD2 HD22 sing N N 212 
LEU CD2 HD23 sing N N 213 
LEU OXT HXT  sing N N 214 
LYS N   CA   sing N N 215 
LYS N   H    sing N N 216 
LYS N   H2   sing N N 217 
LYS CA  C    sing N N 218 
LYS CA  CB   sing N N 219 
LYS CA  HA   sing N N 220 
LYS C   O    doub N N 221 
LYS C   OXT  sing N N 222 
LYS CB  CG   sing N N 223 
LYS CB  HB2  sing N N 224 
LYS CB  HB3  sing N N 225 
LYS CG  CD   sing N N 226 
LYS CG  HG2  sing N N 227 
LYS CG  HG3  sing N N 228 
LYS CD  CE   sing N N 229 
LYS CD  HD2  sing N N 230 
LYS CD  HD3  sing N N 231 
LYS CE  NZ   sing N N 232 
LYS CE  HE2  sing N N 233 
LYS CE  HE3  sing N N 234 
LYS NZ  HZ1  sing N N 235 
LYS NZ  HZ2  sing N N 236 
LYS NZ  HZ3  sing N N 237 
LYS OXT HXT  sing N N 238 
MET N   CA   sing N N 239 
MET N   H    sing N N 240 
MET N   H2   sing N N 241 
MET CA  C    sing N N 242 
MET CA  CB   sing N N 243 
MET CA  HA   sing N N 244 
MET C   O    doub N N 245 
MET C   OXT  sing N N 246 
MET CB  CG   sing N N 247 
MET CB  HB2  sing N N 248 
MET CB  HB3  sing N N 249 
MET CG  SD   sing N N 250 
MET CG  HG2  sing N N 251 
MET CG  HG3  sing N N 252 
MET SD  CE   sing N N 253 
MET CE  HE1  sing N N 254 
MET CE  HE2  sing N N 255 
MET CE  HE3  sing N N 256 
MET OXT HXT  sing N N 257 
PHE N   CA   sing N N 258 
PHE N   H    sing N N 259 
PHE N   H2   sing N N 260 
PHE CA  C    sing N N 261 
PHE CA  CB   sing N N 262 
PHE CA  HA   sing N N 263 
PHE C   O    doub N N 264 
PHE C   OXT  sing N N 265 
PHE CB  CG   sing N N 266 
PHE CB  HB2  sing N N 267 
PHE CB  HB3  sing N N 268 
PHE CG  CD1  doub Y N 269 
PHE CG  CD2  sing Y N 270 
PHE CD1 CE1  sing Y N 271 
PHE CD1 HD1  sing N N 272 
PHE CD2 CE2  doub Y N 273 
PHE CD2 HD2  sing N N 274 
PHE CE1 CZ   doub Y N 275 
PHE CE1 HE1  sing N N 276 
PHE CE2 CZ   sing Y N 277 
PHE CE2 HE2  sing N N 278 
PHE CZ  HZ   sing N N 279 
PHE OXT HXT  sing N N 280 
PRO N   CA   sing N N 281 
PRO N   CD   sing N N 282 
PRO N   H    sing N N 283 
PRO CA  C    sing N N 284 
PRO CA  CB   sing N N 285 
PRO CA  HA   sing N N 286 
PRO C   O    doub N N 287 
PRO C   OXT  sing N N 288 
PRO CB  CG   sing N N 289 
PRO CB  HB2  sing N N 290 
PRO CB  HB3  sing N N 291 
PRO CG  CD   sing N N 292 
PRO CG  HG2  sing N N 293 
PRO CG  HG3  sing N N 294 
PRO CD  HD2  sing N N 295 
PRO CD  HD3  sing N N 296 
PRO OXT HXT  sing N N 297 
SER N   CA   sing N N 298 
SER N   H    sing N N 299 
SER N   H2   sing N N 300 
SER CA  C    sing N N 301 
SER CA  CB   sing N N 302 
SER CA  HA   sing N N 303 
SER C   O    doub N N 304 
SER C   OXT  sing N N 305 
SER CB  OG   sing N N 306 
SER CB  HB2  sing N N 307 
SER CB  HB3  sing N N 308 
SER OG  HG   sing N N 309 
SER OXT HXT  sing N N 310 
THR N   CA   sing N N 311 
THR N   H    sing N N 312 
THR N   H2   sing N N 313 
THR CA  C    sing N N 314 
THR CA  CB   sing N N 315 
THR CA  HA   sing N N 316 
THR C   O    doub N N 317 
THR C   OXT  sing N N 318 
THR CB  OG1  sing N N 319 
THR CB  CG2  sing N N 320 
THR CB  HB   sing N N 321 
THR OG1 HG1  sing N N 322 
THR CG2 HG21 sing N N 323 
THR CG2 HG22 sing N N 324 
THR CG2 HG23 sing N N 325 
THR OXT HXT  sing N N 326 
TRP N   CA   sing N N 327 
TRP N   H    sing N N 328 
TRP N   H2   sing N N 329 
TRP CA  C    sing N N 330 
TRP CA  CB   sing N N 331 
TRP CA  HA   sing N N 332 
TRP C   O    doub N N 333 
TRP C   OXT  sing N N 334 
TRP CB  CG   sing N N 335 
TRP CB  HB2  sing N N 336 
TRP CB  HB3  sing N N 337 
TRP CG  CD1  doub Y N 338 
TRP CG  CD2  sing Y N 339 
TRP CD1 NE1  sing Y N 340 
TRP CD1 HD1  sing N N 341 
TRP CD2 CE2  doub Y N 342 
TRP CD2 CE3  sing Y N 343 
TRP NE1 CE2  sing Y N 344 
TRP NE1 HE1  sing N N 345 
TRP CE2 CZ2  sing Y N 346 
TRP CE3 CZ3  doub Y N 347 
TRP CE3 HE3  sing N N 348 
TRP CZ2 CH2  doub Y N 349 
TRP CZ2 HZ2  sing N N 350 
TRP CZ3 CH2  sing Y N 351 
TRP CZ3 HZ3  sing N N 352 
TRP CH2 HH2  sing N N 353 
TRP OXT HXT  sing N N 354 
TYR N   CA   sing N N 355 
TYR N   H    sing N N 356 
TYR N   H2   sing N N 357 
TYR CA  C    sing N N 358 
TYR CA  CB   sing N N 359 
TYR CA  HA   sing N N 360 
TYR C   O    doub N N 361 
TYR C   OXT  sing N N 362 
TYR CB  CG   sing N N 363 
TYR CB  HB2  sing N N 364 
TYR CB  HB3  sing N N 365 
TYR CG  CD1  doub Y N 366 
TYR CG  CD2  sing Y N 367 
TYR CD1 CE1  sing Y N 368 
TYR CD1 HD1  sing N N 369 
TYR CD2 CE2  doub Y N 370 
TYR CD2 HD2  sing N N 371 
TYR CE1 CZ   doub Y N 372 
TYR CE1 HE1  sing N N 373 
TYR CE2 CZ   sing Y N 374 
TYR CE2 HE2  sing N N 375 
TYR CZ  OH   sing N N 376 
TYR OH  HH   sing N N 377 
TYR OXT HXT  sing N N 378 
V1A C8  C2   sing N N 379 
V1A S3  C3   sing N N 380 
V1A C9  C2   sing N N 381 
V1A C2  C3   sing N N 382 
V1A C2  N1   sing N N 383 
V1A C3  N4   doub N N 384 
V1A N1  O1   sing N N 385 
V1A N1  C5   sing N N 386 
V1A N4  C5   sing N N 387 
V1A C5  C7   sing N N 388 
V1A C5  C6   sing N N 389 
V1A C6  H6   sing N N 390 
V1A C6  H7   sing N N 391 
V1A C6  H8   sing N N 392 
V1A C7  H9   sing N N 393 
V1A C7  H10  sing N N 394 
V1A C7  H11  sing N N 395 
V1A C8  H12  sing N N 396 
V1A C8  H13  sing N N 397 
V1A C8  H14  sing N N 398 
V1A C9  H15  sing N N 399 
V1A C9  H16  sing N N 400 
V1A C9  H17  sing N N 401 
V1A S3  S1   sing N N 402 
V1A S1  O3   doub N N 403 
V1A S1  C10  sing N N 404 
V1A S1  O2   doub N N 405 
V1A C10 H1   sing N N 406 
V1A C10 H2   sing N N 407 
V1A C10 H3   sing N N 408 
VAL N   CA   sing N N 409 
VAL N   H    sing N N 410 
VAL N   H2   sing N N 411 
VAL CA  C    sing N N 412 
VAL CA  CB   sing N N 413 
VAL CA  HA   sing N N 414 
VAL C   O    doub N N 415 
VAL C   OXT  sing N N 416 
VAL CB  CG1  sing N N 417 
VAL CB  CG2  sing N N 418 
VAL CB  HB   sing N N 419 
VAL CG1 HG11 sing N N 420 
VAL CG1 HG12 sing N N 421 
VAL CG1 HG13 sing N N 422 
VAL CG2 HG21 sing N N 423 
VAL CG2 HG22 sing N N 424 
VAL CG2 HG23 sing N N 425 
VAL OXT HXT  sing N N 426 
# 
_pdbx_initial_refinement_model.id               1 
_pdbx_initial_refinement_model.entity_id_list   ? 
_pdbx_initial_refinement_model.type             'experimental model' 
_pdbx_initial_refinement_model.source_name      PDB 
_pdbx_initial_refinement_model.accession_code   3LZM 
_pdbx_initial_refinement_model.details          'PDB ENTRY 3LZM' 
# 
_atom_sites.entry_id                    3K2R 
_atom_sites.fract_transf_matrix[1][1]   0.01561683 
_atom_sites.fract_transf_matrix[1][2]   -0.01070844 
_atom_sites.fract_transf_matrix[1][3]   -0.00417863 
_atom_sites.fract_transf_matrix[2][1]   -0.00145772 
_atom_sites.fract_transf_matrix[2][2]   -0.01931277 
_atom_sites.fract_transf_matrix[2][3]   -0.00095014 
_atom_sites.fract_transf_matrix[3][1]   -0.00227303 
_atom_sites.fract_transf_matrix[3][2]   0.00067455 
_atom_sites.fract_transf_matrix[3][3]   -0.01022366 
_atom_sites.fract_transf_vector[1]      -0.306485 
_atom_sites.fract_transf_vector[2]      0.233284 
_atom_sites.fract_transf_vector[3]      0.104418 
# 
loop_
_atom_type.symbol 
C  
CL 
K  
N  
O  
S  
# 
loop_
_atom_site.group_PDB 
_atom_site.id 
_atom_site.type_symbol 
_atom_site.label_atom_id 
_atom_site.label_alt_id 
_atom_site.label_comp_id 
_atom_site.label_asym_id 
_atom_site.label_entity_id 
_atom_site.label_seq_id 
_atom_site.pdbx_PDB_ins_code 
_atom_site.Cartn_x 
_atom_site.Cartn_y 
_atom_site.Cartn_z 
_atom_site.occupancy 
_atom_site.B_iso_or_equiv 
_atom_site.pdbx_formal_charge 
_atom_site.auth_seq_id 
_atom_site.auth_comp_id 
_atom_site.auth_asym_id 
_atom_site.auth_atom_id 
_atom_site.pdbx_PDB_model_num 
ATOM   1    N  N   . MET A 1 1   ? 10.491  14.042  -0.308  1.00 23.48 ? 1    MET A N   1 
ATOM   2    C  CA  . MET A 1 1   ? 9.660   12.852  -0.125  1.00 22.22 ? 1    MET A CA  1 
ATOM   3    C  C   . MET A 1 1   ? 8.177   13.175  -0.342  1.00 20.46 ? 1    MET A C   1 
ATOM   4    O  O   . MET A 1 1   ? 7.732   14.294  -0.103  1.00 20.71 ? 1    MET A O   1 
ATOM   5    C  CB  . MET A 1 1   ? 9.898   12.261  1.271   1.00 17.60 ? 1    MET A CB  1 
ATOM   6    C  CG  . MET A 1 1   ? 9.285   10.881  1.523   1.00 22.29 ? 1    MET A CG  1 
ATOM   7    S  SD  . MET A 1 1   ? 9.896   9.578   0.421   1.00 25.27 ? 1    MET A SD  1 
ATOM   8    C  CE  . MET A 1 1   ? 11.618  9.962   0.460   1.00 16.93 ? 1    MET A CE  1 
ATOM   9    N  N   . ASN A 1 2   ? 7.426   12.175  -0.808  1.00 16.32 ? 2    ASN A N   1 
ATOM   10   C  CA  . ASN A 1 2   ? 5.985   12.262  -0.990  1.00 16.53 ? 2    ASN A CA  1 
ATOM   11   C  C   . ASN A 1 2   ? 5.465   10.829  -1.113  1.00 14.13 ? 2    ASN A C   1 
ATOM   12   O  O   . ASN A 1 2   ? 6.261   9.884   -1.089  1.00 14.53 ? 2    ASN A O   1 
ATOM   13   C  CB  . ASN A 1 2   ? 5.630   13.112  -2.217  1.00 16.77 ? 2    ASN A CB  1 
ATOM   14   C  CG  . ASN A 1 2   ? 6.230   12.573  -3.486  1.00 17.13 ? 2    ASN A CG  1 
ATOM   15   O  OD1 . ASN A 1 2   ? 6.047   11.404  -3.816  1.00 15.61 ? 2    ASN A OD1 1 
ATOM   16   N  ND2 . ASN A 1 2   ? 6.952   13.420  -4.211  1.00 15.81 ? 2    ASN A ND2 1 
ATOM   17   N  N   . ILE A 1 3   ? 4.153   10.659  -1.246  1.00 14.98 ? 3    ILE A N   1 
ATOM   18   C  CA  . ILE A 1 3   ? 3.575   9.312   -1.275  1.00 14.02 ? 3    ILE A CA  1 
ATOM   19   C  C   . ILE A 1 3   ? 4.146   8.431   -2.401  1.00 14.04 ? 3    ILE A C   1 
ATOM   20   O  O   . ILE A 1 3   ? 4.360   7.236   -2.212  1.00 14.00 ? 3    ILE A O   1 
ATOM   21   C  CB  . ILE A 1 3   ? 2.022   9.348   -1.304  1.00 15.01 ? 3    ILE A CB  1 
ATOM   22   C  CG1 . ILE A 1 3   ? 1.428   7.938   -1.280  1.00 14.66 ? 3    ILE A CG1 1 
ATOM   23   C  CG2 . ILE A 1 3   ? 1.511   10.077  -2.534  1.00 15.05 ? 3    ILE A CG2 1 
ATOM   24   C  CD1 . ILE A 1 3   ? 1.888   7.101   -0.091  1.00 13.74 ? 3    ILE A CD1 1 
ATOM   25   N  N   . PHE A 1 4   ? 4.407   9.019   -3.565  1.00 13.30 ? 4    PHE A N   1 
ATOM   26   C  CA  . PHE A 1 4   ? 4.973   8.251   -4.665  1.00 13.10 ? 4    PHE A CA  1 
ATOM   27   C  C   . PHE A 1 4   ? 6.371   7.751   -4.321  1.00 14.05 ? 4    PHE A C   1 
ATOM   28   O  O   . PHE A 1 4   ? 6.670   6.564   -4.481  1.00 14.12 ? 4    PHE A O   1 
ATOM   29   C  CB  . PHE A 1 4   ? 4.965   9.064   -5.958  1.00 12.75 ? 4    PHE A CB  1 
ATOM   30   C  CG  . PHE A 1 4   ? 3.585   9.292   -6.515  1.00 11.81 ? 4    PHE A CG  1 
ATOM   31   C  CD1 . PHE A 1 4   ? 3.056   8.417   -7.449  1.00 17.14 ? 4    PHE A CD1 1 
ATOM   32   C  CD2 . PHE A 1 4   ? 2.828   10.383  -6.122  1.00 15.11 ? 4    PHE A CD2 1 
ATOM   33   C  CE1 . PHE A 1 4   ? 1.786   8.624   -7.989  1.00 18.80 ? 4    PHE A CE1 1 
ATOM   34   C  CE2 . PHE A 1 4   ? 1.555   10.589  -6.650  1.00 17.03 ? 4    PHE A CE2 1 
ATOM   35   C  CZ  . PHE A 1 4   ? 1.040   9.715   -7.582  1.00 17.86 ? 4    PHE A CZ  1 
ATOM   36   N  N   . GLU A 1 5   ? 7.229   8.643   -3.837  1.00 14.90 ? 5    GLU A N   1 
ATOM   37   C  CA  . GLU A 1 5   ? 8.587   8.229   -3.474  1.00 14.27 ? 5    GLU A CA  1 
ATOM   38   C  C   . GLU A 1 5   ? 8.596   7.211   -2.326  1.00 14.63 ? 5    GLU A C   1 
ATOM   39   O  O   . GLU A 1 5   ? 9.428   6.299   -2.293  1.00 14.21 ? 5    GLU A O   1 
ATOM   40   C  CB  . GLU A 1 5   ? 9.438   9.443   -3.105  1.00 15.48 ? 5    GLU A CB  1 
ATOM   41   C  CG  . GLU A 1 5   ? 9.598   10.442  -4.248  1.00 16.50 ? 5    GLU A CG  1 
ATOM   42   C  CD  . GLU A 1 5   ? 10.594  11.533  -3.911  1.00 18.91 ? 5    GLU A CD  1 
ATOM   43   O  OE1 . GLU A 1 5   ? 11.360  11.356  -2.937  1.00 21.31 ? 5    GLU A OE1 1 
ATOM   44   O  OE2 . GLU A 1 5   ? 10.615  12.565  -4.614  1.00 21.18 ? 5    GLU A OE2 1 
ATOM   45   N  N   . MET A 1 6   ? 7.654   7.377   -1.404  1.00 12.34 ? 6    MET A N   1 
ATOM   46   C  CA  . MET A 1 6   ? 7.560   6.533   -0.214  1.00 13.87 ? 6    MET A CA  1 
ATOM   47   C  C   . MET A 1 6   ? 7.208   5.115   -0.625  1.00 13.79 ? 6    MET A C   1 
ATOM   48   O  O   . MET A 1 6   ? 7.884   4.158   -0.243  1.00 14.04 ? 6    MET A O   1 
ATOM   49   C  CB  . MET A 1 6   ? 6.481   7.084   0.709   1.00 13.65 ? 6    MET A CB  1 
ATOM   50   C  CG  . MET A 1 6   ? 6.321   6.333   2.039   1.00 13.33 ? 6    MET A CG  1 
ATOM   51   S  SD  . MET A 1 6   ? 4.695   6.746   2.716   1.00 14.54 ? 6    MET A SD  1 
ATOM   52   C  CE  . MET A 1 6   ? 4.910   6.372   4.466   1.00 15.25 ? 6    MET A CE  1 
ATOM   53   N  N   . LEU A 1 7   ? 6.141   4.976   -1.406  1.00 14.13 ? 7    LEU A N   1 
ATOM   54   C  CA  . LEU A 1 7   ? 5.741   3.651   -1.856  1.00 13.25 ? 7    LEU A CA  1 
ATOM   55   C  C   . LEU A 1 7   ? 6.743   3.032   -2.844  1.00 13.43 ? 7    LEU A C   1 
ATOM   56   O  O   . LEU A 1 7   ? 6.909   1.823   -2.877  1.00 16.04 ? 7    LEU A O   1 
ATOM   57   C  CB  . LEU A 1 7   ? 4.333   3.685   -2.458  1.00 13.54 ? 7    LEU A CB  1 
ATOM   58   C  CG  . LEU A 1 7   ? 3.215   3.625   -1.407  1.00 14.13 ? 7    LEU A CG  1 
ATOM   59   C  CD1 . LEU A 1 7   ? 1.892   4.070   -2.044  1.00 15.13 ? 7    LEU A CD1 1 
ATOM   60   C  CD2 . LEU A 1 7   ? 3.086   2.212   -0.849  1.00 15.16 ? 7    LEU A CD2 1 
ATOM   61   N  N   . ARG A 1 8   ? 7.412   3.856   -3.646  1.00 13.41 ? 8    ARG A N   1 
ATOM   62   C  CA  . ARG A 1 8   ? 8.473   3.329   -4.499  1.00 13.81 ? 8    ARG A CA  1 
ATOM   63   C  C   . ARG A 1 8   ? 9.582   2.658   -3.653  1.00 16.12 ? 8    ARG A C   1 
ATOM   64   O  O   . ARG A 1 8   ? 10.097  1.594   -4.012  1.00 15.53 ? 8    ARG A O   1 
ATOM   65   C  CB  . ARG A 1 8   ? 9.019   4.439   -5.400  1.00 16.07 ? 8    ARG A CB  1 
ATOM   66   C  CG  . ARG A 1 8   ? 10.281  4.071   -6.184  1.00 17.80 ? 8    ARG A CG  1 
ATOM   67   C  CD  . ARG A 1 8   ? 10.048  2.946   -7.175  1.00 18.60 ? 8    ARG A CD  1 
ATOM   68   N  NE  . ARG A 1 8   ? 11.296  2.630   -7.872  1.00 21.00 ? 8    ARG A NE  1 
ATOM   69   C  CZ  . ARG A 1 8   ? 12.244  1.829   -7.386  1.00 20.17 ? 8    ARG A CZ  1 
ATOM   70   N  NH1 . ARG A 1 8   ? 12.095  1.240   -6.207  1.00 19.14 ? 8    ARG A NH1 1 
ATOM   71   N  NH2 . ARG A 1 8   ? 13.353  1.612   -8.081  1.00 23.89 ? 8    ARG A NH2 1 
ATOM   72   N  N   . ILE A 1 9   ? 9.944   3.270   -2.527  1.00 14.56 ? 9    ILE A N   1 
ATOM   73   C  CA  . ILE A 1 9   ? 10.909  2.665   -1.613  1.00 15.49 ? 9    ILE A CA  1 
ATOM   74   C  C   . ILE A 1 9   ? 10.365  1.362   -1.014  1.00 14.85 ? 9    ILE A C   1 
ATOM   75   O  O   . ILE A 1 9   ? 11.041  0.328   -1.028  1.00 17.88 ? 9    ILE A O   1 
ATOM   76   C  CB  . ILE A 1 9   ? 11.293  3.666   -0.500  1.00 15.28 ? 9    ILE A CB  1 
ATOM   77   C  CG1 . ILE A 1 9   ? 12.223  4.748   -1.070  1.00 17.48 ? 9    ILE A CG1 1 
ATOM   78   C  CG2 . ILE A 1 9   ? 11.933  2.948   0.697   1.00 16.31 ? 9    ILE A CG2 1 
ATOM   79   C  CD1 . ILE A 1 9   ? 12.380  5.985   -0.173  1.00 18.49 ? 9    ILE A CD1 1 
ATOM   80   N  N   . ASP A 1 10  ? 9.133   1.395   -0.514  1.00 13.32 ? 10   ASP A N   1 
ATOM   81   C  CA  . ASP A 1 10  ? 8.576   0.230   0.172   1.00 15.22 ? 10   ASP A CA  1 
ATOM   82   C  C   . ASP A 1 10  ? 8.290   -0.941  -0.766  1.00 16.36 ? 10   ASP A C   1 
ATOM   83   O  O   . ASP A 1 10  ? 8.436   -2.099  -0.376  1.00 17.41 ? 10   ASP A O   1 
ATOM   84   C  CB  . ASP A 1 10  ? 7.304   0.596   0.948   1.00 14.58 ? 10   ASP A CB  1 
ATOM   85   C  CG  . ASP A 1 10  ? 7.601   1.369   2.224   1.00 16.15 ? 10   ASP A CG  1 
ATOM   86   O  OD1 . ASP A 1 10  ? 8.707   1.205   2.781   1.00 15.66 ? 10   ASP A OD1 1 
ATOM   87   O  OD2 . ASP A 1 10  ? 6.715   2.131   2.676   1.00 15.20 ? 10   ASP A OD2 1 
ATOM   88   N  N   . GLU A 1 11  ? 7.891   -0.646  -2.000  1.00 14.61 ? 11   GLU A N   1 
ATOM   89   C  CA  . GLU A 1 11  ? 7.470   -1.700  -2.918  1.00 14.64 ? 11   GLU A CA  1 
ATOM   90   C  C   . GLU A 1 11  ? 8.528   -2.117  -3.935  1.00 15.47 ? 11   GLU A C   1 
ATOM   91   O  O   . GLU A 1 11  ? 8.413   -3.187  -4.522  1.00 18.02 ? 11   GLU A O   1 
ATOM   92   C  CB  . GLU A 1 11  ? 6.194   -1.289  -3.666  1.00 15.09 ? 11   GLU A CB  1 
ATOM   93   C  CG  . GLU A 1 11  ? 4.972   -1.029  -2.764  1.00 17.67 ? 11   GLU A CG  1 
ATOM   94   C  CD  . GLU A 1 11  ? 4.446   -2.287  -2.099  1.00 19.01 ? 11   GLU A CD  1 
ATOM   95   O  OE1 . GLU A 1 11  ? 4.913   -3.375  -2.460  1.00 19.84 ? 11   GLU A OE1 1 
ATOM   96   O  OE2 . GLU A 1 11  ? 3.569   -2.204  -1.221  1.00 18.62 ? 11   GLU A OE2 1 
ATOM   97   N  N   . GLY A 1 12  ? 9.536   -1.293  -4.178  1.00 15.17 ? 12   GLY A N   1 
ATOM   98   C  CA  . GLY A 1 12  ? 10.521  -1.618  -5.197  1.00 17.09 ? 12   GLY A CA  1 
ATOM   99   C  C   . GLY A 1 12  ? 9.980   -1.489  -6.609  1.00 17.17 ? 12   GLY A C   1 
ATOM   100  O  O   . GLY A 1 12  ? 8.852   -1.015  -6.828  1.00 17.52 ? 12   GLY A O   1 
ATOM   101  N  N   . LEU A 1 13  ? 10.786  -1.919  -7.575  1.00 15.69 ? 13   LEU A N   1 
ATOM   102  C  CA  . LEU A 1 13  ? 10.395  -1.874  -8.977  1.00 15.82 ? 13   LEU A CA  1 
ATOM   103  C  C   . LEU A 1 13  ? 10.931  -3.121  -9.653  1.00 17.06 ? 13   LEU A C   1 
ATOM   104  O  O   . LEU A 1 13  ? 12.150  -3.332  -9.706  1.00 19.12 ? 13   LEU A O   1 
ATOM   105  C  CB  . LEU A 1 13  ? 10.952  -0.616  -9.652  1.00 17.78 ? 13   LEU A CB  1 
ATOM   106  C  CG  . LEU A 1 13  ? 10.835  -0.579  -11.180 1.00 21.24 ? 13   LEU A CG  1 
ATOM   107  C  CD1 . LEU A 1 13  ? 9.383   -0.472  -11.596 1.00 19.57 ? 13   LEU A CD1 1 
ATOM   108  C  CD2 . LEU A 1 13  ? 11.645  0.580   -11.747 1.00 23.26 ? 13   LEU A CD2 1 
ATOM   109  N  N   . ARG A 1 14  ? 10.015  -3.957  -10.143 1.00 16.34 ? 14   ARG A N   1 
ATOM   110  C  CA  . ARG A 1 14  ? 10.383  -5.164  -10.870 1.00 16.15 ? 14   ARG A CA  1 
ATOM   111  C  C   . ARG A 1 14  ? 9.523   -5.264  -12.123 1.00 17.09 ? 14   ARG A C   1 
ATOM   112  O  O   . ARG A 1 14  ? 8.307   -5.069  -12.070 1.00 18.56 ? 14   ARG A O   1 
ATOM   113  C  CB  . ARG A 1 14  ? 10.213  -6.387  -9.971  1.00 19.40 ? 14   ARG A CB  1 
ATOM   114  C  CG  . ARG A 1 14  ? 11.020  -6.256  -8.672  1.00 20.35 ? 14   ARG A CG  1 
ATOM   115  C  CD  . ARG A 1 14  ? 11.037  -7.527  -7.863  1.00 24.66 ? 14   ARG A CD  1 
ATOM   116  N  NE  . ARG A 1 14  ? 11.804  -8.540  -8.570  1.00 26.72 ? 14   ARG A NE  1 
ATOM   117  C  CZ  . ARG A 1 14  ? 11.912  -9.798  -8.175  1.00 29.62 ? 14   ARG A CZ  1 
ATOM   118  N  NH1 . ARG A 1 14  ? 11.295  -10.199 -7.071  1.00 26.08 ? 14   ARG A NH1 1 
ATOM   119  N  NH2 . ARG A 1 14  ? 12.634  -10.652 -8.888  1.00 34.25 ? 14   ARG A NH2 1 
ATOM   120  N  N   . LEU A 1 15  ? 10.151  -5.539  -13.262 1.00 15.89 ? 15   LEU A N   1 
ATOM   121  C  CA  . LEU A 1 15  ? 9.457   -5.457  -14.542 1.00 16.40 ? 15   LEU A CA  1 
ATOM   122  C  C   . LEU A 1 15  ? 8.870   -6.780  -15.034 1.00 15.46 ? 15   LEU A C   1 
ATOM   123  O  O   . LEU A 1 15  ? 8.170   -6.807  -16.041 1.00 17.28 ? 15   LEU A O   1 
ATOM   124  C  CB  . LEU A 1 15  ? 10.396  -4.869  -15.603 1.00 16.91 ? 15   LEU A CB  1 
ATOM   125  C  CG  . LEU A 1 15  ? 10.866  -3.437  -15.312 1.00 19.81 ? 15   LEU A CG  1 
ATOM   126  C  CD1 . LEU A 1 15  ? 11.642  -2.909  -16.516 1.00 23.18 ? 15   LEU A CD1 1 
ATOM   127  C  CD2 . LEU A 1 15  ? 9.699   -2.528  -14.975 1.00 20.16 ? 15   LEU A CD2 1 
ATOM   128  N  N   . LYS A 1 16  ? 9.165   -7.869  -14.328 1.00 16.43 ? 16   LYS A N   1 
ATOM   129  C  CA  . LYS A 1 16  ? 8.595   -9.174  -14.618 1.00 15.44 ? 16   LYS A CA  1 
ATOM   130  C  C   . LYS A 1 16  ? 7.736   -9.638  -13.447 1.00 15.34 ? 16   LYS A C   1 
ATOM   131  O  O   . LYS A 1 16  ? 8.016   -9.311  -12.282 1.00 16.05 ? 16   LYS A O   1 
ATOM   132  C  CB  . LYS A 1 16  ? 9.696   -10.206 -14.846 1.00 18.74 ? 16   LYS A CB  1 
ATOM   133  C  CG  . LYS A 1 16  ? 10.794  -9.756  -15.789 1.00 30.03 ? 16   LYS A CG  1 
ATOM   134  C  CD  . LYS A 1 16  ? 11.843  -10.848 -15.950 1.00 35.99 ? 16   LYS A CD  1 
ATOM   135  C  CE  . LYS A 1 16  ? 13.112  -10.307 -16.597 1.00 44.82 ? 16   LYS A CE  1 
ATOM   136  N  NZ  . LYS A 1 16  ? 12.872  -9.810  -17.980 1.00 51.58 ? 16   LYS A NZ  1 
ATOM   137  N  N   . ILE A 1 17  ? 6.691   -10.402 -13.755 1.00 14.96 ? 17   ILE A N   1 
ATOM   138  C  CA  . ILE A 1 17  ? 5.827   -10.959 -12.727 1.00 14.36 ? 17   ILE A CA  1 
ATOM   139  C  C   . ILE A 1 17  ? 6.671   -11.658 -11.675 1.00 14.53 ? 17   ILE A C   1 
ATOM   140  O  O   . ILE A 1 17  ? 7.578   -12.443 -11.999 1.00 16.59 ? 17   ILE A O   1 
ATOM   141  C  CB  . ILE A 1 17  ? 4.798   -11.960 -13.296 1.00 14.25 ? 17   ILE A CB  1 
ATOM   142  C  CG1 . ILE A 1 17  ? 3.807   -11.253 -14.228 1.00 16.13 ? 17   ILE A CG1 1 
ATOM   143  C  CG2 . ILE A 1 17  ? 4.064   -12.688 -12.166 1.00 15.77 ? 17   ILE A CG2 1 
ATOM   144  C  CD1 . ILE A 1 17  ? 2.786   -12.197 -14.867 1.00 18.41 ? 17   ILE A CD1 1 
ATOM   145  N  N   . TYR A 1 18  ? 6.379   -11.345 -10.415 1.00 14.54 ? 18   TYR A N   1 
ATOM   146  C  CA  . TYR A 1 18  ? 7.067   -11.960 -9.284  1.00 16.77 ? 18   TYR A CA  1 
ATOM   147  C  C   . TYR A 1 18  ? 6.067   -12.187 -8.173  1.00 15.39 ? 18   TYR A C   1 
ATOM   148  O  O   . TYR A 1 18  ? 4.923   -11.736 -8.248  1.00 16.51 ? 18   TYR A O   1 
ATOM   149  C  CB  . TYR A 1 18  ? 8.218   -11.074 -8.793  1.00 17.17 ? 18   TYR A CB  1 
ATOM   150  C  CG  . TYR A 1 18  ? 7.775   -9.788  -8.138  1.00 16.01 ? 18   TYR A CG  1 
ATOM   151  C  CD1 . TYR A 1 18  ? 7.458   -8.676  -8.897  1.00 16.95 ? 18   TYR A CD1 1 
ATOM   152  C  CD2 . TYR A 1 18  ? 7.675   -9.688  -6.749  1.00 19.89 ? 18   TYR A CD2 1 
ATOM   153  C  CE1 . TYR A 1 18  ? 7.059   -7.502  -8.304  1.00 17.13 ? 18   TYR A CE1 1 
ATOM   154  C  CE2 . TYR A 1 18  ? 7.268   -8.515  -6.153  1.00 20.10 ? 18   TYR A CE2 1 
ATOM   155  C  CZ  . TYR A 1 18  ? 6.969   -7.432  -6.934  1.00 20.72 ? 18   TYR A CZ  1 
ATOM   156  O  OH  . TYR A 1 18  ? 6.565   -6.237  -6.395  1.00 24.20 ? 18   TYR A OH  1 
ATOM   157  N  N   . LYS A 1 19  ? 6.483   -12.887 -7.128  1.00 14.40 ? 19   LYS A N   1 
ATOM   158  C  CA  . LYS A 1 19  ? 5.593   -13.048 -5.992  1.00 14.55 ? 19   LYS A CA  1 
ATOM   159  C  C   . LYS A 1 19  ? 5.941   -12.073 -4.886  1.00 13.86 ? 19   LYS A C   1 
ATOM   160  O  O   . LYS A 1 19  ? 7.112   -11.880 -4.559  1.00 16.16 ? 19   LYS A O   1 
ATOM   161  C  CB  . LYS A 1 19  ? 5.619   -14.478 -5.471  1.00 14.85 ? 19   LYS A CB  1 
ATOM   162  C  CG  . LYS A 1 19  ? 5.060   -15.496 -6.459  1.00 16.83 ? 19   LYS A CG  1 
ATOM   163  C  CD  . LYS A 1 19  ? 5.070   -16.873 -5.817  1.00 16.89 ? 19   LYS A CD  1 
ATOM   164  C  CE  . LYS A 1 19  ? 4.633   -17.950 -6.788  1.00 18.02 ? 19   LYS A CE  1 
ATOM   165  N  NZ  . LYS A 1 19  ? 4.833   -19.308 -6.157  1.00 19.00 ? 19   LYS A NZ  1 
ATOM   166  N  N   . ASP A 1 20  ? 4.904   -11.461 -4.323  1.00 14.52 ? 20   ASP A N   1 
ATOM   167  C  CA  . ASP A 1 20  ? 5.092   -10.483 -3.262  1.00 14.45 ? 20   ASP A CA  1 
ATOM   168  C  C   . ASP A 1 20  ? 5.354   -11.182 -1.927  1.00 16.04 ? 20   ASP A C   1 
ATOM   169  O  O   . ASP A 1 20  ? 5.543   -12.409 -1.875  1.00 15.63 ? 20   ASP A O   1 
ATOM   170  C  CB  . ASP A 1 20  ? 3.918   -9.485  -3.211  1.00 16.90 ? 20   ASP A CB  1 
ATOM   171  C  CG  . ASP A 1 20  ? 2.673   -10.043 -2.539  1.00 19.15 ? 20   ASP A CG  1 
ATOM   172  O  OD1 . ASP A 1 20  ? 2.608   -11.239 -2.199  1.00 16.04 ? 20   ASP A OD1 1 
ATOM   173  O  OD2 . ASP A 1 20  ? 1.714   -9.260  -2.355  1.00 24.83 ? 20   ASP A OD2 1 
ATOM   174  N  N   . THR A 1 21  ? 5.366   -10.424 -0.841  1.00 15.96 ? 21   THR A N   1 
ATOM   175  C  CA  A THR A 1 21  ? 5.696   -10.990 0.463   0.21 15.78 ? 21   THR A CA  1 
ATOM   176  C  CA  B THR A 1 21  ? 5.714   -11.002 0.448   0.79 15.71 ? 21   THR A CA  1 
ATOM   177  C  C   . THR A 1 21  ? 4.674   -12.018 0.940   1.00 16.48 ? 21   THR A C   1 
ATOM   178  O  O   . THR A 1 21  ? 4.974   -12.855 1.795   1.00 16.22 ? 21   THR A O   1 
ATOM   179  C  CB  A THR A 1 21  ? 5.843   -9.906  1.544   0.21 17.81 ? 21   THR A CB  1 
ATOM   180  C  CB  B THR A 1 21  ? 5.952   -9.907  1.502   0.79 17.80 ? 21   THR A CB  1 
ATOM   181  O  OG1 A THR A 1 21  ? 6.535   -8.774  1.008   0.21 19.13 ? 21   THR A OG1 1 
ATOM   182  O  OG1 B THR A 1 21  ? 6.556   -10.494 2.667   0.79 21.71 ? 21   THR A OG1 1 
ATOM   183  C  CG2 A THR A 1 21  ? 6.627   -10.460 2.710   0.21 21.47 ? 21   THR A CG2 1 
ATOM   184  C  CG2 B THR A 1 21  ? 4.636   -9.241  1.855   0.79 13.65 ? 21   THR A CG2 1 
ATOM   185  N  N   . GLU A 1 22  ? 3.457   -11.944 0.403   1.00 16.93 ? 22   GLU A N   1 
ATOM   186  C  CA  . GLU A 1 22  ? 2.391   -12.886 0.743   1.00 16.86 ? 22   GLU A CA  1 
ATOM   187  C  C   . GLU A 1 22  ? 2.366   -14.101 -0.183  1.00 16.46 ? 22   GLU A C   1 
ATOM   188  O  O   . GLU A 1 22  ? 1.543   -15.009 -0.009  1.00 18.79 ? 22   GLU A O   1 
ATOM   189  C  CB  . GLU A 1 22  ? 1.020   -12.199 0.670   1.00 21.50 ? 22   GLU A CB  1 
ATOM   190  C  CG  . GLU A 1 22  ? 0.822   -11.075 1.660   1.00 22.64 ? 22   GLU A CG  1 
ATOM   191  C  CD  . GLU A 1 22  ? 0.507   -11.569 3.050   1.00 27.97 ? 22   GLU A CD  1 
ATOM   192  O  OE1 . GLU A 1 22  ? 0.435   -12.801 3.261   1.00 28.27 ? 22   GLU A OE1 1 
ATOM   193  O  OE2 . GLU A 1 22  ? 0.327   -10.708 3.936   1.00 30.19 ? 22   GLU A OE2 1 
ATOM   194  N  N   . GLY A 1 23  ? 3.249   -14.109 -1.180  1.00 16.13 ? 23   GLY A N   1 
ATOM   195  C  CA  . GLY A 1 23  ? 3.273   -15.175 -2.165  1.00 15.40 ? 23   GLY A CA  1 
ATOM   196  C  C   . GLY A 1 23  ? 2.370   -14.938 -3.369  1.00 16.85 ? 23   GLY A C   1 
ATOM   197  O  O   . GLY A 1 23  ? 2.159   -15.853 -4.171  1.00 18.52 ? 23   GLY A O   1 
ATOM   198  N  N   . TYR A 1 24  ? 1.850   -13.716 -3.511  1.00 16.27 ? 24   TYR A N   1 
ATOM   199  C  CA  . TYR A 1 24  ? 0.890   -13.408 -4.571  1.00 13.65 ? 24   TYR A CA  1 
ATOM   200  C  C   . TYR A 1 24  ? 1.543   -12.759 -5.782  1.00 13.13 ? 24   TYR A C   1 
ATOM   201  O  O   . TYR A 1 24  ? 2.412   -11.900 -5.636  1.00 14.20 ? 24   TYR A O   1 
ATOM   202  C  CB  . TYR A 1 24  ? -0.208  -12.462 -4.073  1.00 15.90 ? 24   TYR A CB  1 
ATOM   203  C  CG  . TYR A 1 24  ? -1.058  -12.987 -2.946  1.00 16.97 ? 24   TYR A CG  1 
ATOM   204  C  CD1 . TYR A 1 24  ? -1.482  -14.307 -2.927  1.00 19.43 ? 24   TYR A CD1 1 
ATOM   205  C  CD2 . TYR A 1 24  ? -1.469  -12.148 -1.923  1.00 18.88 ? 24   TYR A CD2 1 
ATOM   206  C  CE1 . TYR A 1 24  ? -2.269  -14.786 -1.900  1.00 22.07 ? 24   TYR A CE1 1 
ATOM   207  C  CE2 . TYR A 1 24  ? -2.259  -12.614 -0.896  1.00 20.96 ? 24   TYR A CE2 1 
ATOM   208  C  CZ  . TYR A 1 24  ? -2.652  -13.931 -0.885  1.00 24.26 ? 24   TYR A CZ  1 
ATOM   209  O  OH  . TYR A 1 24  ? -3.444  -14.387 0.143   1.00 26.48 ? 24   TYR A OH  1 
ATOM   210  N  N   . TYR A 1 25  ? 1.092   -13.143 -6.977  1.00 14.15 ? 25   TYR A N   1 
ATOM   211  C  CA  . TYR A 1 25  ? 1.670   -12.602 -8.201  1.00 13.88 ? 25   TYR A CA  1 
ATOM   212  C  C   . TYR A 1 25  ? 1.445   -11.094 -8.287  1.00 14.73 ? 25   TYR A C   1 
ATOM   213  O  O   . TYR A 1 25  ? 0.325   -10.600 -8.114  1.00 14.77 ? 25   TYR A O   1 
ATOM   214  C  CB  . TYR A 1 25  ? 1.098   -13.303 -9.433  1.00 15.96 ? 25   TYR A CB  1 
ATOM   215  C  CG  . TYR A 1 25  ? 1.534   -14.743 -9.557  1.00 13.74 ? 25   TYR A CG  1 
ATOM   216  C  CD1 . TYR A 1 25  ? 2.878   -15.063 -9.725  1.00 15.80 ? 25   TYR A CD1 1 
ATOM   217  C  CD2 . TYR A 1 25  ? 0.612   -15.772 -9.499  1.00 14.85 ? 25   TYR A CD2 1 
ATOM   218  C  CE1 . TYR A 1 25  ? 3.284   -16.385 -9.842  1.00 18.32 ? 25   TYR A CE1 1 
ATOM   219  C  CE2 . TYR A 1 25  ? 1.012   -17.101 -9.626  1.00 15.77 ? 25   TYR A CE2 1 
ATOM   220  C  CZ  . TYR A 1 25  ? 2.342   -17.391 -9.798  1.00 17.51 ? 25   TYR A CZ  1 
ATOM   221  O  OH  . TYR A 1 25  ? 2.751   -18.707 -9.916  1.00 20.60 ? 25   TYR A OH  1 
ATOM   222  N  N   . THR A 1 26  ? 2.532   -10.396 -8.598  1.00 13.07 ? 26   THR A N   1 
ATOM   223  C  CA  . THR A 1 26  ? 2.640   -8.944  -8.545  1.00 13.57 ? 26   THR A CA  1 
ATOM   224  C  C   . THR A 1 26  ? 3.585   -8.488  -9.662  1.00 13.62 ? 26   THR A C   1 
ATOM   225  O  O   . THR A 1 26  ? 4.332   -9.283  -10.223 1.00 14.13 ? 26   THR A O   1 
ATOM   226  C  CB  . THR A 1 26  ? 3.201   -8.540  -7.151  1.00 13.52 ? 26   THR A CB  1 
ATOM   227  O  OG1 . THR A 1 26  ? 2.303   -9.016  -6.137  1.00 14.92 ? 26   THR A OG1 1 
ATOM   228  C  CG2 . THR A 1 26  ? 3.364   -7.018  -6.994  1.00 13.74 ? 26   THR A CG2 1 
ATOM   229  N  N   . ILE A 1 27  ? 3.548   -7.207  -10.007 1.00 12.66 ? 27   ILE A N   1 
ATOM   230  C  CA  . ILE A 1 27  ? 4.507   -6.666  -10.970 1.00 13.89 ? 27   ILE A CA  1 
ATOM   231  C  C   . ILE A 1 27  ? 4.686   -5.179  -10.713 1.00 14.20 ? 27   ILE A C   1 
ATOM   232  O  O   . ILE A 1 27  ? 3.882   -4.563  -10.009 1.00 14.15 ? 27   ILE A O   1 
ATOM   233  C  CB  . ILE A 1 27  ? 4.044   -6.906  -12.432 1.00 13.82 ? 27   ILE A CB  1 
ATOM   234  C  CG1 . ILE A 1 27  ? 5.224   -6.786  -13.414 1.00 14.97 ? 27   ILE A CG1 1 
ATOM   235  C  CG2 . ILE A 1 27  ? 2.892   -5.963  -12.802 1.00 15.32 ? 27   ILE A CG2 1 
ATOM   236  C  CD1 . ILE A 1 27  ? 4.944   -7.390  -14.794 1.00 16.35 ? 27   ILE A CD1 1 
ATOM   237  N  N   . GLY A 1 28  ? 5.742   -4.603  -11.267 1.00 13.87 ? 28   GLY A N   1 
ATOM   238  C  CA  . GLY A 1 28  ? 5.893   -3.157  -11.263 1.00 13.61 ? 28   GLY A CA  1 
ATOM   239  C  C   . GLY A 1 28  ? 6.277   -2.651  -9.890  1.00 14.20 ? 28   GLY A C   1 
ATOM   240  O  O   . GLY A 1 28  ? 7.214   -3.154  -9.282  1.00 14.74 ? 28   GLY A O   1 
ATOM   241  N  N   . ILE A 1 29  ? 5.560   -1.632  -9.427  1.00 13.46 ? 29   ILE A N   1 
ATOM   242  C  CA  . ILE A 1 29  ? 5.784   -1.064  -8.109  1.00 13.34 ? 29   ILE A CA  1 
ATOM   243  C  C   . ILE A 1 29  ? 4.667   -1.571  -7.200  1.00 13.55 ? 29   ILE A C   1 
ATOM   244  O  O   . ILE A 1 29  ? 3.700   -0.854  -6.889  1.00 14.75 ? 29   ILE A O   1 
ATOM   245  C  CB  . ILE A 1 29  ? 5.846   0.483   -8.172  1.00 13.92 ? 29   ILE A CB  1 
ATOM   246  C  CG1 . ILE A 1 29  ? 6.905   0.896   -9.196  1.00 13.95 ? 29   ILE A CG1 1 
ATOM   247  C  CG2 . ILE A 1 29  ? 6.159   1.079   -6.809  1.00 14.05 ? 29   ILE A CG2 1 
ATOM   248  C  CD1 . ILE A 1 29  ? 6.815   2.361   -9.636  1.00 16.35 ? 29   ILE A CD1 1 
ATOM   249  N  N   . GLY A 1 30  ? 4.785   -2.833  -6.798  1.00 13.16 ? 30   GLY A N   1 
ATOM   250  C  CA  . GLY A 1 30  ? 3.808   -3.422  -5.896  1.00 15.84 ? 30   GLY A CA  1 
ATOM   251  C  C   . GLY A 1 30  ? 2.395   -3.531  -6.448  1.00 13.48 ? 30   GLY A C   1 
ATOM   252  O  O   . GLY A 1 30  ? 1.422   -3.489  -5.677  1.00 16.11 ? 30   GLY A O   1 
ATOM   253  N  N   . HIS A 1 31  ? 2.262   -3.690  -7.767  1.00 13.11 ? 31   HIS A N   1 
ATOM   254  C  CA  . HIS A 1 31  ? 0.940   -3.911  -8.342  1.00 13.69 ? 31   HIS A CA  1 
ATOM   255  C  C   . HIS A 1 31  ? 0.480   -5.363  -8.189  1.00 14.29 ? 31   HIS A C   1 
ATOM   256  O  O   . HIS A 1 31  ? 0.908   -6.234  -8.931  1.00 14.96 ? 31   HIS A O   1 
ATOM   257  C  CB  . HIS A 1 31  ? 0.876   -3.494  -9.817  1.00 14.62 ? 31   HIS A CB  1 
ATOM   258  C  CG  . HIS A 1 31  ? -0.494  -3.642  -10.402 1.00 14.06 ? 31   HIS A CG  1 
ATOM   259  N  ND1 . HIS A 1 31  ? -1.478  -2.692  -10.222 1.00 16.45 ? 31   HIS A ND1 1 
ATOM   260  C  CD2 . HIS A 1 31  ? -1.064  -4.649  -11.109 1.00 16.23 ? 31   HIS A CD2 1 
ATOM   261  C  CE1 . HIS A 1 31  ? -2.591  -3.100  -10.809 1.00 16.53 ? 31   HIS A CE1 1 
ATOM   262  N  NE2 . HIS A 1 31  ? -2.366  -4.282  -11.355 1.00 17.60 ? 31   HIS A NE2 1 
ATOM   263  N  N   . LEU A 1 32  ? -0.400  -5.613  -7.228  1.00 13.96 ? 32   LEU A N   1 
ATOM   264  C  CA  . LEU A 1 32  ? -0.950  -6.948  -7.026  1.00 14.10 ? 32   LEU A CA  1 
ATOM   265  C  C   . LEU A 1 32  ? -1.780  -7.351  -8.239  1.00 15.03 ? 32   LEU A C   1 
ATOM   266  O  O   . LEU A 1 32  ? -2.675  -6.610  -8.663  1.00 16.00 ? 32   LEU A O   1 
ATOM   267  C  CB  . LEU A 1 32  ? -1.823  -6.955  -5.773  1.00 13.97 ? 32   LEU A CB  1 
ATOM   268  C  CG  . LEU A 1 32  ? -2.530  -8.280  -5.482  1.00 17.49 ? 32   LEU A CG  1 
ATOM   269  C  CD1 . LEU A 1 32  ? -1.508  -9.369  -5.212  1.00 17.24 ? 32   LEU A CD1 1 
ATOM   270  C  CD2 . LEU A 1 32  ? -3.462  -8.117  -4.283  1.00 20.38 ? 32   LEU A CD2 1 
ATOM   271  N  N   . LEU A 1 33  ? -1.493  -8.522  -8.794  1.00 13.66 ? 33   LEU A N   1 
ATOM   272  C  CA  . LEU A 1 33  ? -2.237  -8.990  -9.973  1.00 14.42 ? 33   LEU A CA  1 
ATOM   273  C  C   . LEU A 1 33  ? -3.420  -9.896  -9.597  1.00 16.50 ? 33   LEU A C   1 
ATOM   274  O  O   . LEU A 1 33  ? -4.528  -9.751  -10.131 1.00 17.00 ? 33   LEU A O   1 
ATOM   275  C  CB  . LEU A 1 33  ? -1.312  -9.721  -10.951 1.00 14.91 ? 33   LEU A CB  1 
ATOM   276  C  CG  . LEU A 1 33  ? -0.331  -8.820  -11.692 1.00 13.92 ? 33   LEU A CG  1 
ATOM   277  C  CD1 . LEU A 1 33  ? 0.796   -9.617  -12.355 1.00 16.00 ? 33   LEU A CD1 1 
ATOM   278  C  CD2 . LEU A 1 33  ? -1.072  -7.962  -12.725 1.00 15.78 ? 33   LEU A CD2 1 
ATOM   279  N  N   . THR A 1 34  ? -3.178  -10.834 -8.684  1.00 15.00 ? 34   THR A N   1 
ATOM   280  C  CA  . THR A 1 34  ? -4.196  -11.799 -8.292  1.00 14.02 ? 34   THR A CA  1 
ATOM   281  C  C   . THR A 1 34  ? -3.716  -12.541 -7.054  1.00 17.90 ? 34   THR A C   1 
ATOM   282  O  O   . THR A 1 34  ? -2.516  -12.611 -6.805  1.00 16.85 ? 34   THR A O   1 
ATOM   283  C  CB  . THR A 1 34  ? -4.475  -12.814 -9.439  1.00 17.90 ? 34   THR A CB  1 
ATOM   284  O  OG1 . THR A 1 34  ? -5.532  -13.710 -9.054  1.00 19.14 ? 34   THR A OG1 1 
ATOM   285  C  CG2 . THR A 1 34  ? -3.230  -13.617 -9.772  1.00 18.33 ? 34   THR A CG2 1 
ATOM   286  N  N   . LYS A 1 35  ? -4.658  -13.066 -6.275  1.00 18.27 ? 35   LYS A N   1 
ATOM   287  C  CA  . LYS A 1 35  ? -4.323  -13.957 -5.172  1.00 17.56 ? 35   LYS A CA  1 
ATOM   288  C  C   . LYS A 1 35  ? -4.388  -15.417 -5.618  1.00 17.97 ? 35   LYS A C   1 
ATOM   289  O  O   . LYS A 1 35  ? -4.049  -16.325 -4.859  1.00 21.45 ? 35   LYS A O   1 
ATOM   290  C  CB  . LYS A 1 35  ? -5.243  -13.706 -3.967  1.00 18.56 ? 35   LYS A CB  1 
ATOM   291  C  CG  . LYS A 1 35  ? -5.087  -12.305 -3.408  1.00 21.68 ? 35   LYS A CG  1 
ATOM   292  C  CD  . LYS A 1 35  ? -5.821  -12.091 -2.090  1.00 24.44 ? 35   LYS A CD  1 
ATOM   293  C  CE  . LYS A 1 35  ? -5.663  -10.640 -1.684  1.00 25.70 ? 35   LYS A CE  1 
ATOM   294  N  NZ  . LYS A 1 35  ? -6.228  -10.330 -0.343  1.00 34.73 ? 35   LYS A NZ  1 
ATOM   295  N  N   . SER A 1 36  ? -4.802  -15.635 -6.864  1.00 19.39 ? 36   SER A N   1 
ATOM   296  C  CA  . SER A 1 36  ? -4.832  -16.978 -7.434  1.00 21.06 ? 36   SER A CA  1 
ATOM   297  C  C   . SER A 1 36  ? -3.426  -17.568 -7.584  1.00 18.69 ? 36   SER A C   1 
ATOM   298  O  O   . SER A 1 36  ? -2.488  -16.865 -7.935  1.00 19.01 ? 36   SER A O   1 
ATOM   299  C  CB  . SER A 1 36  ? -5.516  -16.951 -8.804  1.00 19.31 ? 36   SER A CB  1 
ATOM   300  O  OG  . SER A 1 36  ? -5.361  -18.194 -9.472  1.00 23.44 ? 36   SER A OG  1 
ATOM   301  N  N   . PRO A 1 37  ? -3.278  -18.874 -7.316  1.00 21.95 ? 37   PRO A N   1 
ATOM   302  C  CA  . PRO A 1 37  ? -1.966  -19.508 -7.518  1.00 19.68 ? 37   PRO A CA  1 
ATOM   303  C  C   . PRO A 1 37  ? -1.656  -19.768 -8.988  1.00 19.84 ? 37   PRO A C   1 
ATOM   304  O  O   . PRO A 1 37  ? -0.600  -20.304 -9.306  1.00 22.82 ? 37   PRO A O   1 
ATOM   305  C  CB  . PRO A 1 37  ? -2.087  -20.851 -6.780  1.00 23.08 ? 37   PRO A CB  1 
ATOM   306  C  CG  . PRO A 1 37  ? -3.495  -20.945 -6.286  1.00 30.25 ? 37   PRO A CG  1 
ATOM   307  C  CD  . PRO A 1 37  ? -4.298  -19.808 -6.820  1.00 22.54 ? 37   PRO A CD  1 
ATOM   308  N  N   . SER A 1 38  ? -2.564  -19.389 -9.882  1.00 19.79 ? 38   SER A N   1 
ATOM   309  C  CA  . SER A 1 38  ? -2.370  -19.648 -11.302 1.00 19.46 ? 38   SER A CA  1 
ATOM   310  C  C   . SER A 1 38  ? -1.573  -18.533 -11.969 1.00 18.78 ? 38   SER A C   1 
ATOM   311  O  O   . SER A 1 38  ? -2.036  -17.387 -12.029 1.00 17.84 ? 38   SER A O   1 
ATOM   312  C  CB  . SER A 1 38  ? -3.721  -19.768 -12.002 1.00 20.30 ? 38   SER A CB  1 
ATOM   313  O  OG  . SER A 1 38  ? -3.561  -19.774 -13.402 1.00 21.60 ? 38   SER A OG  1 
ATOM   314  N  N   . LEU A 1 39  ? -0.387  -18.862 -12.467 1.00 19.83 ? 39   LEU A N   1 
ATOM   315  C  CA  . LEU A 1 39  ? 0.401   -17.890 -13.209 1.00 17.89 ? 39   LEU A CA  1 
ATOM   316  C  C   . LEU A 1 39  ? -0.350  -17.411 -14.456 1.00 17.71 ? 39   LEU A C   1 
ATOM   317  O  O   . LEU A 1 39  ? -0.270  -16.242 -14.827 1.00 20.14 ? 39   LEU A O   1 
ATOM   318  C  CB  . LEU A 1 39  ? 1.788   -18.453 -13.569 1.00 19.82 ? 39   LEU A CB  1 
ATOM   319  C  CG  . LEU A 1 39  ? 2.698   -17.532 -14.390 1.00 19.34 ? 39   LEU A CG  1 
ATOM   320  C  CD1 . LEU A 1 39  ? 2.955   -16.215 -13.649 1.00 21.12 ? 39   LEU A CD1 1 
ATOM   321  C  CD2 . LEU A 1 39  ? 4.010   -18.243 -14.700 1.00 22.39 ? 39   LEU A CD2 1 
ATOM   322  N  N   . ASN A 1 40  ? -1.085  -18.306 -15.112 1.00 17.60 ? 40   ASN A N   1 
ATOM   323  C  CA  . ASN A 1 40  ? -1.869  -17.885 -16.266 1.00 17.83 ? 40   ASN A CA  1 
ATOM   324  C  C   . ASN A 1 40  ? -2.929  -16.851 -15.876 1.00 17.39 ? 40   ASN A C   1 
ATOM   325  O  O   . ASN A 1 40  ? -3.168  -15.894 -16.610 1.00 18.70 ? 40   ASN A O   1 
ATOM   326  C  CB  . ASN A 1 40  ? -2.517  -19.088 -16.966 1.00 23.04 ? 40   ASN A CB  1 
ATOM   327  C  CG  . ASN A 1 40  ? -1.515  -19.908 -17.760 1.00 29.75 ? 40   ASN A CG  1 
ATOM   328  O  OD1 . ASN A 1 40  ? -0.619  -19.363 -18.407 1.00 33.72 ? 40   ASN A OD1 1 
ATOM   329  N  ND2 . ASN A 1 40  ? -1.665  -21.227 -17.717 1.00 41.24 ? 40   ASN A ND2 1 
ATOM   330  N  N   . ALA A 1 41  ? -3.571  -17.056 -14.731 1.00 17.11 ? 41   ALA A N   1 
ATOM   331  C  CA  . ALA A 1 41  ? -4.522  -16.078 -14.223 1.00 16.37 ? 41   ALA A CA  1 
ATOM   332  C  C   . ALA A 1 41  ? -3.854  -14.717 -14.002 1.00 15.85 ? 41   ALA A C   1 
ATOM   333  O  O   . ALA A 1 41  ? -4.404  -13.678 -14.361 1.00 15.97 ? 41   ALA A O   1 
ATOM   334  C  CB  . ALA A 1 41  ? -5.182  -16.579 -12.935 1.00 17.68 ? 41   ALA A CB  1 
ATOM   335  N  N   . ALA A 1 42  ? -2.662  -14.733 -13.404 1.00 15.40 ? 42   ALA A N   1 
ATOM   336  C  CA  . ALA A 1 42  ? -1.906  -13.501 -13.180 1.00 15.77 ? 42   ALA A CA  1 
ATOM   337  C  C   . ALA A 1 42  ? -1.539  -12.810 -14.482 1.00 15.54 ? 42   ALA A C   1 
ATOM   338  O  O   . ALA A 1 42  ? -1.620  -11.576 -14.593 1.00 15.49 ? 42   ALA A O   1 
ATOM   339  C  CB  . ALA A 1 42  ? -0.648  -13.801 -12.375 1.00 16.29 ? 42   ALA A CB  1 
ATOM   340  N  N   . LYS A 1 43  ? -1.131  -13.598 -15.476 1.00 15.17 ? 43   LYS A N   1 
ATOM   341  C  CA  A LYS A 1 43  ? -0.776  -13.042 -16.776 0.49 16.17 ? 43   LYS A CA  1 
ATOM   342  C  CA  B LYS A 1 43  ? -0.767  -13.051 -16.771 0.51 16.17 ? 43   LYS A CA  1 
ATOM   343  C  C   . LYS A 1 43  ? -1.986  -12.408 -17.449 1.00 15.69 ? 43   LYS A C   1 
ATOM   344  O  O   . LYS A 1 43  ? -1.877  -11.360 -18.066 1.00 16.03 ? 43   LYS A O   1 
ATOM   345  C  CB  A LYS A 1 43  ? -0.161  -14.108 -17.678 0.49 18.30 ? 43   LYS A CB  1 
ATOM   346  C  CB  B LYS A 1 43  ? -0.146  -14.146 -17.634 0.51 18.31 ? 43   LYS A CB  1 
ATOM   347  C  CG  A LYS A 1 43  ? 1.283   -14.429 -17.348 0.49 18.67 ? 43   LYS A CG  1 
ATOM   348  C  CG  B LYS A 1 43  ? 0.709   -13.643 -18.773 0.51 19.74 ? 43   LYS A CG  1 
ATOM   349  C  CD  A LYS A 1 43  ? 1.808   -15.509 -18.273 0.49 18.55 ? 43   LYS A CD  1 
ATOM   350  C  CD  B LYS A 1 43  ? -0.148  -13.377 -19.983 0.51 21.64 ? 43   LYS A CD  1 
ATOM   351  C  CE  A LYS A 1 43  ? 3.252   -15.854 -17.969 0.49 20.96 ? 43   LYS A CE  1 
ATOM   352  C  CE  B LYS A 1 43  ? 0.682   -13.217 -21.233 0.51 21.53 ? 43   LYS A CE  1 
ATOM   353  N  NZ  A LYS A 1 43  ? 3.770   -16.822 -18.976 0.49 22.40 ? 43   LYS A NZ  1 
ATOM   354  N  NZ  B LYS A 1 43  ? -0.177  -12.759 -22.345 0.51 17.90 ? 43   LYS A NZ  1 
ATOM   355  N  N   . SER A 1 44  ? -3.155  -13.032 -17.308 1.00 16.39 ? 44   SER A N   1 
ATOM   356  C  CA  A SER A 1 44  ? -4.382  -12.467 -17.871 0.55 16.64 ? 44   SER A CA  1 
ATOM   357  C  CA  B SER A 1 44  ? -4.375  -12.458 -17.877 0.45 16.64 ? 44   SER A CA  1 
ATOM   358  C  C   . SER A 1 44  ? -4.710  -11.132 -17.209 1.00 16.37 ? 44   SER A C   1 
ATOM   359  O  O   . SER A 1 44  ? -5.098  -10.163 -17.879 1.00 16.14 ? 44   SER A O   1 
ATOM   360  C  CB  A SER A 1 44  ? -5.545  -13.441 -17.699 0.55 16.47 ? 44   SER A CB  1 
ATOM   361  C  CB  B SER A 1 44  ? -5.555  -13.411 -17.732 0.45 16.50 ? 44   SER A CB  1 
ATOM   362  O  OG  A SER A 1 44  ? -5.392  -14.566 -18.552 0.55 22.04 ? 44   SER A OG  1 
ATOM   363  O  OG  B SER A 1 44  ? -6.711  -12.853 -18.338 0.45 16.84 ? 44   SER A OG  1 
ATOM   364  N  N   . GLU A 1 45  ? -4.560  -11.080 -15.887 1.00 15.55 ? 45   GLU A N   1 
ATOM   365  C  CA  . GLU A 1 45  ? -4.773  -9.820  -15.186 1.00 14.13 ? 45   GLU A CA  1 
ATOM   366  C  C   . GLU A 1 45  ? -3.824  -8.744  -15.695 1.00 15.67 ? 45   GLU A C   1 
ATOM   367  O  O   . GLU A 1 45  ? -4.209  -7.579  -15.842 1.00 16.85 ? 45   GLU A O   1 
ATOM   368  C  CB  . GLU A 1 45  ? -4.606  -10.004 -13.675 1.00 14.94 ? 45   GLU A CB  1 
ATOM   369  C  CG  . GLU A 1 45  ? -5.762  -10.747 -13.040 1.00 16.71 ? 45   GLU A CG  1 
ATOM   370  C  CD  . GLU A 1 45  ? -7.101  -10.087 -13.332 1.00 20.12 ? 45   GLU A CD  1 
ATOM   371  O  OE1 . GLU A 1 45  ? -7.303  -8.925  -12.920 1.00 17.94 ? 45   GLU A OE1 1 
ATOM   372  O  OE2 . GLU A 1 45  ? -7.945  -10.732 -13.995 1.00 21.14 ? 45   GLU A OE2 1 
ATOM   373  N  N   . LEU A 1 46  ? -2.578  -9.131  -15.960 1.00 14.07 ? 46   LEU A N   1 
ATOM   374  C  CA  . LEU A 1 46  ? -1.590  -8.180  -16.451 1.00 15.25 ? 46   LEU A CA  1 
ATOM   375  C  C   . LEU A 1 46  ? -1.980  -7.631  -17.814 1.00 13.36 ? 46   LEU A C   1 
ATOM   376  O  O   . LEU A 1 46  ? -1.939  -6.412  -18.042 1.00 15.31 ? 46   LEU A O   1 
ATOM   377  C  CB  . LEU A 1 46  ? -0.202  -8.826  -16.504 1.00 15.58 ? 46   LEU A CB  1 
ATOM   378  C  CG  . LEU A 1 46  ? 0.923   -7.899  -16.988 1.00 15.71 ? 46   LEU A CG  1 
ATOM   379  C  CD1 . LEU A 1 46  ? 1.018   -6.620  -16.141 1.00 16.80 ? 46   LEU A CD1 1 
ATOM   380  C  CD2 . LEU A 1 46  ? 2.247   -8.641  -16.989 1.00 16.38 ? 46   LEU A CD2 1 
ATOM   381  N  N   . ASP A 1 47  ? -2.380  -8.516  -18.716 1.00 14.44 ? 47   ASP A N   1 
ATOM   382  C  CA  . ASP A 1 47  ? -2.773  -8.089  -20.059 1.00 13.95 ? 47   ASP A CA  1 
ATOM   383  C  C   . ASP A 1 47  ? -3.945  -7.108  -19.982 1.00 14.81 ? 47   ASP A C   1 
ATOM   384  O  O   . ASP A 1 47  ? -3.971  -6.106  -20.690 1.00 15.77 ? 47   ASP A O   1 
ATOM   385  C  CB  . ASP A 1 47  ? -3.186  -9.296  -20.911 1.00 15.70 ? 47   ASP A CB  1 
ATOM   386  C  CG  . ASP A 1 47  ? -2.044  -10.266 -21.167 1.00 19.52 ? 47   ASP A CG  1 
ATOM   387  O  OD1 . ASP A 1 47  ? -0.871  -9.902  -20.959 1.00 21.30 ? 47   ASP A OD1 1 
ATOM   388  O  OD2 . ASP A 1 47  ? -2.344  -11.400 -21.580 1.00 24.50 ? 47   ASP A OD2 1 
ATOM   389  N  N   . LYS A 1 48  ? -4.911  -7.409  -19.114 1.00 15.14 ? 48   LYS A N   1 
ATOM   390  C  CA  . LYS A 1 48  ? -6.089  -6.554  -18.939 1.00 14.96 ? 48   LYS A CA  1 
ATOM   391  C  C   . LYS A 1 48  ? -5.695  -5.189  -18.372 1.00 14.08 ? 48   LYS A C   1 
ATOM   392  O  O   . LYS A 1 48  ? -6.209  -4.154  -18.797 1.00 14.47 ? 48   LYS A O   1 
ATOM   393  C  CB  . LYS A 1 48  ? -7.104  -7.259  -18.031 1.00 15.46 ? 48   LYS A CB  1 
ATOM   394  C  CG  . LYS A 1 48  ? -8.311  -6.422  -17.617 1.00 17.22 ? 48   LYS A CG  1 
ATOM   395  C  CD  . LYS A 1 48  ? -9.430  -7.260  -16.971 1.00 16.62 ? 48   LYS A CD  1 
ATOM   396  C  CE  . LYS A 1 48  ? -8.959  -8.084  -15.783 1.00 18.07 ? 48   LYS A CE  1 
ATOM   397  N  NZ  . LYS A 1 48  ? -9.017  -7.336  -14.496 1.00 17.46 ? 48   LYS A NZ  1 
ATOM   398  N  N   . ALA A 1 49  ? -4.787  -5.187  -17.399 1.00 14.58 ? 49   ALA A N   1 
ATOM   399  C  CA  . ALA A 1 49  ? -4.336  -3.936  -16.795 1.00 15.18 ? 49   ALA A CA  1 
ATOM   400  C  C   . ALA A 1 49  ? -3.556  -3.033  -17.758 1.00 16.13 ? 49   ALA A C   1 
ATOM   401  O  O   . ALA A 1 49  ? -3.693  -1.808  -17.717 1.00 16.11 ? 49   ALA A O   1 
ATOM   402  C  CB  . ALA A 1 49  ? -3.500  -4.225  -15.571 1.00 15.11 ? 49   ALA A CB  1 
ATOM   403  N  N   . ILE A 1 50  ? -2.740  -3.638  -18.618 1.00 15.73 ? 50   ILE A N   1 
ATOM   404  C  CA  . ILE A 1 50  ? -1.873  -2.884  -19.521 1.00 16.06 ? 50   ILE A CA  1 
ATOM   405  C  C   . ILE A 1 50  ? -2.567  -2.589  -20.846 1.00 17.30 ? 50   ILE A C   1 
ATOM   406  O  O   . ILE A 1 50  ? -2.277  -1.592  -21.509 1.00 20.42 ? 50   ILE A O   1 
ATOM   407  C  CB  . ILE A 1 50  ? -0.561  -3.668  -19.793 1.00 18.80 ? 50   ILE A CB  1 
ATOM   408  C  CG1 . ILE A 1 50  ? 0.215   -3.857  -18.486 1.00 18.61 ? 50   ILE A CG1 1 
ATOM   409  C  CG2 . ILE A 1 50  ? 0.299   -2.970  -20.870 1.00 20.21 ? 50   ILE A CG2 1 
ATOM   410  C  CD1 . ILE A 1 50  ? 0.771   -2.550  -17.911 1.00 22.42 ? 50   ILE A CD1 1 
ATOM   411  N  N   . GLY A 1 51  ? -3.488  -3.463  -21.230 1.00 16.25 ? 51   GLY A N   1 
ATOM   412  C  CA  . GLY A 1 51  ? -4.187  -3.309  -22.495 1.00 16.38 ? 51   GLY A CA  1 
ATOM   413  C  C   . GLY A 1 51  ? -3.465  -3.864  -23.705 1.00 18.37 ? 51   GLY A C   1 
ATOM   414  O  O   . GLY A 1 51  ? -3.687  -3.415  -24.835 1.00 22.07 ? 51   GLY A O   1 
ATOM   415  N  N   . ARG A 1 52  ? -2.616  -4.861  -23.480 1.00 18.27 ? 52   ARG A N   1 
ATOM   416  C  CA  . ARG A 1 52  ? -1.960  -5.580  -24.563 1.00 20.24 ? 52   ARG A CA  1 
ATOM   417  C  C   . ARG A 1 52  ? -1.577  -6.982  -24.116 1.00 19.64 ? 52   ARG A C   1 
ATOM   418  O  O   . ARG A 1 52  ? -1.594  -7.315  -22.915 1.00 17.50 ? 52   ARG A O   1 
ATOM   419  C  CB  . ARG A 1 52  ? -0.723  -4.822  -25.065 1.00 19.93 ? 52   ARG A CB  1 
ATOM   420  C  CG  . ARG A 1 52  ? 0.416   -4.775  -24.076 1.00 18.33 ? 52   ARG A CG  1 
ATOM   421  C  CD  . ARG A 1 52  ? 1.577   -3.878  -24.544 1.00 20.84 ? 52   ARG A CD  1 
ATOM   422  N  NE  . ARG A 1 52  ? 2.593   -3.826  -23.494 1.00 17.92 ? 52   ARG A NE  1 
ATOM   423  C  CZ  . ARG A 1 52  ? 3.467   -4.801  -23.255 1.00 18.71 ? 52   ARG A CZ  1 
ATOM   424  N  NH1 . ARG A 1 52  ? 3.479   -5.898  -24.008 1.00 21.74 ? 52   ARG A NH1 1 
ATOM   425  N  NH2 . ARG A 1 52  ? 4.332   -4.683  -22.256 1.00 18.65 ? 52   ARG A NH2 1 
ATOM   426  N  N   . ASN A 1 53  ? -1.257  -7.813  -25.097 1.00 19.45 ? 53   ASN A N   1 
ATOM   427  C  CA  . ASN A 1 53  ? -0.825  -9.168  -24.837 1.00 20.97 ? 53   ASN A CA  1 
ATOM   428  C  C   . ASN A 1 53  ? 0.629   -9.072  -24.409 1.00 22.53 ? 53   ASN A C   1 
ATOM   429  O  O   . ASN A 1 53  ? 1.508   -8.842  -25.238 1.00 24.33 ? 53   ASN A O   1 
ATOM   430  C  CB  . ASN A 1 53  ? -0.959  -9.985  -26.131 1.00 22.77 ? 53   ASN A CB  1 
ATOM   431  C  CG  . ASN A 1 53  ? -1.037  -11.480 -25.889 1.00 30.18 ? 53   ASN A CG  1 
ATOM   432  O  OD1 . ASN A 1 53  ? -0.670  -11.976 -24.831 1.00 29.59 ? 53   ASN A OD1 1 
ATOM   433  N  ND2 . ASN A 1 53  ? -1.519  -12.212 -26.891 1.00 30.94 ? 53   ASN A ND2 1 
ATOM   434  N  N   . THR A 1 54  ? 0.889   -9.204  -23.113 1.00 19.86 ? 54   THR A N   1 
ATOM   435  C  CA  . THR A 1 54  ? 2.248   -9.084  -22.616 1.00 19.70 ? 54   THR A CA  1 
ATOM   436  C  C   . THR A 1 54  ? 2.902   -10.458 -22.576 1.00 27.35 ? 54   THR A C   1 
ATOM   437  O  O   . THR A 1 54  ? 2.248   -11.475 -22.804 1.00 28.95 ? 54   THR A O   1 
ATOM   438  C  CB  . THR A 1 54  ? 2.269   -8.534  -21.184 1.00 21.52 ? 54   THR A CB  1 
ATOM   439  O  OG1 . THR A 1 54  ? 1.790   -9.540  -20.283 1.00 23.76 ? 54   THR A OG1 1 
ATOM   440  C  CG2 . THR A 1 54  ? 1.397   -7.294  -21.065 1.00 20.00 ? 54   THR A CG2 1 
ATOM   441  N  N   . ASN A 1 55  ? 4.194   -10.494 -22.289 1.00 21.48 ? 55   ASN A N   1 
ATOM   442  C  CA  . ASN A 1 55  ? 4.837   -11.786 -22.060 1.00 26.06 ? 55   ASN A CA  1 
ATOM   443  C  C   . ASN A 1 55  ? 5.090   -11.984 -20.564 1.00 24.90 ? 55   ASN A C   1 
ATOM   444  O  O   . ASN A 1 55  ? 5.983   -12.724 -20.178 1.00 24.42 ? 55   ASN A O   1 
ATOM   445  C  CB  . ASN A 1 55  ? 6.142   -11.925 -22.863 1.00 26.12 ? 55   ASN A CB  1 
ATOM   446  C  CG  . ASN A 1 55  ? 7.180   -10.912 -22.460 1.00 26.23 ? 55   ASN A CG  1 
ATOM   447  O  OD1 . ASN A 1 55  ? 6.854   -9.879  -21.874 1.00 26.23 ? 55   ASN A OD1 1 
ATOM   448  N  ND2 . ASN A 1 55  ? 8.441   -11.194 -22.768 1.00 24.86 ? 55   ASN A ND2 1 
ATOM   449  N  N   . GLY A 1 56  ? 4.300   -11.314 -19.725 1.00 21.96 ? 56   GLY A N   1 
ATOM   450  C  CA  . GLY A 1 56  ? 4.576   -11.290 -18.296 1.00 18.71 ? 56   GLY A CA  1 
ATOM   451  C  C   . GLY A 1 56  ? 5.654   -10.271 -17.933 1.00 17.00 ? 56   GLY A C   1 
ATOM   452  O  O   . GLY A 1 56  ? 6.155   -10.270 -16.801 1.00 16.55 ? 56   GLY A O   1 
ATOM   453  N  N   . VAL A 1 57  ? 6.020   -9.421  -18.895 1.00 17.42 ? 57   VAL A N   1 
ATOM   454  C  CA  . VAL A 1 57  ? 7.043   -8.398  -18.706 1.00 15.77 ? 57   VAL A CA  1 
ATOM   455  C  C   . VAL A 1 57  ? 6.502   -7.063  -19.200 1.00 16.91 ? 57   VAL A C   1 
ATOM   456  O  O   . VAL A 1 57  ? 5.849   -7.002  -20.245 1.00 19.89 ? 57   VAL A O   1 
ATOM   457  C  CB  . VAL A 1 57  ? 8.341   -8.732  -19.498 1.00 19.49 ? 57   VAL A CB  1 
ATOM   458  C  CG1 . VAL A 1 57  ? 9.430   -7.684  -19.231 1.00 22.78 ? 57   VAL A CG1 1 
ATOM   459  C  CG2 . VAL A 1 57  ? 8.835   -10.146 -19.147 1.00 21.20 ? 57   VAL A CG2 1 
ATOM   460  N  N   . ILE A 1 58  ? 6.748   -6.002  -18.437 1.00 16.45 ? 58   ILE A N   1 
ATOM   461  C  CA  . ILE A 1 58  ? 6.318   -4.659  -18.810 1.00 15.32 ? 58   ILE A CA  1 
ATOM   462  C  C   . ILE A 1 58  ? 7.513   -3.715  -18.804 1.00 14.22 ? 58   ILE A C   1 
ATOM   463  O  O   . ILE A 1 58  ? 8.609   -4.075  -18.358 1.00 17.66 ? 58   ILE A O   1 
ATOM   464  C  CB  . ILE A 1 58  ? 5.226   -4.119  -17.847 1.00 15.08 ? 58   ILE A CB  1 
ATOM   465  C  CG1 . ILE A 1 58  ? 5.753   -4.065  -16.412 1.00 15.72 ? 58   ILE A CG1 1 
ATOM   466  C  CG2 . ILE A 1 58  ? 3.984   -4.995  -17.932 1.00 16.71 ? 58   ILE A CG2 1 
ATOM   467  C  CD1 . ILE A 1 58  ? 4.747   -3.450  -15.421 1.00 17.77 ? 58   ILE A CD1 1 
ATOM   468  N  N   . THR A 1 59  ? 7.297   -2.512  -19.319 1.00 16.25 ? 59   THR A N   1 
ATOM   469  C  CA  . THR A 1 59  ? 8.332   -1.493  -19.316 1.00 17.78 ? 59   THR A CA  1 
ATOM   470  C  C   . THR A 1 59  ? 8.245   -0.673  -18.033 1.00 16.51 ? 59   THR A C   1 
ATOM   471  O  O   . THR A 1 59  ? 7.239   -0.734  -17.312 1.00 17.17 ? 59   THR A O   1 
ATOM   472  C  CB  . THR A 1 59  ? 8.155   -0.531  -20.509 1.00 18.20 ? 59   THR A CB  1 
ATOM   473  O  OG1 . THR A 1 59  ? 6.961   0.236   -20.319 1.00 19.52 ? 59   THR A OG1 1 
ATOM   474  C  CG2 . THR A 1 59  ? 8.050   -1.307  -21.837 1.00 20.11 ? 59   THR A CG2 1 
ATOM   475  N  N   . LYS A 1 60  ? 9.292   0.092   -17.740 1.00 17.15 ? 60   LYS A N   1 
ATOM   476  C  CA  . LYS A 1 60  ? 9.275   0.976   -16.581 1.00 18.24 ? 60   LYS A CA  1 
ATOM   477  C  C   . LYS A 1 60  ? 8.133   1.993   -16.669 1.00 17.51 ? 60   LYS A C   1 
ATOM   478  O  O   . LYS A 1 60  ? 7.469   2.274   -15.669 1.00 17.18 ? 60   LYS A O   1 
ATOM   479  C  CB  . LYS A 1 60  ? 10.617  1.692   -16.423 1.00 18.74 ? 60   LYS A CB  1 
ATOM   480  C  CG  . LYS A 1 60  ? 10.659  2.632   -15.242 1.00 22.37 ? 60   LYS A CG  1 
ATOM   481  C  CD  . LYS A 1 60  ? 12.046  3.225   -15.054 1.00 26.37 ? 60   LYS A CD  1 
ATOM   482  C  CE  . LYS A 1 60  ? 12.090  4.087   -13.797 1.00 30.97 ? 60   LYS A CE  1 
ATOM   483  N  NZ  . LYS A 1 60  ? 13.464  4.568   -13.483 1.00 38.78 ? 60   LYS A NZ  1 
ATOM   484  N  N   . ASP A 1 61  ? 7.903   2.540   -17.862 1.00 18.10 ? 61   ASP A N   1 
ATOM   485  C  CA  . ASP A 1 61  ? 6.833   3.509   -18.048 1.00 16.66 ? 61   ASP A CA  1 
ATOM   486  C  C   . ASP A 1 61  ? 5.485   2.864   -17.742 1.00 15.96 ? 61   ASP A C   1 
ATOM   487  O  O   . ASP A 1 61  ? 4.604   3.500   -17.172 1.00 16.58 ? 61   ASP A O   1 
ATOM   488  C  CB  . ASP A 1 61  ? 6.818   4.060   -19.479 1.00 20.06 ? 61   ASP A CB  1 
ATOM   489  C  CG  . ASP A 1 61  ? 7.913   5.091   -19.737 1.00 31.10 ? 61   ASP A CG  1 
ATOM   490  O  OD1 . ASP A 1 61  ? 8.704   5.394   -18.821 1.00 29.57 ? 61   ASP A OD1 1 
ATOM   491  O  OD2 . ASP A 1 61  ? 7.973   5.605   -20.874 1.00 36.05 ? 61   ASP A OD2 1 
ATOM   492  N  N   . GLU A 1 62  ? 5.327   1.599   -18.126 1.00 16.80 ? 62   GLU A N   1 
ATOM   493  C  CA  . GLU A 1 62  ? 4.097   0.873   -17.835 1.00 15.84 ? 62   GLU A CA  1 
ATOM   494  C  C   . GLU A 1 62  ? 3.959   0.615   -16.322 1.00 15.14 ? 62   GLU A C   1 
ATOM   495  O  O   . GLU A 1 62  ? 2.876   0.756   -15.754 1.00 14.03 ? 62   GLU A O   1 
ATOM   496  C  CB  . GLU A 1 62  ? 4.043   -0.444  -18.629 1.00 15.25 ? 62   GLU A CB  1 
ATOM   497  C  CG  . GLU A 1 62  ? 3.742   -0.216  -20.109 1.00 16.45 ? 62   GLU A CG  1 
ATOM   498  C  CD  . GLU A 1 62  ? 3.889   -1.461  -20.970 1.00 18.00 ? 62   GLU A CD  1 
ATOM   499  O  OE1 . GLU A 1 62  ? 4.569   -2.423  -20.563 1.00 17.00 ? 62   GLU A OE1 1 
ATOM   500  O  OE2 . GLU A 1 62  ? 3.328   -1.462  -22.093 1.00 20.61 ? 62   GLU A OE2 1 
ATOM   501  N  N   . ALA A 1 63  ? 5.060   0.259   -15.660 1.00 14.92 ? 63   ALA A N   1 
ATOM   502  C  CA  . ALA A 1 63  ? 5.042   0.088   -14.208 1.00 14.83 ? 63   ALA A CA  1 
ATOM   503  C  C   . ALA A 1 63  ? 4.609   1.389   -13.538 1.00 15.57 ? 63   ALA A C   1 
ATOM   504  O  O   . ALA A 1 63  ? 3.791   1.378   -12.624 1.00 14.47 ? 63   ALA A O   1 
ATOM   505  C  CB  . ALA A 1 63  ? 6.422   -0.339  -13.689 1.00 14.60 ? 63   ALA A CB  1 
ATOM   506  N  N   . GLU A 1 64  ? 5.140   2.513   -14.014 1.00 14.21 ? 64   GLU A N   1 
ATOM   507  C  CA  . GLU A 1 64  ? 4.769   3.803   -13.440 1.00 15.05 ? 64   GLU A CA  1 
ATOM   508  C  C   . GLU A 1 64  ? 3.320   4.158   -13.735 1.00 15.05 ? 64   GLU A C   1 
ATOM   509  O  O   . GLU A 1 64  ? 2.658   4.805   -12.908 1.00 15.09 ? 64   GLU A O   1 
ATOM   510  C  CB  . GLU A 1 64  ? 5.737   4.903   -13.887 1.00 14.36 ? 64   GLU A CB  1 
ATOM   511  C  CG  . GLU A 1 64  ? 7.111   4.725   -13.262 1.00 17.74 ? 64   GLU A CG  1 
ATOM   512  C  CD  . GLU A 1 64  ? 8.169   5.665   -13.815 1.00 24.53 ? 64   GLU A CD  1 
ATOM   513  O  OE1 . GLU A 1 64  ? 7.957   6.253   -14.895 1.00 26.88 ? 64   GLU A OE1 1 
ATOM   514  O  OE2 . GLU A 1 64  ? 9.226   5.794   -13.159 1.00 28.13 ? 64   GLU A OE2 1 
ATOM   515  N  N   . CYS A 1 65  ? 2.809   3.690   -14.872 1.00 14.30 ? 65   CYS A N   1 
ATOM   516  C  CA  . CYS A 1 65  ? 1.423   3.939   -15.219 1.00 16.31 ? 65   CYS A CA  1 
ATOM   517  C  C   . CYS A 1 65  ? 0.480   3.280   -14.198 1.00 15.51 ? 65   CYS A C   1 
ATOM   518  O  O   . CYS A 1 65  ? -0.401  3.870   -13.646 1.00 15.02 ? 65   CYS A O   1 
ATOM   519  C  CB  . CYS A 1 65  ? 1.168   3.318   -16.595 1.00 16.48 ? 65   CYS A CB  1 
ATOM   520  S  SG  . CYS A 1 65  ? -0.553  3.537   -17.189 1.00 20.49 ? 65   CYS A SG  1 
ATOM   521  N  N   . LEU A 1 66  ? 0.700   1.983   -14.010 1.00 15.29 ? 66   LEU A N   1 
ATOM   522  C  CA  . LEU A 1 66  ? -0.079  1.215   -13.041 1.00 13.63 ? 66   LEU A CA  1 
ATOM   523  C  C   . LEU A 1 66  ? 0.053   1.825   -11.640 1.00 12.43 ? 66   LEU A C   1 
ATOM   524  O  O   . LEU A 1 66  ? -0.921  1.914   -10.884 1.00 14.50 ? 66   LEU A O   1 
ATOM   525  C  CB  . LEU A 1 66  ? 0.364   -0.250  -13.015 1.00 15.71 ? 66   LEU A CB  1 
ATOM   526  C  CG  . LEU A 1 66  ? 0.161   -1.072  -14.296 1.00 15.01 ? 66   LEU A CG  1 
ATOM   527  C  CD1 . LEU A 1 66  ? 0.559   -2.529  -14.024 1.00 17.54 ? 66   LEU A CD1 1 
ATOM   528  C  CD2 . LEU A 1 66  ? -1.287  -0.984  -14.788 1.00 18.94 ? 66   LEU A CD2 1 
ATOM   529  N  N   . PHE A 1 67  ? 1.261   2.259   -11.295 1.00 14.06 ? 67   PHE A N   1 
ATOM   530  C  CA  . PHE A 1 67  ? 1.517   2.827   -9.974  1.00 13.61 ? 67   PHE A CA  1 
ATOM   531  C  C   . PHE A 1 67  ? 0.675   4.072   -9.723  1.00 14.58 ? 67   PHE A C   1 
ATOM   532  O  O   . PHE A 1 67  ? 0.067   4.211   -8.650  1.00 13.84 ? 67   PHE A O   1 
ATOM   533  C  CB  . PHE A 1 67  ? 3.008   3.111   -9.833  1.00 12.94 ? 67   PHE A CB  1 
ATOM   534  C  CG  . PHE A 1 67  ? 3.427   3.622   -8.480  1.00 13.70 ? 67   PHE A CG  1 
ATOM   535  C  CD1 . PHE A 1 67  ? 2.942   3.051   -7.309  1.00 13.75 ? 67   PHE A CD1 1 
ATOM   536  C  CD2 . PHE A 1 67  ? 4.356   4.649   -8.391  1.00 14.73 ? 67   PHE A CD2 1 
ATOM   537  C  CE1 . PHE A 1 67  ? 3.369   3.506   -6.061  1.00 15.95 ? 67   PHE A CE1 1 
ATOM   538  C  CE2 . PHE A 1 67  ? 4.794   5.108   -7.143  1.00 15.18 ? 67   PHE A CE2 1 
ATOM   539  C  CZ  . PHE A 1 67  ? 4.294   4.541   -5.986  1.00 15.76 ? 67   PHE A CZ  1 
ATOM   540  N  N   . ASN A 1 68  ? 0.627   4.966   -10.708 1.00 15.00 ? 68   ASN A N   1 
ATOM   541  C  CA  . ASN A 1 68  ? -0.190  6.170   -10.563 1.00 14.88 ? 68   ASN A CA  1 
ATOM   542  C  C   . ASN A 1 68  ? -1.668  5.808   -10.396 1.00 15.66 ? 68   ASN A C   1 
ATOM   543  O  O   . ASN A 1 68  ? -2.371  6.398   -9.574  1.00 17.20 ? 68   ASN A O   1 
ATOM   544  C  CB  . ASN A 1 68  ? 0.013   7.100   -11.757 1.00 16.70 ? 68   ASN A CB  1 
ATOM   545  C  CG  . ASN A 1 68  ? -0.397  8.540   -11.471 1.00 20.42 ? 68   ASN A CG  1 
ATOM   546  O  OD1 . ASN A 1 68  ? 0.088   9.459   -12.136 1.00 23.68 ? 68   ASN A OD1 1 
ATOM   547  N  ND2 . ASN A 1 68  ? -1.278  8.750   -10.486 1.00 23.46 ? 68   ASN A ND2 1 
ATOM   548  N  N   . GLN A 1 69  ? -2.148  4.844   -11.179 1.00 13.23 ? 69   GLN A N   1 
ATOM   549  C  CA  . GLN A 1 69  ? -3.527  4.380   -11.038 1.00 14.90 ? 69   GLN A CA  1 
ATOM   550  C  C   . GLN A 1 69  ? -3.778  3.801   -9.638  1.00 15.66 ? 69   GLN A C   1 
ATOM   551  O  O   . GLN A 1 69  ? -4.826  4.034   -9.035  1.00 16.24 ? 69   GLN A O   1 
ATOM   552  C  CB  . GLN A 1 69  ? -3.851  3.347   -12.121 1.00 15.10 ? 69   GLN A CB  1 
ATOM   553  C  CG  . GLN A 1 69  ? -3.786  3.929   -13.532 1.00 15.61 ? 69   GLN A CG  1 
ATOM   554  C  CD  . GLN A 1 69  ? -3.863  2.873   -14.617 1.00 21.50 ? 69   GLN A CD  1 
ATOM   555  O  OE1 . GLN A 1 69  ? -3.969  3.205   -15.803 1.00 26.30 ? 69   GLN A OE1 1 
ATOM   556  N  NE2 . GLN A 1 69  ? -3.816  1.602   -14.230 1.00 17.19 ? 69   GLN A NE2 1 
ATOM   557  N  N   . ASP A 1 70  ? -2.814  3.038   -9.136  1.00 14.73 ? 70   ASP A N   1 
ATOM   558  C  CA  . ASP A 1 70  ? -2.938  2.380   -7.845  1.00 13.56 ? 70   ASP A CA  1 
ATOM   559  C  C   . ASP A 1 70  ? -2.910  3.388   -6.687  1.00 14.89 ? 70   ASP A C   1 
ATOM   560  O  O   . ASP A 1 70  ? -3.651  3.239   -5.720  1.00 15.87 ? 70   ASP A O   1 
ATOM   561  C  CB  . ASP A 1 70  ? -1.835  1.326   -7.680  1.00 14.91 ? 70   ASP A CB  1 
ATOM   562  C  CG  . ASP A 1 70  ? -2.009  0.133   -8.612  1.00 17.06 ? 70   ASP A CG  1 
ATOM   563  O  OD1 . ASP A 1 70  ? -3.118  -0.058  -9.172  1.00 16.37 ? 70   ASP A OD1 1 
ATOM   564  O  OD2 . ASP A 1 70  ? -1.024  -0.625  -8.784  1.00 17.78 ? 70   ASP A OD2 1 
ATOM   565  N  N   . VAL A 1 71  ? -2.073  4.419   -6.788  1.00 13.93 ? 71   VAL A N   1 
ATOM   566  C  CA  . VAL A 1 71  ? -2.054  5.447   -5.742  1.00 15.03 ? 71   VAL A CA  1 
ATOM   567  C  C   . VAL A 1 71  ? -3.401  6.174   -5.721  1.00 16.37 ? 71   VAL A C   1 
ATOM   568  O  O   . VAL A 1 71  ? -3.996  6.375   -4.655  1.00 16.27 ? 71   VAL A O   1 
ATOM   569  C  CB  . VAL A 1 71  ? -0.890  6.441   -5.937  1.00 16.06 ? 71   VAL A CB  1 
ATOM   570  C  CG1 . VAL A 1 71  ? -1.035  7.641   -5.009  1.00 19.48 ? 71   VAL A CG1 1 
ATOM   571  C  CG2 . VAL A 1 71  ? 0.448   5.750   -5.676  1.00 15.49 ? 71   VAL A CG2 1 
ATOM   572  N  N   . ASP A 1 72  ? -3.875  6.568   -6.903  1.00 15.30 ? 72   ASP A N   1 
ATOM   573  C  CA  . ASP A 1 72  ? -5.212  7.140   -7.037  1.00 15.78 ? 72   ASP A CA  1 
ATOM   574  C  C   . ASP A 1 72  ? -6.288  6.236   -6.427  1.00 17.07 ? 72   ASP A C   1 
ATOM   575  O  O   . ASP A 1 72  ? -7.164  6.696   -5.694  1.00 17.37 ? 72   ASP A O   1 
ATOM   576  C  CB  . ASP A 1 72  ? -5.528  7.353   -8.518  1.00 17.44 ? 72   ASP A CB  1 
ATOM   577  C  CG  . ASP A 1 72  ? -5.331  8.771   -8.961  1.00 27.75 ? 72   ASP A CG  1 
ATOM   578  O  OD1 . ASP A 1 72  ? -4.892  9.598   -8.139  1.00 32.46 ? 72   ASP A OD1 1 
ATOM   579  O  OD2 . ASP A 1 72  ? -5.618  9.056   -10.147 1.00 28.97 ? 72   ASP A OD2 1 
ATOM   580  N  N   . ALA A 1 73  ? -6.229  4.947   -6.730  1.00 16.13 ? 73   ALA A N   1 
ATOM   581  C  CA  . ALA A 1 73  ? -7.235  4.013   -6.232  1.00 18.08 ? 73   ALA A CA  1 
ATOM   582  C  C   . ALA A 1 73  ? -7.231  3.931   -4.700  1.00 18.00 ? 73   ALA A C   1 
ATOM   583  O  O   . ALA A 1 73  ? -8.291  3.841   -4.079  1.00 16.91 ? 73   ALA A O   1 
ATOM   584  C  CB  . ALA A 1 73  ? -7.034  2.622   -6.860  1.00 18.05 ? 73   ALA A CB  1 
ATOM   585  N  N   . ALA A 1 74  ? -6.041  3.956   -4.101  1.00 15.17 ? 74   ALA A N   1 
ATOM   586  C  CA  . ALA A 1 74  ? -5.921  3.935   -2.653  1.00 14.98 ? 74   ALA A CA  1 
ATOM   587  C  C   . ALA A 1 74  ? -6.550  5.182   -2.023  1.00 15.76 ? 74   ALA A C   1 
ATOM   588  O  O   . ALA A 1 74  ? -7.278  5.088   -1.019  1.00 16.26 ? 74   ALA A O   1 
ATOM   589  C  CB  . ALA A 1 74  ? -4.454  3.809   -2.258  1.00 14.04 ? 74   ALA A CB  1 
ATOM   590  N  N   . VAL A 1 75  ? -6.256  6.345   -2.599  1.00 14.26 ? 75   VAL A N   1 
ATOM   591  C  CA  . VAL A 1 75  ? -6.853  7.581   -2.091  1.00 14.09 ? 75   VAL A CA  1 
ATOM   592  C  C   . VAL A 1 75  ? -8.372  7.546   -2.255  1.00 16.63 ? 75   VAL A C   1 
ATOM   593  O  O   . VAL A 1 75  ? -9.116  7.878   -1.334  1.00 16.56 ? 75   VAL A O   1 
ATOM   594  C  CB  . VAL A 1 75  ? -6.276  8.825   -2.796  1.00 15.64 ? 75   VAL A CB  1 
ATOM   595  C  CG1 . VAL A 1 75  ? -7.025  10.102  -2.352  1.00 18.31 ? 75   VAL A CG1 1 
ATOM   596  C  CG2 . VAL A 1 75  ? -4.780  8.931   -2.525  1.00 18.11 ? 75   VAL A CG2 1 
ATOM   597  N  N   . CYS A 1 76  ? -8.833  7.149   -3.435  1.00 17.35 ? 76   CYS A N   1 
ATOM   598  C  CA  . CYS A 1 76  ? -10.251 6.967   -3.632  1.00 18.99 ? 76   CYS A CA  1 
ATOM   599  C  C   . CYS A 1 76  ? -10.897 6.022   -2.598  1.00 20.99 ? 76   CYS A C   1 
ATOM   600  O  O   . CYS A 1 76  ? -11.914 6.303   -2.071  1.00 19.58 ? 76   CYS A O   1 
ATOM   601  C  CB  . CYS A 1 76  ? -10.575 6.579   -5.089  1.00 19.20 ? 76   CYS A CB  1 
ATOM   602  S  SG  . CYS A 1 76  ? -12.370 6.333   -5.403  1.00 26.83 ? 76   CYS A SG  1 
ATOM   603  N  N   . GLY A 1 77  ? -10.242 4.898   -2.330  1.00 18.54 ? 77   GLY A N   1 
ATOM   604  C  CA  . GLY A 1 77  ? -10.756 3.930   -1.374  1.00 18.31 ? 77   GLY A CA  1 
ATOM   605  C  C   . GLY A 1 77  ? -10.924 4.540   0.009   1.00 18.05 ? 77   GLY A C   1 
ATOM   606  O  O   . GLY A 1 77  ? -11.916 4.292   0.706   1.00 19.20 ? 77   GLY A O   1 
ATOM   607  N  N   . ILE A 1 78  ? -9.937  5.333   0.412   1.00 14.96 ? 78   ILE A N   1 
ATOM   608  C  CA  . ILE A 1 78  ? -10.015 6.059   1.672   1.00 14.99 ? 78   ILE A CA  1 
ATOM   609  C  C   . ILE A 1 78  ? -11.197 7.033   1.698   1.00 16.88 ? 78   ILE A C   1 
ATOM   610  O  O   . ILE A 1 78  ? -12.003 7.022   2.636   1.00 16.74 ? 78   ILE A O   1 
ATOM   611  C  CB  . ILE A 1 78  ? -8.679  6.792   1.958   1.00 13.51 ? 78   ILE A CB  1 
ATOM   612  C  CG1 . ILE A 1 78  ? -7.596  5.768   2.327   1.00 15.90 ? 78   ILE A CG1 1 
ATOM   613  C  CG2 . ILE A 1 78  ? -8.843  7.867   3.069   1.00 14.85 ? 78   ILE A CG2 1 
ATOM   614  C  CD1 . ILE A 1 78  ? -6.186  6.305   2.212   1.00 15.08 ? 78   ILE A CD1 1 
ATOM   615  N  N   . LEU A 1 79  ? -11.293 7.870   0.675   1.00 15.89 ? 79   LEU A N   1 
ATOM   616  C  CA  . LEU A 1 79  ? -12.304 8.919   0.649   1.00 17.10 ? 79   LEU A CA  1 
ATOM   617  C  C   . LEU A 1 79  ? -13.743 8.392   0.580   1.00 19.58 ? 79   LEU A C   1 
ATOM   618  O  O   . LEU A 1 79  ? -14.670 9.061   1.051   1.00 20.77 ? 79   LEU A O   1 
ATOM   619  C  CB  . LEU A 1 79  ? -12.034 9.878   -0.505  1.00 18.60 ? 79   LEU A CB  1 
ATOM   620  C  CG  . LEU A 1 79  ? -10.733 10.676  -0.402  1.00 19.45 ? 79   LEU A CG  1 
ATOM   621  C  CD1 . LEU A 1 79  ? -10.562 11.572  -1.632  1.00 20.35 ? 79   LEU A CD1 1 
ATOM   622  C  CD2 . LEU A 1 79  ? -10.706 11.483  0.895   1.00 21.73 ? 79   LEU A CD2 1 
ATOM   623  N  N   . ARG A 1 80  ? -13.920 7.198   0.014   1.00 18.08 ? 80   ARG A N   1 
ATOM   624  C  CA  . ARG A 1 80  ? -15.249 6.594   -0.133  1.00 21.65 ? 80   ARG A CA  1 
ATOM   625  C  C   . ARG A 1 80  ? -15.636 5.728   1.063   1.00 21.80 ? 80   ARG A C   1 
ATOM   626  O  O   . ARG A 1 80  ? -16.758 5.224   1.140   1.00 26.05 ? 80   ARG A O   1 
ATOM   627  C  CB  . ARG A 1 80  ? -15.322 5.765   -1.419  1.00 22.24 ? 80   ARG A CB  1 
ATOM   628  C  CG  . ARG A 1 80  ? -15.129 6.594   -2.674  1.00 33.66 ? 80   ARG A CG  1 
ATOM   629  C  CD  . ARG A 1 80  ? -16.261 7.593   -2.835  1.00 46.35 ? 80   ARG A CD  1 
ATOM   630  N  NE  . ARG A 1 80  ? -17.533 6.915   -3.082  1.00 57.25 ? 80   ARG A NE  1 
ATOM   631  C  CZ  . ARG A 1 80  ? -18.230 7.017   -4.208  1.00 58.56 ? 80   ARG A CZ  1 
ATOM   632  N  NH1 . ARG A 1 80  ? -17.790 7.785   -5.197  1.00 60.94 ? 80   ARG A NH1 1 
ATOM   633  N  NH2 . ARG A 1 80  ? -19.374 6.358   -4.343  1.00 62.13 ? 80   ARG A NH2 1 
ATOM   634  N  N   . ASN A 1 81  ? -14.710 5.556   2.003   1.00 17.01 ? 81   ASN A N   1 
ATOM   635  C  CA  . ASN A 1 81  ? -14.936 4.690   3.141   1.00 17.80 ? 81   ASN A CA  1 
ATOM   636  C  C   . ASN A 1 81  ? -15.305 5.496   4.391   1.00 18.61 ? 81   ASN A C   1 
ATOM   637  O  O   . ASN A 1 81  ? -14.577 6.395   4.796   1.00 19.06 ? 81   ASN A O   1 
ATOM   638  C  CB  . ASN A 1 81  ? -13.694 3.835   3.393   1.00 19.23 ? 81   ASN A CB  1 
ATOM   639  C  CG  . ASN A 1 81  ? -13.898 2.833   4.497   1.00 20.13 ? 81   ASN A CG  1 
ATOM   640  O  OD1 . ASN A 1 81  ? -13.838 3.168   5.678   1.00 21.17 ? 81   ASN A OD1 1 
ATOM   641  N  ND2 . ASN A 1 81  ? -14.108 1.579   4.120   1.00 22.10 ? 81   ASN A ND2 1 
ATOM   642  N  N   . ALA A 1 82  ? -16.448 5.183   4.989   1.00 19.73 ? 82   ALA A N   1 
ATOM   643  C  CA  . ALA A 1 82  ? -16.949 5.975   6.107   1.00 19.33 ? 82   ALA A CA  1 
ATOM   644  C  C   . ALA A 1 82  ? -16.051 5.939   7.353   1.00 20.71 ? 82   ALA A C   1 
ATOM   645  O  O   . ALA A 1 82  ? -16.108 6.830   8.216   1.00 21.05 ? 82   ALA A O   1 
ATOM   646  C  CB  . ALA A 1 82  ? -18.364 5.533   6.456   1.00 20.34 ? 82   ALA A CB  1 
ATOM   647  N  N   . LYS A 1 83  ? -15.241 4.893   7.470   1.00 18.83 ? 83   LYS A N   1 
ATOM   648  C  CA  . LYS A 1 83  ? -14.337 4.780   8.602   1.00 20.15 ? 83   LYS A CA  1 
ATOM   649  C  C   . LYS A 1 83  ? -13.019 5.501   8.323   1.00 20.40 ? 83   LYS A C   1 
ATOM   650  O  O   . LYS A 1 83  ? -12.457 6.151   9.206   1.00 21.18 ? 83   LYS A O   1 
ATOM   651  C  CB  . LYS A 1 83  ? -14.093 3.311   8.955   1.00 22.71 ? 83   LYS A CB  1 
ATOM   652  C  CG  . LYS A 1 83  ? -15.367 2.606   9.454   1.00 28.07 ? 83   LYS A CG  1 
ATOM   653  C  CD  . LYS A 1 83  ? -15.146 1.130   9.750   1.00 31.67 ? 83   LYS A CD  1 
ATOM   654  C  CE  . LYS A 1 83  ? -15.076 0.288   8.485   1.00 38.05 ? 83   LYS A CE  1 
ATOM   655  N  NZ  . LYS A 1 83  ? -14.702 -1.147  8.761   1.00 38.09 ? 83   LYS A NZ  1 
ATOM   656  N  N   . LEU A 1 84  ? -12.533 5.390   7.088   1.00 15.65 ? 84   LEU A N   1 
ATOM   657  C  CA  . LEU A 1 84  ? -11.224 5.943   6.759   1.00 15.92 ? 84   LEU A CA  1 
ATOM   658  C  C   . LEU A 1 84  ? -11.236 7.435   6.467   1.00 16.13 ? 84   LEU A C   1 
ATOM   659  O  O   . LEU A 1 84  ? -10.287 8.126   6.823   1.00 17.12 ? 84   LEU A O   1 
ATOM   660  C  CB  . LEU A 1 84  ? -10.594 5.200   5.577   1.00 16.14 ? 84   LEU A CB  1 
ATOM   661  C  CG  . LEU A 1 84  ? -10.343 3.706   5.817   1.00 16.88 ? 84   LEU A CG  1 
ATOM   662  C  CD1 . LEU A 1 84  ? -9.866  3.054   4.522   1.00 18.86 ? 84   LEU A CD1 1 
ATOM   663  C  CD2 . LEU A 1 84  ? -9.331  3.478   6.948   1.00 18.56 ? 84   LEU A CD2 1 
ATOM   664  N  N   . LYS A 1 85  ? -12.286 7.928   5.816   1.00 15.69 ? 85   LYS A N   1 
ATOM   665  C  CA  . LYS A 1 85  ? -12.302 9.335   5.415   1.00 14.32 ? 85   LYS A CA  1 
ATOM   666  C  C   . LYS A 1 85  ? -12.123 10.305  6.593   1.00 14.80 ? 85   LYS A C   1 
ATOM   667  O  O   . LYS A 1 85  ? -11.294 11.214  6.522   1.00 15.97 ? 85   LYS A O   1 
ATOM   668  C  CB  . LYS A 1 85  ? -13.564 9.698   4.619   1.00 15.94 ? 85   LYS A CB  1 
ATOM   669  C  CG  . LYS A 1 85  ? -13.495 11.134  4.104   1.00 18.44 ? 85   LYS A CG  1 
ATOM   670  C  CD  . LYS A 1 85  ? -14.641 11.491  3.177   1.00 23.69 ? 85   LYS A CD  1 
ATOM   671  C  CE  . LYS A 1 85  ? -14.495 12.939  2.700   1.00 25.10 ? 85   LYS A CE  1 
ATOM   672  N  NZ  . LYS A 1 85  ? -14.659 13.915  3.813   1.00 28.67 ? 85   LYS A NZ  1 
ATOM   673  N  N   . PRO A 1 86  ? -12.901 10.133  7.676   1.00 15.85 ? 86   PRO A N   1 
ATOM   674  C  CA  . PRO A 1 86  ? -12.737 11.096  8.776   1.00 18.53 ? 86   PRO A CA  1 
ATOM   675  C  C   . PRO A 1 86  ? -11.306 11.128  9.315   1.00 16.00 ? 86   PRO A C   1 
ATOM   676  O  O   . PRO A 1 86  ? -10.796 12.194  9.688   1.00 16.98 ? 86   PRO A O   1 
ATOM   677  C  CB  . PRO A 1 86  ? -13.684 10.569  9.869   1.00 19.63 ? 86   PRO A CB  1 
ATOM   678  C  CG  . PRO A 1 86  ? -14.586 9.624   9.204   1.00 23.40 ? 86   PRO A CG  1 
ATOM   679  C  CD  . PRO A 1 86  ? -13.992 9.174   7.912   1.00 16.63 ? 86   PRO A CD  1 
ATOM   680  N  N   . VAL A 1 87  ? -10.661 9.968   9.376   1.00 13.81 ? 87   VAL A N   1 
ATOM   681  C  CA  . VAL A 1 87  ? -9.294  9.923   9.885   1.00 15.20 ? 87   VAL A CA  1 
ATOM   682  C  C   . VAL A 1 87  ? -8.347  10.635  8.914   1.00 15.62 ? 87   VAL A C   1 
ATOM   683  O  O   . VAL A 1 87  ? -7.564  11.487  9.311   1.00 14.16 ? 87   VAL A O   1 
ATOM   684  C  CB  . VAL A 1 87  ? -8.853  8.475   10.140  1.00 17.47 ? 87   VAL A CB  1 
ATOM   685  C  CG1 . VAL A 1 87  ? -7.423  8.437   10.705  1.00 17.02 ? 87   VAL A CG1 1 
ATOM   686  C  CG2 . VAL A 1 87  ? -9.831  7.804   11.111  1.00 19.52 ? 87   VAL A CG2 1 
ATOM   687  N  N   . TYR A 1 88  ? -8.432  10.290  7.636   1.00 15.29 ? 88   TYR A N   1 
ATOM   688  C  CA  . TYR A 1 88  ? -7.656  10.965  6.604   1.00 14.42 ? 88   TYR A CA  1 
ATOM   689  C  C   . TYR A 1 88  ? -7.828  12.482  6.666   1.00 13.99 ? 88   TYR A C   1 
ATOM   690  O  O   . TYR A 1 88  ? -6.847  13.219  6.668   1.00 15.50 ? 88   TYR A O   1 
ATOM   691  C  CB  . TYR A 1 88  ? -8.106  10.460  5.232   1.00 15.73 ? 88   TYR A CB  1 
ATOM   692  C  CG  . TYR A 1 88  ? -7.228  10.884  4.071   1.00 14.39 ? 88   TYR A CG  1 
ATOM   693  C  CD1 . TYR A 1 88  ? -7.573  11.959  3.263   1.00 17.27 ? 88   TYR A CD1 1 
ATOM   694  C  CD2 . TYR A 1 88  ? -6.045  10.211  3.785   1.00 14.33 ? 88   TYR A CD2 1 
ATOM   695  C  CE1 . TYR A 1 88  ? -6.771  12.330  2.184   1.00 18.30 ? 88   TYR A CE1 1 
ATOM   696  C  CE2 . TYR A 1 88  ? -5.246  10.575  2.714   1.00 16.31 ? 88   TYR A CE2 1 
ATOM   697  C  CZ  . TYR A 1 88  ? -5.605  11.642  1.920   1.00 18.36 ? 88   TYR A CZ  1 
ATOM   698  O  OH  . TYR A 1 88  ? -4.791  11.996  0.850   1.00 20.55 ? 88   TYR A OH  1 
ATOM   699  N  N   . ASP A 1 89  ? -9.075  12.945  6.710   1.00 15.88 ? 89   ASP A N   1 
ATOM   700  C  CA  . ASP A 1 89  ? -9.355  14.378  6.740   1.00 17.65 ? 89   ASP A CA  1 
ATOM   701  C  C   . ASP A 1 89  ? -8.625  15.038  7.910   1.00 16.35 ? 89   ASP A C   1 
ATOM   702  O  O   . ASP A 1 89  ? -8.178  16.193  7.824   1.00 17.05 ? 89   ASP A O   1 
ATOM   703  C  CB  . ASP A 1 89  ? -10.857 14.621  6.916   1.00 18.30 ? 89   ASP A CB  1 
ATOM   704  C  CG  . ASP A 1 89  ? -11.659 14.353  5.656   1.00 19.98 ? 89   ASP A CG  1 
ATOM   705  O  OD1 . ASP A 1 89  ? -11.058 14.206  4.575   1.00 24.36 ? 89   ASP A OD1 1 
ATOM   706  O  OD2 . ASP A 1 89  ? -12.902 14.291  5.767   1.00 22.99 ? 89   ASP A OD2 1 
ATOM   707  N  N   . SER A 1 90  ? -8.527  14.305  9.018   1.00 13.84 ? 90   SER A N   1 
ATOM   708  C  CA  . SER A 1 90  ? -7.970  14.843  10.251  1.00 14.45 ? 90   SER A CA  1 
ATOM   709  C  C   . SER A 1 90  ? -6.450  14.913  10.263  1.00 14.57 ? 90   SER A C   1 
ATOM   710  O  O   . SER A 1 90  ? -5.869  15.563  11.135  1.00 14.58 ? 90   SER A O   1 
ATOM   711  C  CB  . SER A 1 90  ? -8.452  14.024  11.466  1.00 14.73 ? 90   SER A CB  1 
ATOM   712  O  OG  . SER A 1 90  ? -7.678  12.840  11.657  1.00 15.58 ? 90   SER A OG  1 
ATOM   713  N  N   . LEU A 1 91  ? -5.804  14.231  9.315   1.00 14.24 ? 91   LEU A N   1 
ATOM   714  C  CA  . LEU A 1 91  ? -4.348  14.120  9.312   1.00 14.00 ? 91   LEU A CA  1 
ATOM   715  C  C   . LEU A 1 91  ? -3.643  15.196  8.495   1.00 12.59 ? 91   LEU A C   1 
ATOM   716  O  O   . LEU A 1 91  ? -4.200  15.753  7.536   1.00 16.20 ? 91   LEU A O   1 
ATOM   717  C  CB  . LEU A 1 91  ? -3.907  12.746  8.789   1.00 14.01 ? 91   LEU A CB  1 
ATOM   718  C  CG  . LEU A 1 91  ? -4.371  11.537  9.599   1.00 14.15 ? 91   LEU A CG  1 
ATOM   719  C  CD1 . LEU A 1 91  ? -4.031  10.281  8.793   1.00 15.81 ? 91   LEU A CD1 1 
ATOM   720  C  CD2 . LEU A 1 91  ? -3.737  11.507  10.985  1.00 15.31 ? 91   LEU A CD2 1 
ATOM   721  N  N   . ASP A 1 92  ? -2.403  15.468  8.883   1.00 13.63 ? 92   ASP A N   1 
ATOM   722  C  CA  . ASP A 1 92  ? -1.486  16.280  8.090   1.00 13.66 ? 92   ASP A CA  1 
ATOM   723  C  C   . ASP A 1 92  ? -1.025  15.469  6.870   1.00 15.34 ? 92   ASP A C   1 
ATOM   724  O  O   . ASP A 1 92  ? -1.234  14.257  6.815   1.00 14.55 ? 92   ASP A O   1 
ATOM   725  C  CB  . ASP A 1 92  ? -0.270  16.638  8.945   1.00 15.21 ? 92   ASP A CB  1 
ATOM   726  C  CG  . ASP A 1 92  ? 0.416   15.403  9.480   1.00 16.61 ? 92   ASP A CG  1 
ATOM   727  O  OD1 . ASP A 1 92  ? -0.044  14.883  10.521  1.00 15.95 ? 92   ASP A OD1 1 
ATOM   728  O  OD2 . ASP A 1 92  ? 1.377   14.937  8.819   1.00 15.60 ? 92   ASP A OD2 1 
ATOM   729  N  N   . ALA A 1 93  ? -0.387  16.128  5.902   1.00 14.41 ? 93   ALA A N   1 
ATOM   730  C  CA  . ALA A 1 93  ? -0.044  15.474  4.639   1.00 13.75 ? 93   ALA A CA  1 
ATOM   731  C  C   . ALA A 1 93  ? 0.897   14.271  4.793   1.00 14.64 ? 93   ALA A C   1 
ATOM   732  O  O   . ALA A 1 93  ? 0.769   13.288  4.052   1.00 14.91 ? 93   ALA A O   1 
ATOM   733  C  CB  . ALA A 1 93  ? 0.566   16.494  3.656   1.00 15.63 ? 93   ALA A CB  1 
ATOM   734  N  N   . VAL A 1 94  ? 1.863   14.359  5.709   1.00 14.04 ? 94   VAL A N   1 
ATOM   735  C  CA  . VAL A 1 94  ? 2.808   13.254  5.891   1.00 13.55 ? 94   VAL A CA  1 
ATOM   736  C  C   . VAL A 1 94  ? 2.080   12.024  6.430   1.00 14.59 ? 94   VAL A C   1 
ATOM   737  O  O   . VAL A 1 94  ? 2.247   10.907  5.922   1.00 14.89 ? 94   VAL A O   1 
ATOM   738  C  CB  . VAL A 1 94  ? 3.999   13.642  6.790   1.00 14.75 ? 94   VAL A CB  1 
ATOM   739  C  CG1 . VAL A 1 94  ? 4.905   12.436  7.028   1.00 17.53 ? 94   VAL A CG1 1 
ATOM   740  C  CG2 . VAL A 1 94  ? 4.788   14.794  6.166   1.00 18.77 ? 94   VAL A CG2 1 
ATOM   741  N  N   . ARG A 1 95  ? 1.260   12.222  7.454   1.00 14.16 ? 95   ARG A N   1 
ATOM   742  C  CA  . ARG A 1 95  ? 0.495   11.098  7.997   1.00 14.32 ? 95   ARG A CA  1 
ATOM   743  C  C   . ARG A 1 95  ? -0.575  10.588  7.026   1.00 12.89 ? 95   ARG A C   1 
ATOM   744  O  O   . ARG A 1 95  ? -0.896  9.400   7.028   1.00 13.83 ? 95   ARG A O   1 
ATOM   745  C  CB  . ARG A 1 95  ? -0.086  11.452  9.364   1.00 14.95 ? 95   ARG A CB  1 
ATOM   746  C  CG  . ARG A 1 95  ? 1.000   11.740  10.395  1.00 13.87 ? 95   ARG A CG  1 
ATOM   747  C  CD  . ARG A 1 95  ? 0.365   11.963  11.751  1.00 15.03 ? 95   ARG A CD  1 
ATOM   748  N  NE  . ARG A 1 95  ? 1.323   12.001  12.853  1.00 13.81 ? 95   ARG A NE  1 
ATOM   749  C  CZ  . ARG A 1 95  ? 1.865   13.113  13.352  1.00 14.72 ? 95   ARG A CZ  1 
ATOM   750  N  NH1 . ARG A 1 95  ? 1.587   14.309  12.821  1.00 15.57 ? 95   ARG A NH1 1 
ATOM   751  N  NH2 . ARG A 1 95  ? 2.713   13.019  14.377  1.00 15.82 ? 95   ARG A NH2 1 
ATOM   752  N  N   . ARG A 1 96  ? -1.113  11.468  6.187   1.00 12.62 ? 96   ARG A N   1 
ATOM   753  C  CA  . ARG A 1 96  ? -2.008  11.024  5.116   1.00 12.15 ? 96   ARG A CA  1 
ATOM   754  C  C   . ARG A 1 96  ? -1.283  10.016  4.229   1.00 12.29 ? 96   ARG A C   1 
ATOM   755  O  O   . ARG A 1 96  ? -1.868  8.998   3.834   1.00 12.86 ? 96   ARG A O   1 
ATOM   756  C  CB  . ARG A 1 96  ? -2.482  12.206  4.278   1.00 13.64 ? 96   ARG A CB  1 
ATOM   757  C  CG  . ARG A 1 96  ? -3.626  12.942  4.934   1.00 13.73 ? 96   ARG A CG  1 
ATOM   758  C  CD  . ARG A 1 96  ? -4.056  14.166  4.132   1.00 16.00 ? 96   ARG A CD  1 
ATOM   759  N  NE  . ARG A 1 96  ? -5.146  14.846  4.822   1.00 15.20 ? 96   ARG A NE  1 
ATOM   760  C  CZ  . ARG A 1 96  ? -5.621  16.033  4.490   1.00 21.93 ? 96   ARG A CZ  1 
ATOM   761  N  NH1 . ARG A 1 96  ? -5.110  16.690  3.458   1.00 27.21 ? 96   ARG A NH1 1 
ATOM   762  N  NH2 . ARG A 1 96  ? -6.610  16.557  5.204   1.00 21.03 ? 96   ARG A NH2 1 
ATOM   763  N  N   . ALA A 1 97  ? -0.024  10.309  3.906   1.00 12.17 ? 97   ALA A N   1 
ATOM   764  C  CA  . ALA A 1 97  ? 0.774   9.391   3.091   1.00 12.61 ? 97   ALA A CA  1 
ATOM   765  C  C   . ALA A 1 97  ? 0.908   8.038   3.784   1.00 14.02 ? 97   ALA A C   1 
ATOM   766  O  O   . ALA A 1 97  ? 0.805   7.002   3.133   1.00 14.31 ? 97   ALA A O   1 
ATOM   767  C  CB  . ALA A 1 97  ? 2.157   9.985   2.803   1.00 14.67 ? 97   ALA A CB  1 
ATOM   768  N  N   . ALA A 1 98  ? 1.123   8.045   5.101   1.00 13.32 ? 98   ALA A N   1 
ATOM   769  C  CA  . ALA A 1 98  ? 1.214   6.781   5.833   1.00 13.89 ? 98   ALA A CA  1 
ATOM   770  C  C   . ALA A 1 98  ? -0.067  5.944   5.690   1.00 14.45 ? 98   ALA A C   1 
ATOM   771  O  O   . ALA A 1 98  ? -0.016  4.718   5.528   1.00 12.95 ? 98   ALA A O   1 
ATOM   772  C  CB  . ALA A 1 98  ? 1.535   7.029   7.305   1.00 15.14 ? 98   ALA A CB  1 
ATOM   773  N  N   . LEU A 1 99  ? -1.214  6.606   5.766   1.00 12.19 ? 99   LEU A N   1 
ATOM   774  C  CA  . LEU A 1 99  ? -2.484  5.912   5.630   1.00 12.35 ? 99   LEU A CA  1 
ATOM   775  C  C   . LEU A 1 99  ? -2.689  5.396   4.195   1.00 12.21 ? 99   LEU A C   1 
ATOM   776  O  O   . LEU A 1 99  ? -3.141  4.251   3.999   1.00 13.11 ? 99   LEU A O   1 
ATOM   777  C  CB  . LEU A 1 99  ? -3.645  6.813   6.076   1.00 14.29 ? 99   LEU A CB  1 
ATOM   778  C  CG  . LEU A 1 99  ? -4.990  6.103   6.238   1.00 14.41 ? 99   LEU A CG  1 
ATOM   779  C  CD1 . LEU A 1 99  ? -4.924  5.112   7.393   1.00 17.41 ? 99   LEU A CD1 1 
ATOM   780  C  CD2 . LEU A 1 99  ? -6.087  7.135   6.467   1.00 16.73 ? 99   LEU A CD2 1 
ATOM   781  N  N   . ILE A 1 100 ? -2.346  6.207   3.190   1.00 12.82 ? 100  ILE A N   1 
ATOM   782  C  CA  . ILE A 1 100 ? -2.377  5.736   1.803   1.00 13.49 ? 100  ILE A CA  1 
ATOM   783  C  C   . ILE A 1 100 ? -1.506  4.493   1.633   1.00 13.52 ? 100  ILE A C   1 
ATOM   784  O  O   . ILE A 1 100 ? -1.897  3.539   0.948   1.00 13.56 ? 100  ILE A O   1 
ATOM   785  C  CB  . ILE A 1 100 ? -1.930  6.829   0.811   1.00 13.38 ? 100  ILE A CB  1 
ATOM   786  C  CG1 . ILE A 1 100 ? -2.926  7.980   0.834   1.00 15.11 ? 100  ILE A CG1 1 
ATOM   787  C  CG2 . ILE A 1 100 ? -1.849  6.264   -0.612  1.00 12.67 ? 100  ILE A CG2 1 
ATOM   788  C  CD1 . ILE A 1 100 ? -2.402  9.232   0.161   1.00 15.24 ? 100  ILE A CD1 1 
ATOM   789  N  N   . ASN A 1 101 ? -0.329  4.516   2.262   1.00 11.94 ? 101  ASN A N   1 
ATOM   790  C  CA  . ASN A 1 101 ? 0.617   3.400   2.175   1.00 11.71 ? 101  ASN A CA  1 
ATOM   791  C  C   . ASN A 1 101 ? -0.039  2.105   2.694   1.00 13.75 ? 101  ASN A C   1 
ATOM   792  O  O   . ASN A 1 101 ? -0.009  1.062   2.035   1.00 12.70 ? 101  ASN A O   1 
ATOM   793  C  CB  . ASN A 1 101 ? 1.875   3.773   2.973   1.00 13.65 ? 101  ASN A CB  1 
ATOM   794  C  CG  . ASN A 1 101 ? 3.038   2.831   2.741   1.00 14.27 ? 101  ASN A CG  1 
ATOM   795  O  OD1 . ASN A 1 101 ? 2.914   1.627   2.918   1.00 13.91 ? 101  ASN A OD1 1 
ATOM   796  N  ND2 . ASN A 1 101 ? 4.206   3.395   2.417   1.00 13.05 ? 101  ASN A ND2 1 
ATOM   797  N  N   . MET A 1 102 ? -0.672  2.185   3.860   1.00 14.64 ? 102  MET A N   1 
ATOM   798  C  CA  . MET A 1 102 ? -1.349  1.019   4.438   1.00 12.74 ? 102  MET A CA  1 
ATOM   799  C  C   . MET A 1 102 ? -2.440  0.489   3.519   1.00 13.26 ? 102  MET A C   1 
ATOM   800  O  O   . MET A 1 102 ? -2.566  -0.733  3.321   1.00 14.54 ? 102  MET A O   1 
ATOM   801  C  CB  . MET A 1 102 ? -1.986  1.394   5.774   1.00 13.24 ? 102  MET A CB  1 
ATOM   802  C  CG  . MET A 1 102 ? -0.988  1.657   6.873   1.00 13.02 ? 102  MET A CG  1 
ATOM   803  S  SD  . MET A 1 102 ? -1.784  1.860   8.469   1.00 15.45 ? 102  MET A SD  1 
ATOM   804  C  CE  . MET A 1 102 ? -2.200  0.156   8.842   1.00 15.64 ? 102  MET A CE  1 
ATOM   805  N  N   . VAL A 1 103 ? -3.243  1.393   2.961   1.00 13.54 ? 103  VAL A N   1 
ATOM   806  C  CA  . VAL A 1 103 ? -4.330  0.971   2.068   1.00 13.50 ? 103  VAL A CA  1 
ATOM   807  C  C   . VAL A 1 103 ? -3.786  0.345   0.767   1.00 14.75 ? 103  VAL A C   1 
ATOM   808  O  O   . VAL A 1 103 ? -4.337  -0.634  0.246   1.00 15.57 ? 103  VAL A O   1 
ATOM   809  C  CB  . VAL A 1 103 ? -5.273  2.150   1.769   1.00 14.44 ? 103  VAL A CB  1 
ATOM   810  C  CG1 . VAL A 1 103 ? -6.263  1.805   0.663   1.00 14.97 ? 103  VAL A CG1 1 
ATOM   811  C  CG2 . VAL A 1 103 ? -6.030  2.545   3.031   1.00 15.63 ? 103  VAL A CG2 1 
ATOM   812  N  N   . PHE A 1 104 ? -2.694  0.898   0.252   1.00 13.66 ? 104  PHE A N   1 
ATOM   813  C  CA  . PHE A 1 104 ? -2.036  0.342   -0.930  1.00 14.27 ? 104  PHE A CA  1 
ATOM   814  C  C   . PHE A 1 104 ? -1.616  -1.107  -0.652  1.00 14.27 ? 104  PHE A C   1 
ATOM   815  O  O   . PHE A 1 104 ? -1.790  -1.996  -1.495  1.00 16.90 ? 104  PHE A O   1 
ATOM   816  C  CB  . PHE A 1 104 ? -0.819  1.205   -1.257  1.00 12.62 ? 104  PHE A CB  1 
ATOM   817  C  CG  . PHE A 1 104 ? -0.147  0.882   -2.560  1.00 14.31 ? 104  PHE A CG  1 
ATOM   818  C  CD1 . PHE A 1 104 ? 0.732   -0.189  -2.659  1.00 17.95 ? 104  PHE A CD1 1 
ATOM   819  C  CD2 . PHE A 1 104 ? -0.352  1.684   -3.673  1.00 15.54 ? 104  PHE A CD2 1 
ATOM   820  C  CE1 . PHE A 1 104 ? 1.370   -0.465  -3.864  1.00 18.58 ? 104  PHE A CE1 1 
ATOM   821  C  CE2 . PHE A 1 104 ? 0.281   1.402   -4.874  1.00 16.79 ? 104  PHE A CE2 1 
ATOM   822  C  CZ  . PHE A 1 104 ? 1.144   0.339   -4.958  1.00 17.89 ? 104  PHE A CZ  1 
ATOM   823  N  N   . GLN A 1 105 ? -1.089  -1.350  0.548   1.00 13.38 ? 105  GLN A N   1 
ATOM   824  C  CA  . GLN A 1 105 ? -0.579  -2.679  0.871   1.00 13.41 ? 105  GLN A CA  1 
ATOM   825  C  C   . GLN A 1 105 ? -1.664  -3.701  1.230   1.00 16.60 ? 105  GLN A C   1 
ATOM   826  O  O   . GLN A 1 105 ? -1.589  -4.862  0.813   1.00 17.72 ? 105  GLN A O   1 
ATOM   827  C  CB  . GLN A 1 105 ? 0.432   -2.591  2.014   1.00 13.50 ? 105  GLN A CB  1 
ATOM   828  C  CG  . GLN A 1 105 ? 1.052   -3.940  2.386   1.00 14.14 ? 105  GLN A CG  1 
ATOM   829  C  CD  . GLN A 1 105 ? 1.980   -3.849  3.593   1.00 15.19 ? 105  GLN A CD  1 
ATOM   830  O  OE1 . GLN A 1 105 ? 2.143   -2.793  4.205   1.00 14.42 ? 105  GLN A OE1 1 
ATOM   831  N  NE2 . GLN A 1 105 ? 2.575   -4.979  3.957   1.00 17.49 ? 105  GLN A NE2 1 
ATOM   832  N  N   . MET A 1 106 ? -2.668  -3.263  1.986   1.00 16.17 ? 106  MET A N   1 
ATOM   833  C  CA  A MET A 1 106 ? -3.642  -4.156  2.614   0.48 16.40 ? 106  MET A CA  1 
ATOM   834  C  CA  B MET A 1 106 ? -3.630  -4.201  2.557   0.52 16.39 ? 106  MET A CA  1 
ATOM   835  C  C   . MET A 1 106 ? -5.062  -4.018  2.075   1.00 16.78 ? 106  MET A C   1 
ATOM   836  O  O   . MET A 1 106 ? -5.931  -4.865  2.357   1.00 18.14 ? 106  MET A O   1 
ATOM   837  C  CB  A MET A 1 106 ? -3.675  -3.897  4.127   0.48 18.39 ? 106  MET A CB  1 
ATOM   838  C  CB  B MET A 1 106 ? -3.593  -4.124  4.082   0.52 18.66 ? 106  MET A CB  1 
ATOM   839  C  CG  A MET A 1 106 ? -2.575  -4.581  4.903   0.48 19.14 ? 106  MET A CG  1 
ATOM   840  C  CG  B MET A 1 106 ? -2.205  -4.241  4.654   0.52 19.52 ? 106  MET A CG  1 
ATOM   841  S  SD  A MET A 1 106 ? -2.619  -4.083  6.635   0.48 22.38 ? 106  MET A SD  1 
ATOM   842  S  SD  B MET A 1 106 ? -2.318  -4.336  6.437   0.52 21.65 ? 106  MET A SD  1 
ATOM   843  C  CE  A MET A 1 106 ? -1.801  -2.501  6.563   0.48 13.64 ? 106  MET A CE  1 
ATOM   844  C  CE  B MET A 1 106 ? -3.834  -3.403  6.721   0.52 12.19 ? 106  MET A CE  1 
ATOM   845  N  N   . GLY A 1 107 ? -5.322  -2.934  1.353   1.00 16.45 ? 107  GLY A N   1 
ATOM   846  C  CA  . GLY A 1 107 ? -6.666  -2.666  0.875   1.00 17.23 ? 107  GLY A CA  1 
ATOM   847  C  C   . GLY A 1 107 ? -7.532  -1.886  1.867   1.00 17.88 ? 107  GLY A C   1 
ATOM   848  O  O   . GLY A 1 107 ? -7.281  -1.872  3.080   1.00 17.75 ? 107  GLY A O   1 
ATOM   849  N  N   . GLU A 1 108 ? -8.581  -1.273  1.331   1.00 18.78 ? 108  GLU A N   1 
ATOM   850  C  CA  . GLU A 1 108 ? -9.480  -0.413  2.089   1.00 22.10 ? 108  GLU A CA  1 
ATOM   851  C  C   . GLU A 1 108 ? -10.157 -1.167  3.232   1.00 20.43 ? 108  GLU A C   1 
ATOM   852  O  O   . GLU A 1 108 ? -10.221 -0.680  4.364   1.00 18.49 ? 108  GLU A O   1 
ATOM   853  C  CB  . GLU A 1 108 ? -10.536 0.159   1.134   1.00 24.04 ? 108  GLU A CB  1 
ATOM   854  C  CG  . GLU A 1 108 ? -11.725 0.817   1.802   1.00 30.30 ? 108  GLU A CG  1 
ATOM   855  C  CD  . GLU A 1 108 ? -12.921 0.935   0.870   1.00 28.62 ? 108  GLU A CD  1 
ATOM   856  O  OE1 . GLU A 1 108 ? -12.721 0.902   -0.368  1.00 37.01 ? 108  GLU A OE1 1 
ATOM   857  O  OE2 . GLU A 1 108 ? -14.060 1.053   1.376   1.00 28.43 ? 108  GLU A OE2 1 
ATOM   858  N  N   . THR A 1 109 ? -10.688 -2.351  2.929   1.00 21.31 ? 109  THR A N   1 
ATOM   859  C  CA  . THR A 1 109 ? -11.439 -3.105  3.932   1.00 21.66 ? 109  THR A CA  1 
ATOM   860  C  C   . THR A 1 109 ? -10.556 -3.476  5.117   1.00 19.96 ? 109  THR A C   1 
ATOM   861  O  O   . THR A 1 109 ? -10.956 -3.323  6.281   1.00 21.12 ? 109  THR A O   1 
ATOM   862  C  CB  . THR A 1 109 ? -12.090 -4.367  3.330   1.00 22.22 ? 109  THR A CB  1 
ATOM   863  O  OG1 . THR A 1 109 ? -13.004 -3.975  2.299   1.00 28.62 ? 109  THR A OG1 1 
ATOM   864  C  CG2 . THR A 1 109 ? -12.846 -5.142  4.407   1.00 24.25 ? 109  THR A CG2 1 
ATOM   865  N  N   . GLY A 1 110 ? -9.345  -3.935  4.818   1.00 18.51 ? 110  GLY A N   1 
ATOM   866  C  CA  . GLY A 1 110 ? -8.410  -4.331  5.856   1.00 20.88 ? 110  GLY A CA  1 
ATOM   867  C  C   . GLY A 1 110 ? -8.054  -3.182  6.776   1.00 19.26 ? 110  GLY A C   1 
ATOM   868  O  O   . GLY A 1 110 ? -8.144  -3.304  7.996   1.00 21.28 ? 110  GLY A O   1 
ATOM   869  N  N   . VAL A 1 111 ? -7.661  -2.050  6.200   1.00 18.37 ? 111  VAL A N   1 
ATOM   870  C  CA  . VAL A 1 111 ? -7.266  -0.910  7.020   1.00 16.32 ? 111  VAL A CA  1 
ATOM   871  C  C   . VAL A 1 111 ? -8.450  -0.343  7.820   1.00 16.98 ? 111  VAL A C   1 
ATOM   872  O  O   . VAL A 1 111 ? -8.286  0.062   8.972   1.00 18.28 ? 111  VAL A O   1 
ATOM   873  C  CB  . VAL A 1 111 ? -6.591  0.197   6.185   1.00 16.48 ? 111  VAL A CB  1 
ATOM   874  C  CG1 . VAL A 1 111 ? -6.175  1.359   7.086   1.00 16.08 ? 111  VAL A CG1 1 
ATOM   875  C  CG2 . VAL A 1 111 ? -5.366  -0.370  5.458   1.00 17.10 ? 111  VAL A CG2 1 
ATOM   876  N  N   . ALA A 1 112 ? -9.640  -0.327  7.216   1.00 16.61 ? 112  ALA A N   1 
ATOM   877  C  CA  . ALA A 1 112 ? -10.831 0.166   7.911   1.00 20.84 ? 112  ALA A CA  1 
ATOM   878  C  C   . ALA A 1 112 ? -11.141 -0.698  9.134   1.00 21.43 ? 112  ALA A C   1 
ATOM   879  O  O   . ALA A 1 112 ? -11.834 -0.262  10.064  1.00 23.72 ? 112  ALA A O   1 
ATOM   880  C  CB  . ALA A 1 112 ? -12.037 0.218   6.960   1.00 20.99 ? 112  ALA A CB  1 
ATOM   881  N  N   . GLY A 1 113 ? -10.592 -1.911  9.143   1.00 19.97 ? 113  GLY A N   1 
ATOM   882  C  CA  . GLY A 1 113 ? -10.765 -2.827  10.261  1.00 23.57 ? 113  GLY A CA  1 
ATOM   883  C  C   . GLY A 1 113 ? -9.942  -2.503  11.495  1.00 22.27 ? 113  GLY A C   1 
ATOM   884  O  O   . GLY A 1 113 ? -10.187 -3.058  12.577  1.00 23.81 ? 113  GLY A O   1 
ATOM   885  N  N   . PHE A 1 114 ? -8.950  -1.623  11.329  1.00 19.77 ? 114  PHE A N   1 
ATOM   886  C  CA  . PHE A 1 114 ? -8.075  -1.197  12.421  1.00 17.73 ? 114  PHE A CA  1 
ATOM   887  C  C   . PHE A 1 114 ? -8.786  -0.164  13.316  1.00 18.34 ? 114  PHE A C   1 
ATOM   888  O  O   . PHE A 1 114 ? -8.238  0.903   13.597  1.00 17.54 ? 114  PHE A O   1 
ATOM   889  C  CB  . PHE A 1 114 ? -6.780  -0.570  11.872  1.00 19.14 ? 114  PHE A CB  1 
ATOM   890  C  CG  . PHE A 1 114 ? -5.730  -1.568  11.400  1.00 19.56 ? 114  PHE A CG  1 
ATOM   891  C  CD1 . PHE A 1 114 ? -6.013  -2.502  10.416  1.00 25.02 ? 114  PHE A CD1 1 
ATOM   892  C  CD2 . PHE A 1 114 ? -4.433  -1.519  11.909  1.00 20.52 ? 114  PHE A CD2 1 
ATOM   893  C  CE1 . PHE A 1 114 ? -5.027  -3.398  9.974   1.00 25.14 ? 114  PHE A CE1 1 
ATOM   894  C  CE2 . PHE A 1 114 ? -3.446  -2.414  11.471  1.00 22.21 ? 114  PHE A CE2 1 
ATOM   895  C  CZ  . PHE A 1 114 ? -3.749  -3.349  10.500  1.00 21.85 ? 114  PHE A CZ  1 
ATOM   896  N  N   . THR A 1 115 ? -9.981  -0.493  13.789  1.00 16.62 ? 115  THR A N   1 
ATOM   897  C  CA  . THR A 1 115 ? -10.840 0.486   14.450  1.00 17.84 ? 115  THR A CA  1 
ATOM   898  C  C   . THR A 1 115 ? -10.169 1.263   15.584  1.00 17.91 ? 115  THR A C   1 
ATOM   899  O  O   . THR A 1 115 ? -10.295 2.501   15.680  1.00 17.94 ? 115  THR A O   1 
ATOM   900  C  CB  . THR A 1 115 ? -12.109 -0.191  14.981  1.00 18.93 ? 115  THR A CB  1 
ATOM   901  O  OG1 . THR A 1 115 ? -12.751 -0.880  13.907  1.00 22.99 ? 115  THR A OG1 1 
ATOM   902  C  CG2 . THR A 1 115 ? -13.060 0.840   15.589  1.00 21.21 ? 115  THR A CG2 1 
ATOM   903  N  N   . ASN A 1 116 ? -9.471  0.563   16.468  1.00 18.52 ? 116  ASN A N   1 
ATOM   904  C  CA  . ASN A 1 116 ? -8.909  1.238   17.622  1.00 15.53 ? 116  ASN A CA  1 
ATOM   905  C  C   . ASN A 1 116 ? -7.713  2.103   17.240  1.00 17.54 ? 116  ASN A C   1 
ATOM   906  O  O   . ASN A 1 116 ? -7.518  3.180   17.797  1.00 17.89 ? 116  ASN A O   1 
ATOM   907  C  CB  . ASN A 1 116 ? -8.551  0.222   18.711  1.00 19.00 ? 116  ASN A CB  1 
ATOM   908  C  CG  . ASN A 1 116 ? -9.762  -0.556  19.176  1.00 19.38 ? 116  ASN A CG  1 
ATOM   909  O  OD1 . ASN A 1 116 ? -10.854 0.002   19.303  1.00 20.49 ? 116  ASN A OD1 1 
ATOM   910  N  ND2 . ASN A 1 116 ? -9.582  -1.847  19.418  1.00 15.72 ? 116  ASN A ND2 1 
ATOM   911  N  N   . SER A 1 117 ? -6.928  1.645   16.265  1.00 16.21 ? 117  SER A N   1 
ATOM   912  C  CA  . SER A 1 117 ? -5.787  2.434   15.799  1.00 16.81 ? 117  SER A CA  1 
ATOM   913  C  C   . SER A 1 117 ? -6.287  3.713   15.155  1.00 15.55 ? 117  SER A C   1 
ATOM   914  O  O   . SER A 1 117 ? -5.726  4.786   15.372  1.00 14.88 ? 117  SER A O   1 
ATOM   915  C  CB  . SER A 1 117 ? -4.966  1.663   14.760  1.00 17.66 ? 117  SER A CB  1 
ATOM   916  O  OG  . SER A 1 117 ? -4.723  0.329   15.165  1.00 21.94 ? 117  SER A OG  1 
ATOM   917  N  N   . LEU A 1 118 ? -7.324  3.582   14.334  1.00 14.84 ? 118  LEU A N   1 
ATOM   918  C  CA  . LEU A 1 118 ? -7.911  4.731   13.652  1.00 13.89 ? 118  LEU A CA  1 
ATOM   919  C  C   . LEU A 1 118 ? -8.382  5.778   14.660  1.00 16.31 ? 118  LEU A C   1 
ATOM   920  O  O   . LEU A 1 118 ? -8.143  6.962   14.481  1.00 16.71 ? 118  LEU A O   1 
ATOM   921  C  CB  . LEU A 1 118 ? -9.057  4.284   12.736  1.00 15.55 ? 118  LEU A CB  1 
ATOM   922  C  CG  . LEU A 1 118 ? -8.620  3.426   11.540  1.00 17.36 ? 118  LEU A CG  1 
ATOM   923  C  CD1 . LEU A 1 118 ? -9.822  2.871   10.799  1.00 18.33 ? 118  LEU A CD1 1 
ATOM   924  C  CD2 . LEU A 1 118 ? -7.746  4.226   10.589  1.00 20.26 ? 118  LEU A CD2 1 
ATOM   925  N  N   . ARG A 1 119 ? -9.026  5.332   15.736  1.00 15.21 ? 119  ARG A N   1 
ATOM   926  C  CA  . ARG A 1 119 ? -9.489  6.244   16.772  1.00 17.07 ? 119  ARG A CA  1 
ATOM   927  C  C   . ARG A 1 119 ? -8.311  6.994   17.398  1.00 16.38 ? 119  ARG A C   1 
ATOM   928  O  O   . ARG A 1 119 ? -8.353  8.223   17.552  1.00 16.34 ? 119  ARG A O   1 
ATOM   929  C  CB  . ARG A 1 119 ? -10.288 5.492   17.842  1.00 17.52 ? 119  ARG A CB  1 
ATOM   930  C  CG  . ARG A 1 119 ? -10.809 6.384   18.960  1.00 18.97 ? 119  ARG A CG  1 
ATOM   931  C  CD  . ARG A 1 119 ? -11.423 5.571   20.093  1.00 23.20 ? 119  ARG A CD  1 
ATOM   932  N  NE  . ARG A 1 119 ? -12.587 4.803   19.654  1.00 28.53 ? 119  ARG A NE  1 
ATOM   933  C  CZ  . ARG A 1 119 ? -12.623 3.477   19.513  1.00 30.12 ? 119  ARG A CZ  1 
ATOM   934  N  NH1 . ARG A 1 119 ? -11.552 2.730   19.775  1.00 22.51 ? 119  ARG A NH1 1 
ATOM   935  N  NH2 . ARG A 1 119 ? -13.743 2.896   19.107  1.00 26.68 ? 119  ARG A NH2 1 
ATOM   936  N  N   . MET A 1 120 ? -7.248  6.265   17.738  1.00 14.34 ? 120  MET A N   1 
ATOM   937  C  CA  . MET A 1 120 ? -6.075  6.896   18.330  1.00 14.86 ? 120  MET A CA  1 
ATOM   938  C  C   . MET A 1 120 ? -5.443  7.896   17.370  1.00 15.25 ? 120  MET A C   1 
ATOM   939  O  O   . MET A 1 120 ? -4.963  8.945   17.794  1.00 16.38 ? 120  MET A O   1 
ATOM   940  C  CB  . MET A 1 120 ? -5.055  5.852   18.756  1.00 15.92 ? 120  MET A CB  1 
ATOM   941  C  CG  . MET A 1 120 ? -5.558  4.968   19.870  1.00 18.67 ? 120  MET A CG  1 
ATOM   942  S  SD  . MET A 1 120 ? -4.299  3.774   20.327  1.00 19.16 ? 120  MET A SD  1 
ATOM   943  C  CE  . MET A 1 120 ? -5.287  2.583   21.242  1.00 22.47 ? 120  MET A CE  1 
ATOM   944  N  N   . LEU A 1 121 ? -5.424  7.575   16.079  1.00 15.25 ? 121  LEU A N   1 
ATOM   945  C  CA  . LEU A 1 121 ? -4.902  8.524   15.088  1.00 12.95 ? 121  LEU A CA  1 
ATOM   946  C  C   . LEU A 1 121 ? -5.769  9.784   15.042  1.00 15.17 ? 121  LEU A C   1 
ATOM   947  O  O   . LEU A 1 121 ? -5.248  10.903  14.996  1.00 15.28 ? 121  LEU A O   1 
ATOM   948  C  CB  . LEU A 1 121 ? -4.812  7.876   13.700  1.00 14.40 ? 121  LEU A CB  1 
ATOM   949  C  CG  . LEU A 1 121 ? -3.741  6.791   13.556  1.00 14.59 ? 121  LEU A CG  1 
ATOM   950  C  CD1 . LEU A 1 121 ? -3.912  6.092   12.205  1.00 16.75 ? 121  LEU A CD1 1 
ATOM   951  C  CD2 . LEU A 1 121 ? -2.325  7.358   13.694  1.00 16.16 ? 121  LEU A CD2 1 
ATOM   952  N  N   . GLN A 1 122 ? -7.083  9.615   15.052  1.00 14.73 ? 122  GLN A N   1 
ATOM   953  C  CA  . GLN A 1 122 ? -7.948  10.792  14.994  1.00 15.84 ? 122  GLN A CA  1 
ATOM   954  C  C   . GLN A 1 122 ? -7.808  11.637  16.264  1.00 16.81 ? 122  GLN A C   1 
ATOM   955  O  O   . GLN A 1 122 ? -7.917  12.866  16.219  1.00 19.00 ? 122  GLN A O   1 
ATOM   956  C  CB  . GLN A 1 122 ? -9.407  10.433  14.736  1.00 21.26 ? 122  GLN A CB  1 
ATOM   957  C  CG  . GLN A 1 122 ? -10.176 11.667  14.280  1.00 25.25 ? 122  GLN A CG  1 
ATOM   958  C  CD  . GLN A 1 122 ? -11.490 11.358  13.617  1.00 29.62 ? 122  GLN A CD  1 
ATOM   959  O  OE1 . GLN A 1 122 ? -11.731 10.235  13.173  1.00 32.25 ? 122  GLN A OE1 1 
ATOM   960  N  NE2 . GLN A 1 122 ? -12.359 12.366  13.543  1.00 32.98 ? 122  GLN A NE2 1 
ATOM   961  N  N   . GLN A 1 123 ? -7.538  10.967  17.382  1.00 16.03 ? 123  GLN A N   1 
ATOM   962  C  CA  . GLN A 1 123 ? -7.282  11.627  18.665  1.00 15.30 ? 123  GLN A CA  1 
ATOM   963  C  C   . GLN A 1 123 ? -5.897  12.284  18.749  1.00 17.82 ? 123  GLN A C   1 
ATOM   964  O  O   . GLN A 1 123 ? -5.591  13.010  19.710  1.00 18.35 ? 123  GLN A O   1 
ATOM   965  C  CB  . GLN A 1 123 ? -7.407  10.608  19.807  1.00 18.19 ? 123  GLN A CB  1 
ATOM   966  C  CG  . GLN A 1 123 ? -8.820  10.094  20.059  1.00 19.36 ? 123  GLN A CG  1 
ATOM   967  C  CD  . GLN A 1 123 ? -8.857  8.994   21.114  1.00 21.91 ? 123  GLN A CD  1 
ATOM   968  O  OE1 . GLN A 1 123 ? -9.714  8.998   21.998  1.00 28.96 ? 123  GLN A OE1 1 
ATOM   969  N  NE2 . GLN A 1 123 ? -7.921  8.057   21.033  1.00 18.38 ? 123  GLN A NE2 1 
ATOM   970  N  N   . LYS A 1 124 ? -5.056  12.002  17.757  1.00 14.55 ? 124  LYS A N   1 
ATOM   971  C  CA  . LYS A 1 124 ? -3.682  12.504  17.697  1.00 13.21 ? 124  LYS A CA  1 
ATOM   972  C  C   . LYS A 1 124 ? -2.851  12.045  18.894  1.00 14.71 ? 124  LYS A C   1 
ATOM   973  O  O   . LYS A 1 124 ? -1.962  12.752  19.379  1.00 15.99 ? 124  LYS A O   1 
ATOM   974  C  CB  . LYS A 1 124 ? -3.658  14.023  17.523  1.00 15.06 ? 124  LYS A CB  1 
ATOM   975  C  CG  . LYS A 1 124 ? -4.471  14.471  16.305  1.00 16.41 ? 124  LYS A CG  1 
ATOM   976  C  CD  . LYS A 1 124 ? -4.121  15.905  15.872  1.00 19.20 ? 124  LYS A CD  1 
ATOM   977  C  CE  . LYS A 1 124 ? -4.699  16.283  14.529  1.00 23.01 ? 124  LYS A CE  1 
ATOM   978  N  NZ  . LYS A 1 124 ? -4.181  15.464  13.423  1.00 19.20 ? 124  LYS A NZ  1 
ATOM   979  N  N   . ARG A 1 125 ? -3.134  10.821  19.333  1.00 14.44 ? 125  ARG A N   1 
ATOM   980  C  CA  . ARG A 1 125 ? -2.351  10.166  20.380  1.00 14.35 ? 125  ARG A CA  1 
ATOM   981  C  C   . ARG A 1 125 ? -1.316  9.296   19.687  1.00 14.58 ? 125  ARG A C   1 
ATOM   982  O  O   . ARG A 1 125 ? -1.500  8.079   19.530  1.00 15.69 ? 125  ARG A O   1 
ATOM   983  C  CB  . ARG A 1 125 ? -3.266  9.343   21.289  1.00 15.67 ? 125  ARG A CB  1 
ATOM   984  C  CG  . ARG A 1 125 ? -4.310  10.216  21.995  1.00 16.43 ? 125  ARG A CG  1 
ATOM   985  C  CD  . ARG A 1 125 ? -5.219  9.426   22.899  1.00 22.13 ? 125  ARG A CD  1 
ATOM   986  N  NE  . ARG A 1 125 ? -6.176  10.322  23.543  1.00 23.33 ? 125  ARG A NE  1 
ATOM   987  C  CZ  . ARG A 1 125 ? -7.034  9.939   24.484  1.00 28.07 ? 125  ARG A CZ  1 
ATOM   988  N  NH1 . ARG A 1 125 ? -7.046  8.677   24.899  1.00 30.87 ? 125  ARG A NH1 1 
ATOM   989  N  NH2 . ARG A 1 125 ? -7.872  10.819  25.018  1.00 29.98 ? 125  ARG A NH2 1 
ATOM   990  N  N   . TRP A 1 126 ? -0.227  9.930   19.261  1.00 14.07 ? 126  TRP A N   1 
ATOM   991  C  CA  . TRP A 1 126 ? 0.660   9.298   18.289  1.00 14.65 ? 126  TRP A CA  1 
ATOM   992  C  C   . TRP A 1 126 ? 1.468   8.129   18.829  1.00 14.45 ? 126  TRP A C   1 
ATOM   993  O  O   . TRP A 1 126 ? 1.627   7.111   18.139  1.00 14.51 ? 126  TRP A O   1 
ATOM   994  C  CB  . TRP A 1 126 ? 1.604   10.310  17.643  1.00 15.32 ? 126  TRP A CB  1 
ATOM   995  C  CG  . TRP A 1 126 ? 0.945   11.518  17.073  1.00 14.60 ? 126  TRP A CG  1 
ATOM   996  C  CD1 . TRP A 1 126 ? 1.219   12.818  17.394  1.00 15.78 ? 126  TRP A CD1 1 
ATOM   997  C  CD2 . TRP A 1 126 ? -0.071  11.562  16.056  1.00 14.04 ? 126  TRP A CD2 1 
ATOM   998  N  NE1 . TRP A 1 126 ? 0.431   13.662  16.657  1.00 16.17 ? 126  TRP A NE1 1 
ATOM   999  C  CE2 . TRP A 1 126 ? -0.362  12.923  15.817  1.00 15.24 ? 126  TRP A CE2 1 
ATOM   1000 C  CE3 . TRP A 1 126 ? -0.764  10.585  15.330  1.00 15.62 ? 126  TRP A CE3 1 
ATOM   1001 C  CZ2 . TRP A 1 126 ? -1.313  13.334  14.873  1.00 15.24 ? 126  TRP A CZ2 1 
ATOM   1002 C  CZ3 . TRP A 1 126 ? -1.715  10.987  14.417  1.00 14.58 ? 126  TRP A CZ3 1 
ATOM   1003 C  CH2 . TRP A 1 126 ? -1.980  12.355  14.186  1.00 16.10 ? 126  TRP A CH2 1 
ATOM   1004 N  N   . ASP A 1 127 ? 2.008   8.269   20.039  1.00 14.33 ? 127  ASP A N   1 
ATOM   1005 C  CA  . ASP A 1 127 ? 2.781   7.162   20.600  1.00 14.69 ? 127  ASP A CA  1 
ATOM   1006 C  C   . ASP A 1 127 ? 1.858   5.976   20.873  1.00 14.10 ? 127  ASP A C   1 
ATOM   1007 O  O   . ASP A 1 127 ? 2.209   4.813   20.603  1.00 15.81 ? 127  ASP A O   1 
ATOM   1008 C  CB  . ASP A 1 127 ? 3.502   7.598   21.890  1.00 15.35 ? 127  ASP A CB  1 
ATOM   1009 C  CG  . ASP A 1 127 ? 4.790   8.384   21.618  1.00 19.94 ? 127  ASP A CG  1 
ATOM   1010 O  OD1 . ASP A 1 127 ? 4.918   9.002   20.536  1.00 19.87 ? 127  ASP A OD1 1 
ATOM   1011 O  OD2 . ASP A 1 127 ? 5.676   8.380   22.508  1.00 23.60 ? 127  ASP A OD2 1 
ATOM   1012 N  N   . GLU A 1 128 ? 0.672   6.257   21.389  1.00 14.13 ? 128  GLU A N   1 
ATOM   1013 C  CA  . GLU A 1 128 ? -0.285  5.204   21.681  1.00 14.95 ? 128  GLU A CA  1 
ATOM   1014 C  C   . GLU A 1 128 ? -0.735  4.518   20.394  1.00 16.35 ? 128  GLU A C   1 
ATOM   1015 O  O   . GLU A 1 128 ? -0.835  3.296   20.332  1.00 15.03 ? 128  GLU A O   1 
ATOM   1016 C  CB  . GLU A 1 128 ? -1.473  5.771   22.444  1.00 17.35 ? 128  GLU A CB  1 
ATOM   1017 C  CG  . GLU A 1 128 ? -1.088  6.215   23.852  1.00 18.87 ? 128  GLU A CG  1 
ATOM   1018 C  CD  . GLU A 1 128 ? -2.229  6.889   24.575  1.00 31.74 ? 128  GLU A CD  1 
ATOM   1019 O  OE1 . GLU A 1 128 ? -3.215  6.196   24.908  1.00 37.45 ? 128  GLU A OE1 1 
ATOM   1020 O  OE2 . GLU A 1 128 ? -2.138  8.109   24.813  1.00 37.37 ? 128  GLU A OE2 1 
ATOM   1021 N  N   . ALA A 1 129 ? -0.998  5.304   19.360  1.00 15.29 ? 129  ALA A N   1 
ATOM   1022 C  CA  . ALA A 1 129 ? -1.391  4.730   18.086  1.00 15.96 ? 129  ALA A CA  1 
ATOM   1023 C  C   . ALA A 1 129 ? -0.282  3.829   17.551  1.00 13.63 ? 129  ALA A C   1 
ATOM   1024 O  O   . ALA A 1 129 ? -0.561  2.742   17.037  1.00 14.88 ? 129  ALA A O   1 
ATOM   1025 C  CB  . ALA A 1 129 ? -1.741  5.831   17.084  1.00 15.22 ? 129  ALA A CB  1 
ATOM   1026 N  N   . ALA A 1 130 ? 0.965   4.277   17.676  1.00 14.76 ? 130  ALA A N   1 
ATOM   1027 C  CA  . ALA A 1 130 ? 2.111   3.496   17.201  1.00 13.54 ? 130  ALA A CA  1 
ATOM   1028 C  C   . ALA A 1 130 ? 2.195   2.135   17.916  1.00 15.57 ? 130  ALA A C   1 
ATOM   1029 O  O   . ALA A 1 130 ? 2.416   1.105   17.282  1.00 16.34 ? 130  ALA A O   1 
ATOM   1030 C  CB  . ALA A 1 130 ? 3.405   4.287   17.374  1.00 16.53 ? 130  ALA A CB  1 
ATOM   1031 N  N   . VAL A 1 131 ? 2.025   2.128   19.236  1.00 14.58 ? 131  VAL A N   1 
ATOM   1032 C  CA  . VAL A 1 131 ? 2.027   0.874   19.980  1.00 14.68 ? 131  VAL A CA  1 
ATOM   1033 C  C   . VAL A 1 131 ? 0.893   -0.040  19.504  1.00 15.79 ? 131  VAL A C   1 
ATOM   1034 O  O   . VAL A 1 131 ? 1.082   -1.251  19.312  1.00 17.11 ? 131  VAL A O   1 
ATOM   1035 C  CB  . VAL A 1 131 ? 1.931   1.131   21.487  1.00 16.29 ? 131  VAL A CB  1 
ATOM   1036 C  CG1 . VAL A 1 131 ? 1.614   -0.154  22.258  1.00 17.26 ? 131  VAL A CG1 1 
ATOM   1037 C  CG2 . VAL A 1 131 ? 3.251   1.743   21.990  1.00 18.99 ? 131  VAL A CG2 1 
ATOM   1038 N  N   . ASN A 1 132 ? -0.279  0.538   19.281  1.00 13.09 ? 132  ASN A N   1 
ATOM   1039 C  CA  . ASN A 1 132 ? -1.442  -0.254  18.886  1.00 13.87 ? 132  ASN A CA  1 
ATOM   1040 C  C   . ASN A 1 132 ? -1.309  -0.830  17.466  1.00 14.77 ? 132  ASN A C   1 
ATOM   1041 O  O   . ASN A 1 132 ? -1.678  -1.983  17.206  1.00 14.84 ? 132  ASN A O   1 
ATOM   1042 C  CB  . ASN A 1 132 ? -2.709  0.592   19.031  1.00 14.55 ? 132  ASN A CB  1 
ATOM   1043 C  CG  . ASN A 1 132 ? -3.975  -0.200  18.807  1.00 17.37 ? 132  ASN A CG  1 
ATOM   1044 O  OD1 . ASN A 1 132 ? -4.549  -0.170  17.721  1.00 18.47 ? 132  ASN A OD1 1 
ATOM   1045 N  ND2 . ASN A 1 132 ? -4.417  -0.914  19.839  1.00 18.57 ? 132  ASN A ND2 1 
ATOM   1046 N  N   . LEU A 1 133 ? -0.760  -0.031  16.553  1.00 13.24 ? 133  LEU A N   1 
ATOM   1047 C  CA  . LEU A 1 133 ? -0.577  -0.455  15.173  1.00 14.59 ? 133  LEU A CA  1 
ATOM   1048 C  C   . LEU A 1 133 ? 0.354   -1.664  15.071  1.00 15.31 ? 133  LEU A C   1 
ATOM   1049 O  O   . LEU A 1 133 ? 0.191   -2.492  14.175  1.00 14.53 ? 133  LEU A O   1 
ATOM   1050 C  CB  . LEU A 1 133 ? -0.020  0.702   14.340  1.00 14.74 ? 133  LEU A CB  1 
ATOM   1051 C  CG  . LEU A 1 133 ? -1.048  1.770   13.929  1.00 14.28 ? 133  LEU A CG  1 
ATOM   1052 C  CD1 . LEU A 1 133 ? -0.342  3.033   13.487  1.00 16.68 ? 133  LEU A CD1 1 
ATOM   1053 C  CD2 . LEU A 1 133 ? -1.944  1.255   12.807  1.00 17.41 ? 133  LEU A CD2 1 
ATOM   1054 N  N   . ALA A 1 134 ? 1.331   -1.755  15.975  1.00 15.84 ? 134  ALA A N   1 
ATOM   1055 C  CA  . ALA A 1 134 ? 2.317   -2.838  15.912  1.00 15.80 ? 134  ALA A CA  1 
ATOM   1056 C  C   . ALA A 1 134 ? 1.740   -4.171  16.367  1.00 15.73 ? 134  ALA A C   1 
ATOM   1057 O  O   . ALA A 1 134 ? 2.331   -5.230  16.110  1.00 15.38 ? 134  ALA A O   1 
ATOM   1058 C  CB  . ALA A 1 134 ? 3.560   -2.485  16.727  1.00 16.29 ? 134  ALA A CB  1 
ATOM   1059 N  N   . LYS A 1 135 ? 0.604   -4.115  17.058  1.00 14.39 ? 135  LYS A N   1 
ATOM   1060 C  CA  . LYS A 1 135 ? -0.081  -5.316  17.557  1.00 15.18 ? 135  LYS A CA  1 
ATOM   1061 C  C   . LYS A 1 135 ? -1.001  -5.835  16.452  1.00 15.29 ? 135  LYS A C   1 
ATOM   1062 O  O   . LYS A 1 135 ? -2.226  -5.766  16.533  1.00 15.70 ? 135  LYS A O   1 
ATOM   1063 C  CB  . LYS A 1 135 ? -0.864  -5.005  18.837  1.00 15.47 ? 135  LYS A CB  1 
ATOM   1064 C  CG  . LYS A 1 135 ? 0.027   -4.602  20.015  1.00 19.12 ? 135  LYS A CG  1 
ATOM   1065 C  CD  . LYS A 1 135 ? -0.801  -4.070  21.187  1.00 23.13 ? 135  LYS A CD  1 
ATOM   1066 C  CE  . LYS A 1 135 ? 0.122   -3.581  22.306  1.00 24.67 ? 135  LYS A CE  1 
ATOM   1067 N  NZ  . LYS A 1 135 ? -0.649  -2.939  23.420  1.00 24.80 ? 135  LYS A NZ  1 
ATOM   1068 N  N   . SER A 1 136 ? -0.378  -6.329  15.390  1.00 14.32 ? 136  SER A N   1 
ATOM   1069 C  CA  . SER A 1 136 ? -1.101  -6.657  14.170  1.00 13.31 ? 136  SER A CA  1 
ATOM   1070 C  C   . SER A 1 136 ? -0.401  -7.743  13.354  1.00 13.20 ? 136  SER A C   1 
ATOM   1071 O  O   . SER A 1 136 ? 0.834   -7.854  13.374  1.00 13.43 ? 136  SER A O   1 
ATOM   1072 C  CB  . SER A 1 136 ? -1.270  -5.393  13.298  1.00 14.09 ? 136  SER A CB  1 
ATOM   1073 O  OG  . SER A 1 136 ? -0.005  -4.870  12.881  1.00 14.65 ? 136  SER A OG  1 
ATOM   1074 N  N   . ARG A 1 137 ? -1.184  -8.530  12.616  1.00 14.36 ? 137  ARG A N   1 
ATOM   1075 C  CA  . ARG A 1 137 ? -0.589  -9.442  11.646  1.00 14.74 ? 137  ARG A CA  1 
ATOM   1076 C  C   . ARG A 1 137 ? 0.295   -8.641  10.683  1.00 14.92 ? 137  ARG A C   1 
ATOM   1077 O  O   . ARG A 1 137 ? 1.389   -9.073  10.326  1.00 15.57 ? 137  ARG A O   1 
ATOM   1078 C  CB  . ARG A 1 137 ? -1.652  -10.203 10.856  1.00 15.00 ? 137  ARG A CB  1 
ATOM   1079 C  CG  . ARG A 1 137 ? -1.011  -11.146 9.855   1.00 17.15 ? 137  ARG A CG  1 
ATOM   1080 C  CD  . ARG A 1 137 ? -2.001  -11.890 9.000   1.00 22.19 ? 137  ARG A CD  1 
ATOM   1081 N  NE  . ARG A 1 137 ? -1.306  -12.814 8.102   1.00 22.28 ? 137  ARG A NE  1 
ATOM   1082 C  CZ  . ARG A 1 137 ? -0.838  -12.499 6.892   1.00 23.24 ? 137  ARG A CZ  1 
ATOM   1083 N  NH1 . ARG A 1 137 ? -0.961  -11.269 6.406   1.00 25.06 ? 137  ARG A NH1 1 
ATOM   1084 N  NH2 . ARG A 1 137 ? -0.228  -13.426 6.164   1.00 23.38 ? 137  ARG A NH2 1 
ATOM   1085 N  N   . TRP A 1 138 ? -0.180  -7.463  10.284  1.00 14.45 ? 138  TRP A N   1 
ATOM   1086 C  CA  . TRP A 1 138 ? 0.572   -6.581  9.391   1.00 14.88 ? 138  TRP A CA  1 
ATOM   1087 C  C   . TRP A 1 138 ? 2.004   -6.356  9.852   1.00 14.87 ? 138  TRP A C   1 
ATOM   1088 O  O   . TRP A 1 138 ? 2.966   -6.598  9.109   1.00 15.35 ? 138  TRP A O   1 
ATOM   1089 C  CB  . TRP A 1 138 ? -0.155  -5.243  9.313   1.00 14.66 ? 138  TRP A CB  1 
ATOM   1090 C  CG  . TRP A 1 138 ? 0.584   -4.152  8.608   1.00 12.95 ? 138  TRP A CG  1 
ATOM   1091 C  CD1 . TRP A 1 138 ? 1.089   -4.180  7.332   1.00 13.75 ? 138  TRP A CD1 1 
ATOM   1092 C  CD2 . TRP A 1 138 ? 0.856   -2.842  9.118   1.00 14.81 ? 138  TRP A CD2 1 
ATOM   1093 N  NE1 . TRP A 1 138 ? 1.668   -2.969  7.025   1.00 14.84 ? 138  TRP A NE1 1 
ATOM   1094 C  CE2 . TRP A 1 138 ? 1.535   -2.130  8.103   1.00 15.13 ? 138  TRP A CE2 1 
ATOM   1095 C  CE3 . TRP A 1 138 ? 0.597   -2.202  10.339  1.00 14.76 ? 138  TRP A CE3 1 
ATOM   1096 C  CZ2 . TRP A 1 138 ? 1.945   -0.812  8.268   1.00 14.01 ? 138  TRP A CZ2 1 
ATOM   1097 C  CZ3 . TRP A 1 138 ? 1.010   -0.895  10.506  1.00 14.35 ? 138  TRP A CZ3 1 
ATOM   1098 C  CH2 . TRP A 1 138 ? 1.678   -0.209  9.473   1.00 14.51 ? 138  TRP A CH2 1 
ATOM   1099 N  N   . TYR A 1 139 ? 2.148   -5.894  11.088  1.00 14.45 ? 139  TYR A N   1 
ATOM   1100 C  CA  . TYR A 1 139 ? 3.466   -5.641  11.651  1.00 14.86 ? 139  TYR A CA  1 
ATOM   1101 C  C   . TYR A 1 139 ? 4.279   -6.928  11.712  1.00 17.00 ? 139  TYR A C   1 
ATOM   1102 O  O   . TYR A 1 139 ? 5.459   -6.956  11.361  1.00 17.50 ? 139  TYR A O   1 
ATOM   1103 C  CB  . TYR A 1 139 ? 3.354   -5.029  13.051  1.00 15.67 ? 139  TYR A CB  1 
ATOM   1104 C  CG  . TYR A 1 139 ? 4.694   -4.724  13.650  1.00 16.73 ? 139  TYR A CG  1 
ATOM   1105 C  CD1 . TYR A 1 139 ? 5.264   -3.466  13.517  1.00 15.92 ? 139  TYR A CD1 1 
ATOM   1106 C  CD2 . TYR A 1 139 ? 5.405   -5.707  14.323  1.00 18.54 ? 139  TYR A CD2 1 
ATOM   1107 C  CE1 . TYR A 1 139 ? 6.509   -3.187  14.039  1.00 21.55 ? 139  TYR A CE1 1 
ATOM   1108 C  CE2 . TYR A 1 139 ? 6.648   -5.437  14.863  1.00 24.48 ? 139  TYR A CE2 1 
ATOM   1109 C  CZ  . TYR A 1 139 ? 7.196   -4.178  14.711  1.00 24.02 ? 139  TYR A CZ  1 
ATOM   1110 O  OH  . TYR A 1 139 ? 8.436   -3.915  15.248  1.00 26.29 ? 139  TYR A OH  1 
ATOM   1111 N  N   . ASN A 1 140 ? 3.648   -8.002  12.166  1.00 13.70 ? 140  ASN A N   1 
ATOM   1112 C  CA  . ASN A 1 140 ? 4.372   -9.258  12.307  1.00 15.45 ? 140  ASN A CA  1 
ATOM   1113 C  C   . ASN A 1 140 ? 4.908   -9.810  10.991  1.00 16.71 ? 140  ASN A C   1 
ATOM   1114 O  O   . ASN A 1 140 ? 6.019   -10.349 10.945  1.00 19.58 ? 140  ASN A O   1 
ATOM   1115 C  CB  . ASN A 1 140 ? 3.514   -10.274 13.046  1.00 15.45 ? 140  ASN A CB  1 
ATOM   1116 C  CG  . ASN A 1 140 ? 3.578   -10.067 14.540  1.00 15.68 ? 140  ASN A CG  1 
ATOM   1117 O  OD1 . ASN A 1 140 ? 4.581   -10.393 15.168  1.00 20.16 ? 140  ASN A OD1 1 
ATOM   1118 N  ND2 . ASN A 1 140 ? 2.535   -9.485  15.113  1.00 17.14 ? 140  ASN A ND2 1 
ATOM   1119 N  N   . GLN A 1 141 ? 4.151   -9.644  9.918   1.00 14.38 ? 141  GLN A N   1 
ATOM   1120 C  CA  . GLN A 1 141 ? 4.525   -10.220 8.628   1.00 14.54 ? 141  GLN A CA  1 
ATOM   1121 C  C   . GLN A 1 141 ? 5.463   -9.327  7.819   1.00 17.06 ? 141  GLN A C   1 
ATOM   1122 O  O   . GLN A 1 141 ? 6.300   -9.827  7.077   1.00 18.57 ? 141  GLN A O   1 
ATOM   1123 C  CB  . GLN A 1 141 ? 3.280   -10.615 7.826   1.00 17.25 ? 141  GLN A CB  1 
ATOM   1124 C  CG  . GLN A 1 141 ? 2.421   -11.697 8.515   1.00 20.86 ? 141  GLN A CG  1 
ATOM   1125 C  CD  . GLN A 1 141 ? 3.184   -12.985 8.801   1.00 18.32 ? 141  GLN A CD  1 
ATOM   1126 O  OE1 . GLN A 1 141 ? 3.073   -13.570 9.889   1.00 26.13 ? 141  GLN A OE1 1 
ATOM   1127 N  NE2 . GLN A 1 141 ? 3.971   -13.427 7.831   1.00 20.75 ? 141  GLN A NE2 1 
ATOM   1128 N  N   . THR A 1 142 ? 5.325   -8.007  7.961   1.00 14.40 ? 142  THR A N   1 
ATOM   1129 C  CA  . THR A 1 142 ? 6.240   -7.065  7.316   1.00 13.56 ? 142  THR A CA  1 
ATOM   1130 C  C   . THR A 1 142 ? 6.734   -6.034  8.338   1.00 15.69 ? 142  THR A C   1 
ATOM   1131 O  O   . THR A 1 142 ? 6.352   -4.865  8.294   1.00 15.07 ? 142  THR A O   1 
ATOM   1132 C  CB  . THR A 1 142 ? 5.606   -6.353  6.071   1.00 14.70 ? 142  THR A CB  1 
ATOM   1133 O  OG1 . THR A 1 142 ? 4.382   -5.700  6.444   1.00 15.93 ? 142  THR A OG1 1 
ATOM   1134 C  CG2 . THR A 1 142 ? 5.321   -7.359  4.961   1.00 14.48 ? 142  THR A CG2 1 
ATOM   1135 N  N   . PRO A 1 143 ? 7.590   -6.465  9.276   1.00 13.82 ? 143  PRO A N   1 
ATOM   1136 C  CA  . PRO A 1 143 ? 7.936   -5.571  10.395  1.00 15.21 ? 143  PRO A CA  1 
ATOM   1137 C  C   . PRO A 1 143 ? 8.786   -4.374  9.998   1.00 16.29 ? 143  PRO A C   1 
ATOM   1138 O  O   . PRO A 1 143 ? 8.549   -3.294  10.515  1.00 15.70 ? 143  PRO A O   1 
ATOM   1139 C  CB  . PRO A 1 143 ? 8.682   -6.489  11.375  1.00 14.92 ? 143  PRO A CB  1 
ATOM   1140 C  CG  . PRO A 1 143 ? 9.143   -7.616  10.558  1.00 15.42 ? 143  PRO A CG  1 
ATOM   1141 C  CD  . PRO A 1 143 ? 8.059   -7.841  9.516   1.00 16.48 ? 143  PRO A CD  1 
ATOM   1142 N  N   . ASN A 1 144 ? 9.739   -4.523  9.087   1.00 14.33 ? 144  ASN A N   1 
ATOM   1143 C  CA  . ASN A 1 144 ? 10.518  -3.348  8.697   1.00 13.71 ? 144  ASN A CA  1 
ATOM   1144 C  C   . ASN A 1 144 ? 9.682   -2.285  7.971   1.00 15.52 ? 144  ASN A C   1 
ATOM   1145 O  O   . ASN A 1 144 ? 9.804   -1.090  8.255   1.00 15.62 ? 144  ASN A O   1 
ATOM   1146 C  CB  . ASN A 1 144 ? 11.779  -3.730  7.906   1.00 16.63 ? 144  ASN A CB  1 
ATOM   1147 C  CG  . ASN A 1 144 ? 12.882  -4.282  8.814   1.00 20.64 ? 144  ASN A CG  1 
ATOM   1148 O  OD1 . ASN A 1 144 ? 12.706  -4.386  10.026  1.00 22.73 ? 144  ASN A OD1 1 
ATOM   1149 N  ND2 . ASN A 1 144 ? 14.020  -4.625  8.227   1.00 24.33 ? 144  ASN A ND2 1 
ATOM   1150 N  N   . ARG A 1 145 ? 8.821   -2.713  7.056   1.00 14.69 ? 145  ARG A N   1 
ATOM   1151 C  CA  . ARG A 1 145 ? 7.990   -1.753  6.356   1.00 14.50 ? 145  ARG A CA  1 
ATOM   1152 C  C   . ARG A 1 145 ? 6.989   -1.143  7.336   1.00 14.48 ? 145  ARG A C   1 
ATOM   1153 O  O   . ARG A 1 145 ? 6.752   0.074   7.327   1.00 15.29 ? 145  ARG A O   1 
ATOM   1154 C  CB  . ARG A 1 145 ? 7.274   -2.411  5.195   1.00 17.89 ? 145  ARG A CB  1 
ATOM   1155 C  CG  . ARG A 1 145 ? 6.640   -1.390  4.264   1.00 22.00 ? 145  ARG A CG  1 
ATOM   1156 C  CD  . ARG A 1 145 ? 5.219   -1.723  4.121   1.00 20.88 ? 145  ARG A CD  1 
ATOM   1157 N  NE  . ARG A 1 145 ? 4.512   -0.910  3.126   1.00 16.30 ? 145  ARG A NE  1 
ATOM   1158 C  CZ  . ARG A 1 145 ? 4.211   -1.326  1.901   1.00 16.60 ? 145  ARG A CZ  1 
ATOM   1159 N  NH1 . ARG A 1 145 ? 4.609   -2.514  1.458   1.00 20.41 ? 145  ARG A NH1 1 
ATOM   1160 N  NH2 . ARG A 1 145 ? 3.522   -0.540  1.093   1.00 15.33 ? 145  ARG A NH2 1 
ATOM   1161 N  N   . ALA A 1 146 ? 6.406   -1.983  8.183   1.00 14.51 ? 146  ALA A N   1 
ATOM   1162 C  CA  . ALA A 1 146 ? 5.443   -1.488  9.161   1.00 16.10 ? 146  ALA A CA  1 
ATOM   1163 C  C   . ALA A 1 146 ? 6.109   -0.503  10.135  1.00 16.01 ? 146  ALA A C   1 
ATOM   1164 O  O   . ALA A 1 146 ? 5.522   0.518   10.486  1.00 15.12 ? 146  ALA A O   1 
ATOM   1165 C  CB  . ALA A 1 146 ? 4.776   -2.643  9.904   1.00 15.61 ? 146  ALA A CB  1 
ATOM   1166 N  N   . LYS A 1 147 ? 7.333   -0.794  10.560  1.00 14.07 ? 147  LYS A N   1 
ATOM   1167 C  CA  . LYS A 1 147 ? 8.073   0.155   11.400  1.00 14.63 ? 147  LYS A CA  1 
ATOM   1168 C  C   . LYS A 1 147 ? 8.226   1.518   10.700  1.00 14.10 ? 147  LYS A C   1 
ATOM   1169 O  O   . LYS A 1 147 ? 8.114   2.557   11.351  1.00 15.64 ? 147  LYS A O   1 
ATOM   1170 C  CB  . LYS A 1 147 ? 9.459   -0.386  11.772  1.00 18.45 ? 147  LYS A CB  1 
ATOM   1171 C  CG  . LYS A 1 147 ? 9.459   -1.483  12.822  1.00 22.94 ? 147  LYS A CG  1 
ATOM   1172 C  CD  . LYS A 1 147 ? 10.882  -1.994  13.023  1.00 28.96 ? 147  LYS A CD  1 
ATOM   1173 C  CE  . LYS A 1 147 ? 10.936  -3.240  13.895  1.00 36.98 ? 147  LYS A CE  1 
ATOM   1174 N  NZ  . LYS A 1 147 ? 12.350  -3.621  14.188  1.00 45.18 ? 147  LYS A NZ  1 
ATOM   1175 N  N   . ARG A 1 148 ? 8.494   1.528   9.387   1.00 13.75 ? 148  ARG A N   1 
ATOM   1176 C  CA  . ARG A 1 148 ? 8.663   2.806   8.696   1.00 13.48 ? 148  ARG A CA  1 
ATOM   1177 C  C   . ARG A 1 148 ? 7.352   3.567   8.659   1.00 13.73 ? 148  ARG A C   1 
ATOM   1178 O  O   . ARG A 1 148 ? 7.327   4.774   8.888   1.00 14.30 ? 148  ARG A O   1 
ATOM   1179 C  CB  . ARG A 1 148 ? 9.192   2.626   7.264   1.00 13.42 ? 148  ARG A CB  1 
ATOM   1180 C  CG  . ARG A 1 148 ? 10.651  2.174   7.189   1.00 15.55 ? 148  ARG A CG  1 
ATOM   1181 C  CD  . ARG A 1 148 ? 11.211  2.269   5.772   1.00 15.96 ? 148  ARG A CD  1 
ATOM   1182 N  NE  . ARG A 1 148 ? 10.598  1.295   4.865   1.00 17.71 ? 148  ARG A NE  1 
ATOM   1183 C  CZ  . ARG A 1 148 ? 10.996  0.029   4.734   1.00 18.44 ? 148  ARG A CZ  1 
ATOM   1184 N  NH1 . ARG A 1 148 ? 12.020  -0.441  5.456   1.00 19.22 ? 148  ARG A NH1 1 
ATOM   1185 N  NH2 . ARG A 1 148 ? 10.362  -0.778  3.894   1.00 18.27 ? 148  ARG A NH2 1 
ATOM   1186 N  N   . VAL A 1 149 ? 6.270   2.854   8.357   1.00 14.39 ? 149  VAL A N   1 
ATOM   1187 C  CA  . VAL A 1 149 ? 4.954   3.475   8.270   1.00 14.06 ? 149  VAL A CA  1 
ATOM   1188 C  C   . VAL A 1 149 ? 4.535   3.966   9.658   1.00 13.87 ? 149  VAL A C   1 
ATOM   1189 O  O   . VAL A 1 149 ? 4.046   5.089   9.805   1.00 14.64 ? 149  VAL A O   1 
ATOM   1190 C  CB  . VAL A 1 149 ? 3.910   2.508   7.677   1.00 13.11 ? 149  VAL A CB  1 
ATOM   1191 C  CG1 . VAL A 1 149 ? 2.518   3.130   7.705   1.00 13.11 ? 149  VAL A CG1 1 
ATOM   1192 C  CG2 . VAL A 1 149 ? 4.287   2.153   6.233   1.00 14.45 ? 149  VAL A CG2 1 
ATOM   1193 N  N   . ILE A 1 150 ? 4.741   3.134   10.671  1.00 13.74 ? 150  ILE A N   1 
ATOM   1194 C  CA  . ILE A 1 150 ? 4.411   3.515   12.047  1.00 13.78 ? 150  ILE A CA  1 
ATOM   1195 C  C   . ILE A 1 150 ? 5.231   4.712   12.532  1.00 16.15 ? 150  ILE A C   1 
ATOM   1196 O  O   . ILE A 1 150 ? 4.681   5.620   13.157  1.00 15.59 ? 150  ILE A O   1 
ATOM   1197 C  CB  . ILE A 1 150 ? 4.530   2.314   13.013  1.00 13.13 ? 150  ILE A CB  1 
ATOM   1198 C  CG1 . ILE A 1 150 ? 3.405   1.318   12.735  1.00 15.72 ? 150  ILE A CG1 1 
ATOM   1199 C  CG2 . ILE A 1 150 ? 4.487   2.789   14.472  1.00 17.58 ? 150  ILE A CG2 1 
ATOM   1200 C  CD1 . ILE A 1 150 ? 3.604   -0.042  13.401  1.00 17.32 ? 150  ILE A CD1 1 
ATOM   1201 N  N   . THR A 1 151 ? 6.531   4.738   12.238  1.00 14.93 ? 151  THR A N   1 
ATOM   1202 C  CA  . THR A 1 151 ? 7.349   5.900   12.566  1.00 15.46 ? 151  THR A CA  1 
ATOM   1203 C  C   . THR A 1 151 ? 6.805   7.168   11.923  1.00 17.37 ? 151  THR A C   1 
ATOM   1204 O  O   . THR A 1 151 ? 6.860   8.261   12.503  1.00 16.70 ? 151  THR A O   1 
ATOM   1205 C  CB  . THR A 1 151 ? 8.793   5.676   12.124  1.00 18.14 ? 151  THR A CB  1 
ATOM   1206 O  OG1 . THR A 1 151 ? 9.368   4.673   12.974  1.00 20.49 ? 151  THR A OG1 1 
ATOM   1207 C  CG2 . THR A 1 151 ? 9.606   6.978   12.231  1.00 18.58 ? 151  THR A CG2 1 
ATOM   1208 N  N   . THR A 1 152 ? 6.289   7.021   10.710  1.00 14.49 ? 152  THR A N   1 
ATOM   1209 C  CA  . THR A 1 152 ? 5.713   8.156   10.004  1.00 15.97 ? 152  THR A CA  1 
ATOM   1210 C  C   . THR A 1 152 ? 4.468   8.663   10.751  1.00 15.14 ? 152  THR A C   1 
ATOM   1211 O  O   . THR A 1 152 ? 4.304   9.872   10.933  1.00 15.84 ? 152  THR A O   1 
ATOM   1212 C  CB  . THR A 1 152 ? 5.396   7.782   8.542   1.00 13.91 ? 152  THR A CB  1 
ATOM   1213 O  OG1 . THR A 1 152 ? 6.585   7.251   7.947   1.00 15.21 ? 152  THR A OG1 1 
ATOM   1214 C  CG2 . THR A 1 152 ? 4.984   8.992   7.764   1.00 13.90 ? 152  THR A CG2 1 
ATOM   1215 N  N   . PHE A 1 153 ? 3.593   7.747   11.179  1.00 14.53 ? 153  PHE A N   1 
ATOM   1216 C  CA  . PHE A 1 153 ? 2.451   8.147   12.018  1.00 15.86 ? 153  PHE A CA  1 
ATOM   1217 C  C   . PHE A 1 153 ? 2.898   8.734   13.363  1.00 16.19 ? 153  PHE A C   1 
ATOM   1218 O  O   . PHE A 1 153 ? 2.301   9.682   13.871  1.00 17.01 ? 153  PHE A O   1 
ATOM   1219 C  CB  . PHE A 1 153 ? 1.527   6.961   12.311  1.00 15.17 ? 153  PHE A CB  1 
ATOM   1220 C  CG  . PHE A 1 153 ? 0.582   6.610   11.194  1.00 14.91 ? 153  PHE A CG  1 
ATOM   1221 C  CD1 . PHE A 1 153 ? -0.297  7.552   10.663  1.00 15.30 ? 153  PHE A CD1 1 
ATOM   1222 C  CD2 . PHE A 1 153 ? 0.536   5.308   10.707  1.00 14.28 ? 153  PHE A CD2 1 
ATOM   1223 C  CE1 . PHE A 1 153 ? -1.189  7.196   9.660   1.00 16.27 ? 153  PHE A CE1 1 
ATOM   1224 C  CE2 . PHE A 1 153 ? -0.342  4.951   9.710   1.00 14.95 ? 153  PHE A CE2 1 
ATOM   1225 C  CZ  . PHE A 1 153 ? -1.209  5.906   9.178   1.00 15.97 ? 153  PHE A CZ  1 
ATOM   1226 N  N   . ARG A 1 154 ? 3.916   8.144   13.977  1.00 15.11 ? 154  ARG A N   1 
ATOM   1227 C  CA  . ARG A 1 154 ? 4.329   8.586   15.297  1.00 16.10 ? 154  ARG A CA  1 
ATOM   1228 C  C   . ARG A 1 154 ? 4.874   10.012  15.273  1.00 16.87 ? 154  ARG A C   1 
ATOM   1229 O  O   . ARG A 1 154 ? 4.500   10.829  16.117  1.00 18.94 ? 154  ARG A O   1 
ATOM   1230 C  CB  . ARG A 1 154 ? 5.343   7.627   15.916  1.00 19.43 ? 154  ARG A CB  1 
ATOM   1231 C  CG  . ARG A 1 154 ? 5.698   8.012   17.351  1.00 17.85 ? 154  ARG A CG  1 
ATOM   1232 C  CD  . ARG A 1 154 ? 6.712   7.062   17.992  1.00 20.32 ? 154  ARG A CD  1 
ATOM   1233 N  NE  . ARG A 1 154 ? 7.902   6.847   17.165  1.00 26.34 ? 154  ARG A NE  1 
ATOM   1234 C  CZ  . ARG A 1 154 ? 8.978   7.635   17.145  1.00 35.21 ? 154  ARG A CZ  1 
ATOM   1235 N  NH1 . ARG A 1 154 ? 9.041   8.727   17.906  1.00 28.23 ? 154  ARG A NH1 1 
ATOM   1236 N  NH2 . ARG A 1 154 ? 10.002  7.328   16.349  1.00 35.14 ? 154  ARG A NH2 1 
ATOM   1237 N  N   . THR A 1 155 ? 5.736   10.301  14.294  1.00 17.90 ? 155  THR A N   1 
ATOM   1238 C  CA  . THR A 1 155 ? 6.496   11.558  14.257  1.00 19.36 ? 155  THR A CA  1 
ATOM   1239 C  C   . THR A 1 155 ? 5.914   12.639  13.349  1.00 20.12 ? 155  THR A C   1 
ATOM   1240 O  O   . THR A 1 155 ? 6.171   13.828  13.560  1.00 20.48 ? 155  THR A O   1 
ATOM   1241 C  CB  . THR A 1 155 ? 7.965   11.320  13.823  1.00 18.70 ? 155  THR A CB  1 
ATOM   1242 O  OG1 . THR A 1 155 ? 8.003   10.882  12.452  1.00 16.89 ? 155  THR A OG1 1 
ATOM   1243 C  CG2 . THR A 1 155 ? 8.632   10.277  14.715  1.00 20.39 ? 155  THR A CG2 1 
ATOM   1244 N  N   . GLY A 1 156 ? 5.168   12.243  12.320  1.00 19.36 ? 156  GLY A N   1 
ATOM   1245 C  CA  . GLY A 1 156 ? 4.703   13.197  11.335  1.00 16.83 ? 156  GLY A CA  1 
ATOM   1246 C  C   . GLY A 1 156 ? 5.827   13.708  10.435  1.00 18.51 ? 156  GLY A C   1 
ATOM   1247 O  O   . GLY A 1 156 ? 5.683   14.744  9.780   1.00 19.53 ? 156  GLY A O   1 
ATOM   1248 N  N   . THR A 1 157 ? 6.942   12.976  10.405  1.00 17.52 ? 157  THR A N   1 
ATOM   1249 C  CA  . THR A 1 157 ? 8.095   13.324  9.574   1.00 17.74 ? 157  THR A CA  1 
ATOM   1250 C  C   . THR A 1 157 ? 8.398   12.189  8.606   1.00 15.13 ? 157  THR A C   1 
ATOM   1251 O  O   . THR A 1 157 ? 7.818   11.100  8.696   1.00 16.59 ? 157  THR A O   1 
ATOM   1252 C  CB  . THR A 1 157 ? 9.385   13.530  10.395  1.00 21.30 ? 157  THR A CB  1 
ATOM   1253 O  OG1 . THR A 1 157 ? 9.889   12.254  10.830  1.00 18.52 ? 157  THR A OG1 1 
ATOM   1254 C  CG2 . THR A 1 157 ? 9.154   14.456  11.598  1.00 20.78 ? 157  THR A CG2 1 
ATOM   1255 N  N   . TRP A 1 158 ? 9.331   12.450  7.698   1.00 17.43 ? 158  TRP A N   1 
ATOM   1256 C  CA  . TRP A 1 158 ? 9.795   11.446  6.751   1.00 15.13 ? 158  TRP A CA  1 
ATOM   1257 C  C   . TRP A 1 158 ? 11.073  10.763  7.228   1.00 16.87 ? 158  TRP A C   1 
ATOM   1258 O  O   . TRP A 1 158 ? 11.781  10.158  6.424   1.00 19.53 ? 158  TRP A O   1 
ATOM   1259 C  CB  . TRP A 1 158 ? 10.080  12.105  5.403   1.00 16.18 ? 158  TRP A CB  1 
ATOM   1260 C  CG  . TRP A 1 158 ? 8.877   12.656  4.699   1.00 14.95 ? 158  TRP A CG  1 
ATOM   1261 C  CD1 . TRP A 1 158 ? 8.613   13.976  4.405   1.00 14.93 ? 158  TRP A CD1 1 
ATOM   1262 C  CD2 . TRP A 1 158 ? 7.790   11.903  4.145   1.00 16.45 ? 158  TRP A CD2 1 
ATOM   1263 N  NE1 . TRP A 1 158 ? 7.428   14.078  3.713   1.00 16.44 ? 158  TRP A NE1 1 
ATOM   1264 C  CE2 . TRP A 1 158 ? 6.901   12.822  3.548   1.00 16.19 ? 158  TRP A CE2 1 
ATOM   1265 C  CE3 . TRP A 1 158 ? 7.475   10.536  4.114   1.00 17.69 ? 158  TRP A CE3 1 
ATOM   1266 C  CZ2 . TRP A 1 158 ? 5.727   12.418  2.907   1.00 17.08 ? 158  TRP A CZ2 1 
ATOM   1267 C  CZ3 . TRP A 1 158 ? 6.322   10.138  3.481   1.00 18.22 ? 158  TRP A CZ3 1 
ATOM   1268 C  CH2 . TRP A 1 158 ? 5.457   11.078  2.880   1.00 16.66 ? 158  TRP A CH2 1 
ATOM   1269 N  N   . ASP A 1 159 ? 11.373  10.865  8.520   1.00 17.98 ? 159  ASP A N   1 
ATOM   1270 C  CA  . ASP A 1 159 ? 12.658  10.390  9.027   1.00 19.77 ? 159  ASP A CA  1 
ATOM   1271 C  C   . ASP A 1 159 ? 12.944  8.916   8.675   1.00 18.65 ? 159  ASP A C   1 
ATOM   1272 O  O   . ASP A 1 159 ? 14.098  8.527   8.466   1.00 19.95 ? 159  ASP A O   1 
ATOM   1273 C  CB  . ASP A 1 159 ? 12.741  10.632  10.536  1.00 22.92 ? 159  ASP A CB  1 
ATOM   1274 C  CG  . ASP A 1 159 ? 12.955  12.111  10.886  1.00 26.61 ? 159  ASP A CG  1 
ATOM   1275 O  OD1 . ASP A 1 159 ? 13.191  12.931  9.970   1.00 31.72 ? 159  ASP A OD1 1 
ATOM   1276 O  OD2 . ASP A 1 159 ? 12.896  12.445  12.090  1.00 38.46 ? 159  ASP A OD2 1 
ATOM   1277 N  N   . ALA A 1 160 ? 11.896  8.104   8.592   1.00 16.90 ? 160  ALA A N   1 
ATOM   1278 C  CA  . ALA A 1 160 ? 12.076  6.671   8.362   1.00 17.59 ? 160  ALA A CA  1 
ATOM   1279 C  C   . ALA A 1 160 ? 12.455  6.370   6.925   1.00 18.10 ? 160  ALA A C   1 
ATOM   1280 O  O   . ALA A 1 160 ? 12.848  5.249   6.617   1.00 19.63 ? 160  ALA A O   1 
ATOM   1281 C  CB  . ALA A 1 160 ? 10.810  5.895   8.752   1.00 17.99 ? 160  ALA A CB  1 
ATOM   1282 N  N   . TYR A 1 161 ? 12.321  7.369   6.055   1.00 16.33 ? 161  TYR A N   1 
ATOM   1283 C  CA  . TYR A 1 161 ? 12.580  7.196   4.631   1.00 17.78 ? 161  TYR A CA  1 
ATOM   1284 C  C   . TYR A 1 161 ? 13.806  7.968   4.144   1.00 24.36 ? 161  TYR A C   1 
ATOM   1285 O  O   . TYR A 1 161 ? 14.231  7.815   3.005   1.00 23.29 ? 161  TYR A O   1 
ATOM   1286 C  CB  . TYR A 1 161 ? 11.331  7.569   3.822   1.00 18.19 ? 161  TYR A CB  1 
ATOM   1287 C  CG  . TYR A 1 161 ? 10.214  6.565   4.014   1.00 15.88 ? 161  TYR A CG  1 
ATOM   1288 C  CD1 . TYR A 1 161 ? 9.329   6.681   5.082   1.00 16.09 ? 161  TYR A CD1 1 
ATOM   1289 C  CD2 . TYR A 1 161 ? 10.079  5.469   3.155   1.00 16.62 ? 161  TYR A CD2 1 
ATOM   1290 C  CE1 . TYR A 1 161 ? 8.328   5.746   5.284   1.00 14.61 ? 161  TYR A CE1 1 
ATOM   1291 C  CE2 . TYR A 1 161 ? 9.071   4.533   3.343   1.00 14.45 ? 161  TYR A CE2 1 
ATOM   1292 C  CZ  . TYR A 1 161 ? 8.201   4.676   4.414   1.00 16.90 ? 161  TYR A CZ  1 
ATOM   1293 O  OH  . TYR A 1 161 ? 7.193   3.752   4.613   1.00 15.45 ? 161  TYR A OH  1 
ATOM   1294 N  N   . LYS A 1 162 ? 14.381  8.785   5.016   1.00 30.64 ? 162  LYS A N   1 
ATOM   1295 C  CA  . LYS A 1 162 ? 15.544  9.582   4.631   1.00 33.93 ? 162  LYS A CA  1 
ATOM   1296 C  C   . LYS A 1 162 ? 16.845  8.898   5.043   1.00 38.64 ? 162  LYS A C   1 
ATOM   1297 O  O   . LYS A 1 162 ? 17.747  8.706   4.222   1.00 42.49 ? 162  LYS A O   1 
ATOM   1298 C  CB  . LYS A 1 162 ? 15.448  10.993  5.224   1.00 37.74 ? 162  LYS A CB  1 
ATOM   1299 C  CG  . LYS A 1 162 ? 14.290  11.828  4.652   1.00 35.69 ? 162  LYS A CG  1 
ATOM   1300 C  CD  . LYS A 1 162 ? 14.422  13.306  5.036   1.00 43.85 ? 162  LYS A CD  1 
ATOM   1301 C  CE  . LYS A 1 162 ? 13.101  14.068  4.876   1.00 43.29 ? 162  LYS A CE  1 
ATOM   1302 N  NZ  . LYS A 1 162 ? 12.615  14.183  3.465   1.00 35.71 ? 162  LYS A NZ  1 
HETATM 1303 N  N1  . V1A B 2 .   ? 1.637   5.491   -21.491 1.00 33.93 ? 1065 V1A A N1  1 
HETATM 1304 O  O1  . V1A B 2 .   ? 2.158   6.048   -22.577 1.00 39.03 ? 1065 V1A A O1  1 
HETATM 1305 C  C2  . V1A B 2 .   ? 0.625   6.121   -20.678 1.00 30.41 ? 1065 V1A A C2  1 
HETATM 1306 C  C3  . V1A B 2 .   ? 0.374   5.019   -19.676 1.00 27.29 ? 1065 V1A A C3  1 
HETATM 1307 S  S3  . V1A B 2 .   ? -0.441  5.406   -18.109 1.00 25.79 ? 1065 V1A A S3  1 
HETATM 1308 N  N4  . V1A B 2 .   ? 1.171   3.846   -19.860 1.00 25.73 ? 1065 V1A A N4  1 
HETATM 1309 C  C5  . V1A B 2 .   ? 2.065   4.169   -21.077 1.00 27.45 ? 1065 V1A A C5  1 
HETATM 1310 C  C6  . V1A B 2 .   ? 3.556   4.117   -20.686 1.00 34.77 ? 1065 V1A A C6  1 
HETATM 1311 C  C7  . V1A B 2 .   ? 1.750   3.173   -22.215 1.00 35.81 ? 1065 V1A A C7  1 
HETATM 1312 C  C8  . V1A B 2 .   ? -0.644  6.484   -21.487 1.00 33.39 ? 1065 V1A A C8  1 
HETATM 1313 C  C9  . V1A B 2 .   ? 1.212   7.340   -19.954 1.00 29.26 ? 1065 V1A A C9  1 
HETATM 1314 O  O1  . HEZ C 3 .   ? -7.120  -11.015 -9.610  0.00 20.22 ? 165  HEZ A O1  1 
HETATM 1315 C  C1  . HEZ C 3 .   ? -7.830  -12.240 -9.404  0.92 22.80 ? 165  HEZ A C1  1 
HETATM 1316 C  C2  . HEZ C 3 .   ? -8.401  -12.731 -10.726 1.00 26.20 ? 165  HEZ A C2  1 
HETATM 1317 C  C3  . HEZ C 3 .   ? -9.223  -13.995 -10.522 0.68 28.91 ? 165  HEZ A C3  1 
HETATM 1318 C  C4  . HEZ C 3 .   ? -8.485  -15.232 -11.013 1.00 28.15 ? 165  HEZ A C4  1 
HETATM 1319 C  C5  . HEZ C 3 .   ? -9.201  -16.497 -10.550 0.73 29.82 ? 165  HEZ A C5  1 
HETATM 1320 C  C6  . HEZ C 3 .   ? -8.653  -17.731 -11.253 0.75 28.04 ? 165  HEZ A C6  1 
HETATM 1321 O  O6  . HEZ C 3 .   ? -9.543  -18.832 -11.031 0.36 30.72 ? 165  HEZ A O6  1 
HETATM 1322 N  N1  . V1A D 2 .   ? -11.888 1.411   -7.145  1.00 38.94 ? 1076 V1A A N1  1 
HETATM 1323 O  O1  . V1A D 2 .   ? -11.822 0.158   -7.548  1.00 45.54 ? 1076 V1A A O1  1 
HETATM 1324 C  C2  . V1A D 2 .   ? -12.320 1.794   -5.817  1.00 37.43 ? 1076 V1A A C2  1 
HETATM 1325 C  C3  . V1A D 2 .   ? -12.251 3.302   -5.984  1.00 31.75 ? 1076 V1A A C3  1 
HETATM 1326 S  S3  . V1A D 2 .   ? -12.845 4.411   -4.673  1.00 29.68 ? 1076 V1A A S3  1 
HETATM 1327 N  N4  . V1A D 2 .   ? -11.754 3.759   -7.254  1.00 31.87 ? 1076 V1A A N4  1 
HETATM 1328 C  C5  . V1A D 2 .   ? -11.469 2.467   -8.056  1.00 33.30 ? 1076 V1A A C5  1 
HETATM 1329 C  C6  . V1A D 2 .   ? -12.387 2.390   -9.298  1.00 36.43 ? 1076 V1A A C6  1 
HETATM 1330 C  C7  . V1A D 2 .   ? -9.991  2.393   -8.477  1.00 35.65 ? 1076 V1A A C7  1 
HETATM 1331 C  C8  . V1A D 2 .   ? -11.293 1.337   -4.744  1.00 33.63 ? 1076 V1A A C8  1 
HETATM 1332 C  C9  . V1A D 2 .   ? -13.730 1.301   -5.493  1.00 39.21 ? 1076 V1A A C9  1 
HETATM 1333 O  O1  . HEZ E 3 .   ? -1.968  -3.535  -5.586  1.00 20.85 ? 166  HEZ A O1  1 
HETATM 1334 C  C1  . HEZ E 3 .   ? -1.642  -2.141  -5.703  1.00 24.43 ? 166  HEZ A C1  1 
HETATM 1335 C  C2  . HEZ E 3 .   ? -2.583  -1.324  -4.815  1.00 20.63 ? 166  HEZ A C2  1 
HETATM 1336 C  C3  . HEZ E 3 .   ? -3.971  -1.255  -5.443  1.00 24.14 ? 166  HEZ A C3  1 
HETATM 1337 C  C4  . HEZ E 3 .   ? -4.824  -0.118  -4.882  1.00 27.91 ? 166  HEZ A C4  1 
HETATM 1338 C  C5  . HEZ E 3 .   ? -5.701  -0.610  -3.741  1.00 29.56 ? 166  HEZ A C5  1 
HETATM 1339 C  C6  . HEZ E 3 .   ? -6.823  0.368   -3.411  1.00 31.41 ? 166  HEZ A C6  1 
HETATM 1340 O  O6  . HEZ E 3 .   ? -7.857  -0.327  -2.704  1.00 44.04 ? 166  HEZ A O6  1 
HETATM 1341 CL CL  . CL  F 4 .   ? -2.490  -0.797  22.387  1.00 24.59 ? 167  CL  A CL  1 
HETATM 1342 CL CL  . CL  G 4 .   ? -7.033  18.461  14.819  1.00 27.33 ? 168  CL  A CL  1 
HETATM 1343 K  K   . K   H 5 .   ? 6.929   -5.585  -3.444  1.00 25.08 ? 169  K   A K   1 
HETATM 1344 O  O   . HOH I 6 .   ? 1.664   -0.149  -8.777  1.00 15.12 ? 172  HOH A O   1 
HETATM 1345 O  O   . HOH I 6 .   ? 8.686   12.957  -6.513  1.00 16.55 ? 173  HOH A O   1 
HETATM 1346 O  O   . HOH I 6 .   ? 0.430   -4.570  -3.469  1.00 16.52 ? 174  HOH A O   1 
HETATM 1347 O  O   . HOH I 6 .   ? -3.090  -6.854  10.565  1.00 17.15 ? 175  HOH A O   1 
HETATM 1348 O  O   . HOH I 6 .   ? 1.565   -7.218  -4.024  1.00 18.76 ? 176  HOH A O   1 
HETATM 1349 O  O   . HOH I 6 .   ? 1.829   -21.027 -8.926  1.00 17.83 ? 177  HOH A O   1 
HETATM 1350 O  O   . HOH I 6 .   ? -1.191  -14.939 -6.651  1.00 18.10 ? 178  HOH A O   1 
HETATM 1351 O  O   . HOH I 6 .   ? 4.576   -15.517 2.288   1.00 18.31 ? 179  HOH A O   1 
HETATM 1352 O  O   . HOH I 6 .   ? 9.034   8.626   8.570   1.00 18.12 ? 180  HOH A O   1 
HETATM 1353 O  O   . HOH I 6 .   ? -0.621  -8.916  18.079  1.00 18.27 ? 181  HOH A O   1 
HETATM 1354 O  O   . HOH I 6 .   ? -5.550  13.114  13.451  1.00 18.65 ? 182  HOH A O   1 
HETATM 1355 O  O   . HOH I 6 .   ? 5.213   -17.225 0.105   1.00 19.05 ? 183  HOH A O   1 
HETATM 1356 O  O   . HOH I 6 .   ? -3.549  -0.219  -12.041 1.00 18.91 ? 184  HOH A O   1 
HETATM 1357 O  O   . HOH I 6 .   ? -1.149  6.399   -14.885 1.00 19.28 ? 185  HOH A O   1 
HETATM 1358 O  O   . HOH I 6 .   ? -0.421  -10.227 15.391  1.00 19.01 ? 186  HOH A O   1 
HETATM 1359 O  O   . HOH I 6 .   ? 6.426   -16.613 -2.351  1.00 19.34 ? 187  HOH A O   1 
HETATM 1360 O  O   . HOH I 6 .   ? -1.740  15.957  12.420  1.00 18.98 ? 188  HOH A O   1 
HETATM 1361 O  O   . HOH I 6 .   ? 2.541   12.757  -0.365  1.00 19.60 ? 189  HOH A O   1 
HETATM 1362 O  O   . HOH I 6 .   ? 3.882   -5.858  -3.434  1.00 21.05 ? 190  HOH A O   1 
HETATM 1363 O  O   . HOH I 6 .   ? 11.722  6.700   -3.894  1.00 20.47 ? 191  HOH A O   1 
HETATM 1364 O  O   . HOH I 6 .   ? 5.197   0.700   17.644  1.00 20.18 ? 192  HOH A O   1 
HETATM 1365 O  O   . HOH I 6 .   ? -1.522  2.074   22.750  1.00 20.02 ? 193  HOH A O   1 
HETATM 1366 O  O   . HOH I 6 .   ? -8.046  -1.932  16.165  1.00 20.65 ? 194  HOH A O   1 
HETATM 1367 O  O   . HOH I 6 .   ? 12.255  -0.236  9.498   1.00 20.39 ? 195  HOH A O   1 
HETATM 1368 O  O   . HOH I 6 .   ? -1.985  13.814  21.956  1.00 20.85 ? 196  HOH A O   1 
HETATM 1369 O  O   . HOH I 6 .   ? 3.250   -2.660  20.405  1.00 21.02 ? 197  HOH A O   1 
HETATM 1370 O  O   . HOH I 6 .   ? 12.595  -6.601  5.284   1.00 21.19 ? 198  HOH A O   1 
HETATM 1371 O  O   . HOH I 6 .   ? 5.429   -7.723  -22.825 1.00 21.42 ? 199  HOH A O   1 
HETATM 1372 O  O   . HOH I 6 .   ? 7.769   16.194  -3.437  1.00 21.61 ? 200  HOH A O   1 
HETATM 1373 O  O   . HOH I 6 .   ? -12.423 14.151  10.446  1.00 21.29 ? 201  HOH A O   1 
HETATM 1374 O  O   . HOH I 6 .   ? -8.624  -5.193  2.349   1.00 21.80 ? 202  HOH A O   1 
HETATM 1375 O  O   . HOH I 6 .   ? 1.843   -4.261  -1.161  1.00 21.34 ? 203  HOH A O   1 
HETATM 1376 O  O   . HOH I 6 .   ? 2.442   -8.851  17.954  1.00 21.48 ? 204  HOH A O   1 
HETATM 1377 O  O   . HOH I 6 .   ? 11.305  7.695   -6.487  1.00 22.14 ? 205  HOH A O   1 
HETATM 1378 O  O   . HOH I 6 .   ? 1.941   -7.579  6.323   1.00 22.06 ? 206  HOH A O   1 
HETATM 1379 O  O   . HOH I 6 .   ? -7.352  4.748   -10.085 1.00 22.41 ? 207  HOH A O   1 
HETATM 1380 O  O   . HOH I 6 .   ? 14.018  3.462   8.377   1.00 22.55 ? 208  HOH A O   1 
HETATM 1381 O  O   . HOH I 6 .   ? 10.287  14.901  -2.917  1.00 22.66 ? 209  HOH A O   1 
HETATM 1382 O  O   . HOH I 6 .   ? 13.859  0.802   7.378   1.00 22.59 ? 210  HOH A O   1 
HETATM 1383 O  O   . HOH I 6 .   ? 5.980   -8.634  16.600  1.00 22.90 ? 211  HOH A O   1 
HETATM 1384 O  O   . HOH I 6 .   ? 3.882   6.181   -17.157 1.00 22.97 ? 212  HOH A O   1 
HETATM 1385 O  O   . HOH I 6 .   ? 8.250   2.257   14.348  1.00 22.44 ? 213  HOH A O   1 
HETATM 1386 O  O   . HOH I 6 .   ? -1.298  -5.924  -1.729  1.00 22.50 ? 214  HOH A O   1 
HETATM 1387 O  O   . HOH I 6 .   ? 9.198   -2.793  2.071   1.00 22.89 ? 215  HOH A O   1 
HETATM 1388 O  O   . HOH I 6 .   ? -8.783  3.474   20.356  1.00 22.73 ? 216  HOH A O   1 
HETATM 1389 O  O   . HOH I 6 .   ? 8.063   -9.942  12.771  1.00 22.99 ? 217  HOH A O   1 
HETATM 1390 O  O   . HOH I 6 .   ? 0.246   12.798  1.249   1.00 24.28 ? 218  HOH A O   1 
HETATM 1391 O  O   . HOH I 6 .   ? 6.884   0.178   15.424  1.00 23.42 ? 219  HOH A O   1 
HETATM 1392 O  O   . HOH I 6 .   ? 8.566   7.970   -7.057  1.00 23.55 ? 220  HOH A O   1 
HETATM 1393 O  O   . HOH I 6 .   ? -5.735  0.600   -9.412  1.00 23.47 ? 221  HOH A O   1 
HETATM 1394 O  O   . HOH I 6 .   ? 8.678   -5.433  2.964   1.00 23.60 ? 222  HOH A O   1 
HETATM 1395 O  O   . HOH I 6 .   ? 8.378   -8.618  15.124  1.00 23.67 ? 223  HOH A O   1 
HETATM 1396 O  O   . HOH I 6 .   ? 6.486   3.034   18.606  1.00 24.08 ? 224  HOH A O   1 
HETATM 1397 O  O   . HOH I 6 .   ? 10.857  -6.853  7.521   1.00 24.14 ? 225  HOH A O   1 
HETATM 1398 O  O   . HOH I 6 .   ? 13.301  -3.193  -6.502  1.00 24.04 ? 226  HOH A O   1 
HETATM 1399 O  O   . HOH I 6 .   ? 5.143   16.535  14.306  1.00 24.57 ? 227  HOH A O   1 
HETATM 1400 O  O   . HOH I 6 .   ? 5.154   4.594   20.559  1.00 24.29 ? 228  HOH A O   1 
HETATM 1401 O  O   . HOH I 6 .   ? 7.379   -4.049  -6.829  1.00 23.38 ? 229  HOH A O   1 
HETATM 1402 O  O   . HOH I 6 .   ? 1.928   -7.419  2.374   1.00 24.90 ? 230  HOH A O   1 
HETATM 1403 O  O   . HOH I 6 .   ? -8.246  5.579   22.107  1.00 24.81 ? 231  HOH A O   1 
HETATM 1404 O  O   . HOH I 6 .   ? 1.645   -19.641 -6.643  1.00 24.73 ? 232  HOH A O   1 
HETATM 1405 O  O   . HOH I 6 .   ? -3.643  6.052   -16.308 1.00 24.70 ? 233  HOH A O   1 
HETATM 1406 O  O   . HOH I 6 .   ? 9.967   2.519   -20.090 1.00 24.61 ? 234  HOH A O   1 
HETATM 1407 O  O   . HOH I 6 .   ? -1.685  -6.860  -27.881 1.00 24.75 ? 235  HOH A O   1 
HETATM 1408 O  O   . HOH I 6 .   ? 2.575   -9.412  4.231   1.00 25.23 ? 236  HOH A O   1 
HETATM 1409 O  O   . HOH I 6 .   ? 7.826   6.181   -8.809  1.00 25.56 ? 237  HOH A O   1 
HETATM 1410 O  O   . HOH I 6 .   ? 10.272  -12.722 -11.506 1.00 25.54 ? 238  HOH A O   1 
HETATM 1411 O  O   . HOH I 6 .   ? 11.758  -0.197  -19.264 1.00 25.22 ? 239  HOH A O   1 
HETATM 1412 O  O   . HOH I 6 .   ? 2.722   -6.871  -0.303  1.00 25.61 ? 240  HOH A O   1 
HETATM 1413 O  O   . HOH I 6 .   ? 3.477   6.972   -11.374 1.00 25.26 ? 241  HOH A O   1 
HETATM 1414 O  O   . HOH I 6 .   ? 10.666  15.984  1.812   1.00 25.34 ? 242  HOH A O   1 
HETATM 1415 O  O   . HOH I 6 .   ? 5.199   -5.321  -0.258  1.00 25.27 ? 243  HOH A O   1 
HETATM 1416 O  O   . HOH I 6 .   ? -2.302  18.494  2.985   1.00 25.67 ? 244  HOH A O   1 
HETATM 1417 O  O   . HOH I 6 .   ? -0.517  -8.705  -1.152  1.00 25.85 ? 245  HOH A O   1 
HETATM 1418 O  O   . HOH I 6 .   ? -2.846  0.919   -18.172 1.00 25.93 ? 246  HOH A O   1 
HETATM 1419 O  O   . HOH I 6 .   ? 0.684   -17.196 -5.950  1.00 25.08 ? 247  HOH A O   1 
HETATM 1420 O  O   . HOH I 6 .   ? -12.470 4.285   15.167  1.00 26.30 ? 248  HOH A O   1 
HETATM 1421 O  O   . HOH I 6 .   ? 8.736   -1.491  16.403  1.00 26.03 ? 249  HOH A O   1 
HETATM 1422 O  O   . HOH I 6 .   ? 4.843   -11.008 4.647   1.00 26.05 ? 250  HOH A O   1 
HETATM 1423 O  O   . HOH I 6 .   ? 7.444   4.266   16.070  1.00 26.17 ? 251  HOH A O   1 
HETATM 1424 O  O   . HOH I 6 .   ? 11.442  -10.282 -21.937 1.00 26.59 ? 252  HOH A O   1 
HETATM 1425 O  O   . HOH I 6 .   ? -6.387  13.071  22.364  1.00 26.26 ? 253  HOH A O   1 
HETATM 1426 O  O   . HOH I 6 .   ? 2.789   -7.314  21.583  1.00 27.02 ? 254  HOH A O   1 
HETATM 1427 O  O   . HOH I 6 .   ? -3.728  -4.208  -7.705  1.00 26.45 ? 255  HOH A O   1 
HETATM 1428 O  O   . HOH I 6 .   ? 2.999   -18.569 -3.621  1.00 26.51 ? 256  HOH A O   1 
HETATM 1429 O  O   . HOH I 6 .   ? 2.197   4.592   24.257  1.00 26.78 ? 257  HOH A O   1 
HETATM 1430 O  O   . HOH I 6 .   ? 0.373   2.550   24.750  1.00 27.08 ? 258  HOH A O   1 
HETATM 1431 O  O   . HOH I 6 .   ? 13.117  -5.951  -13.149 1.00 27.74 ? 259  HOH A O   1 
HETATM 1432 O  O   . HOH I 6 .   ? -5.941  -6.496  -14.112 1.00 27.00 ? 260  HOH A O   1 
HETATM 1433 O  O   . HOH I 6 .   ? -1.452  18.757  5.622   1.00 27.07 ? 261  HOH A O   1 
HETATM 1434 O  O   . HOH I 6 .   ? -13.354 1.081   11.906  1.00 28.15 ? 262  HOH A O   1 
HETATM 1435 O  O   . HOH I 6 .   ? -13.598 -0.071  19.359  1.00 27.76 ? 263  HOH A O   1 
HETATM 1436 O  O   . HOH I 6 .   ? 4.500   -13.759 5.206   1.00 27.22 ? 264  HOH A O   1 
HETATM 1437 O  O   . HOH I 6 .   ? 4.421   -21.260 -8.153  1.00 27.46 ? 265  HOH A O   1 
HETATM 1438 O  O   . HOH I 6 .   ? -13.309 6.274   11.715  1.00 27.76 ? 266  HOH A O   1 
HETATM 1439 O  O   . HOH I 6 .   ? 5.523   -1.133  19.721  1.00 28.73 ? 267  HOH A O   1 
HETATM 1440 O  O   . HOH I 6 .   ? -4.797  -2.744  -1.877  1.00 28.46 ? 268  HOH A O   1 
HETATM 1441 O  O   . HOH I 6 .   ? -7.535  -12.833 -6.609  1.00 28.43 ? 269  HOH A O   1 
HETATM 1442 O  O   . HOH I 6 .   ? -17.934 2.747   3.971   1.00 28.97 ? 270  HOH A O   1 
HETATM 1443 O  O   . HOH I 6 .   ? 10.965  -4.522  -19.679 1.00 28.41 ? 271  HOH A O   1 
HETATM 1444 O  O   . HOH I 6 .   ? -9.176  6.601   -8.885  1.00 28.79 ? 272  HOH A O   1 
HETATM 1445 O  O   . HOH I 6 .   ? -5.653  16.178  19.932  1.00 29.17 ? 273  HOH A O   1 
HETATM 1446 O  O   . HOH I 6 .   ? -4.540  -5.697  -12.312 1.00 28.09 ? 274  HOH A O   1 
HETATM 1447 O  O   . HOH I 6 .   ? 6.045   -4.798  2.315   1.00 28.70 ? 275  HOH A O   1 
HETATM 1448 O  O   . HOH I 6 .   ? -10.294 -3.885  0.298   1.00 29.00 ? 276  HOH A O   1 
HETATM 1449 O  O   . HOH I 6 .   ? 13.116  9.006   -2.925  1.00 28.11 ? 277  HOH A O   1 
HETATM 1450 O  O   . HOH I 6 .   ? -2.826  -16.101 -19.507 1.00 28.56 ? 278  HOH A O   1 
HETATM 1451 O  O   . HOH I 6 .   ? 5.726   -20.165 -2.877  1.00 28.73 ? 279  HOH A O   1 
HETATM 1452 O  O   . HOH I 6 .   ? 5.248   -19.271 -10.765 1.00 29.01 ? 280  HOH A O   1 
HETATM 1453 O  O   . HOH I 6 .   ? 0.215   8.058   26.751  1.00 29.55 ? 281  HOH A O   1 
HETATM 1454 O  O   . HOH I 6 .   ? 13.622  4.734   -4.501  1.00 29.38 ? 282  HOH A O   1 
HETATM 1455 O  O   . HOH I 6 .   ? 10.340  -8.552  -4.595  1.00 28.25 ? 283  HOH A O   1 
HETATM 1456 O  O   . HOH I 6 .   ? 6.343   1.663   -22.563 1.00 29.89 ? 284  HOH A O   1 
HETATM 1457 O  O   . HOH I 6 .   ? -14.131 14.963  8.216   1.00 29.15 ? 285  HOH A O   1 
HETATM 1458 O  O   . HOH I 6 .   ? 1.441   7.330   -15.410 1.00 29.23 ? 286  HOH A O   1 
HETATM 1459 O  O   . HOH I 6 .   ? -15.269 -0.789  5.740   1.00 32.12 ? 287  HOH A O   1 
HETATM 1460 O  O   . HOH I 6 .   ? -0.621  0.432   -21.660 1.00 29.79 ? 288  HOH A O   1 
HETATM 1461 O  O   . HOH I 6 .   ? -13.741 3.792   12.815  1.00 30.87 ? 289  HOH A O   1 
HETATM 1462 O  O   . HOH I 6 .   ? 9.910   -6.456  15.582  1.00 31.23 ? 290  HOH A O   1 
HETATM 1463 O  O   . HOH I 6 .   ? -3.255  -4.500  -3.198  1.00 31.03 ? 291  HOH A O   1 
HETATM 1464 O  O   . HOH I 6 .   ? 3.617   -15.118 -21.926 1.00 30.75 ? 292  HOH A O   1 
HETATM 1465 O  O   . HOH I 6 .   ? 12.956  -0.322  -2.818  1.00 30.55 ? 293  HOH A O   1 
HETATM 1466 O  O   . HOH I 6 .   ? 12.280  2.491   10.520  1.00 30.38 ? 294  HOH A O   1 
HETATM 1467 O  O   . HOH I 6 .   ? 1.507   -0.029  -23.229 1.00 31.64 ? 295  HOH A O   1 
HETATM 1468 O  O   . HOH I 6 .   ? -11.748 6.117   -8.650  1.00 31.65 ? 296  HOH A O   1 
HETATM 1469 O  O   . HOH I 6 .   ? -4.971  -7.520  -0.255  1.00 31.77 ? 297  HOH A O   1 
HETATM 1470 O  O   . HOH I 6 .   ? 1.788   -2.412  25.102  1.00 33.63 ? 298  HOH A O   1 
HETATM 1471 O  O   . HOH I 6 .   ? -14.123 -3.158  14.187  1.00 31.74 ? 299  HOH A O   1 
HETATM 1472 O  O   . HOH I 6 .   ? 7.796   14.800  15.471  1.00 33.02 ? 300  HOH A O   1 
HETATM 1473 O  O   . HOH I 6 .   ? -1.592  -17.693 -4.347  1.00 31.82 ? 301  HOH A O   1 
HETATM 1474 O  O   . HOH I 6 .   ? -6.232  -19.800 -14.481 1.00 32.42 ? 302  HOH A O   1 
HETATM 1475 O  O   . HOH I 6 .   ? 11.663  -3.621  4.236   1.00 33.66 ? 303  HOH A O   1 
HETATM 1476 O  O   . HOH I 6 .   ? 0.087   1.104   -19.168 1.00 33.78 ? 304  HOH A O   1 
HETATM 1477 O  O   . HOH I 6 .   ? 14.018  -3.138  4.786   1.00 33.62 ? 305  HOH A O   1 
HETATM 1478 O  O   . HOH I 6 .   ? -5.552  14.199  -0.389  1.00 34.51 ? 306  HOH A O   1 
HETATM 1479 O  O   . HOH I 6 .   ? 12.147  -8.357  -12.765 1.00 34.36 ? 307  HOH A O   1 
HETATM 1480 O  O   . HOH I 6 .   ? -5.623  5.751   23.991  1.00 36.35 ? 308  HOH A O   1 
HETATM 1481 O  O   . HOH I 6 .   ? -5.582  -7.171  4.062   1.00 37.01 ? 309  HOH A O   1 
HETATM 1482 O  O   . HOH I 6 .   ? -15.017 9.608   13.259  1.00 37.54 ? 310  HOH A O   1 
HETATM 1483 O  O   . HOH I 6 .   ? 12.556  -2.173  0.700   1.00 40.08 ? 311  HOH A O   1 
HETATM 1484 O  O   . HOH I 6 .   ? 13.916  -0.479  2.064   1.00 40.89 ? 312  HOH A O   1 
HETATM 1485 O  O   . HOH I 6 .   ? 14.499  -0.624  -5.751  1.00 40.13 ? 313  HOH A O   1 
HETATM 1486 O  O   . HOH I 6 .   ? 9.557   5.167   -10.461 1.00 32.55 ? 314  HOH A O   1 
HETATM 1487 O  O   . HOH I 6 .   ? -5.926  -7.571  -10.945 1.00 28.32 ? 315  HOH A O   1 
HETATM 1488 O  O   . HOH I 6 .   ? 4.242   -6.680  17.461  1.00 21.81 ? 316  HOH A O   1 
HETATM 1489 O  O   . HOH I 6 .   ? 3.871   -5.373  19.872  1.00 22.65 ? 317  HOH A O   1 
HETATM 1490 O  O   . HOH I 6 .   ? 11.057  14.830  7.468   1.00 26.93 ? 318  HOH A O   1 
HETATM 1491 O  O   . HOH I 6 .   ? 3.320   -0.755  -10.871 1.00 14.48 ? 319  HOH A O   1 
HETATM 1492 O  O   . HOH I 6 .   ? 1.773   -0.108  4.883   1.00 14.51 ? 320  HOH A O   1 
# 
